data_2J4K
#
_entry.id   2J4K
#
_cell.length_a   74.802
_cell.length_b   136.043
_cell.length_c   77.938
_cell.angle_alpha   90.00
_cell.angle_beta   113.17
_cell.angle_gamma   90.00
#
_symmetry.space_group_name_H-M   'P 1 21 1'
#
loop_
_entity.id
_entity.type
_entity.pdbx_description
1 polymer 'URIDYLATE KINASE'
2 non-polymer "URIDINE-5'-MONOPHOSPHATE"
3 non-polymer 'CADMIUM ION'
4 non-polymer 'MAGNESIUM ION'
5 water water
#
_entity_poly.entity_id   1
_entity_poly.type   'polypeptide(L)'
_entity_poly.pdbx_seq_one_letter_code
;MNIILKISGKFFDEDNVDNLIVLRQSIKELADNGFRVGIVTGGGSTARRYIKLAREIGIGEAYLDLLGIWASRLNAYLVM
FSLQDLAYMHVPQSLEEFIQDWSHGKVVVTGGFQPGQSTAAVAALVAEASSSKTLVVATNVDGVYEKDPRIYADVKLIPH
LTTQDLRKILEGSQSVQAGTYELLDPLAIKIVERSKIRVIVMNYRKLNRIIDILKGEEVSSIIEPV
;
_entity_poly.pdbx_strand_id   A,B,C,D,E,F
#
loop_
_chem_comp.id
_chem_comp.type
_chem_comp.name
_chem_comp.formula
CD non-polymer 'CADMIUM ION' 'Cd 2'
MG non-polymer 'MAGNESIUM ION' 'Mg 2'
U5P non-polymer URIDINE-5'-MONOPHOSPHATE 'C9 H13 N2 O9 P'
#
# COMPACT_ATOMS: atom_id res chain seq x y z
N MET A 1 -25.83 -5.17 18.76
CA MET A 1 -24.94 -5.72 17.70
C MET A 1 -23.46 -5.38 17.88
N ASN A 2 -23.07 -4.13 17.58
CA ASN A 2 -21.66 -3.74 17.67
C ASN A 2 -21.21 -3.02 18.93
N ILE A 3 -20.03 -3.38 19.41
CA ILE A 3 -19.46 -2.78 20.61
C ILE A 3 -17.98 -2.47 20.48
N ILE A 4 -17.56 -1.32 21.00
CA ILE A 4 -16.15 -0.96 20.97
C ILE A 4 -15.63 -1.04 22.40
N LEU A 5 -14.45 -1.61 22.57
CA LEU A 5 -13.85 -1.76 23.88
C LEU A 5 -12.52 -1.03 23.86
N LYS A 6 -12.36 -0.05 24.74
CA LYS A 6 -11.13 0.73 24.83
C LYS A 6 -10.37 0.26 26.09
N ILE A 7 -9.15 -0.22 25.88
CA ILE A 7 -8.30 -0.72 26.97
C ILE A 7 -7.22 0.28 27.33
N SER A 8 -7.25 0.76 28.56
CA SER A 8 -6.26 1.70 29.03
C SER A 8 -4.85 1.16 28.78
N GLY A 9 -3.92 2.08 28.57
CA GLY A 9 -2.54 1.68 28.35
C GLY A 9 -1.95 1.06 29.60
N LYS A 10 -2.45 1.46 30.76
CA LYS A 10 -1.95 0.93 32.03
C LYS A 10 -2.15 -0.59 32.10
N PHE A 11 -3.18 -1.07 31.43
CA PHE A 11 -3.45 -2.51 31.40
C PHE A 11 -2.20 -3.27 30.96
N PHE A 12 -1.43 -2.65 30.07
CA PHE A 12 -0.22 -3.26 29.54
C PHE A 12 1.04 -2.91 30.34
N ASP A 13 0.86 -2.31 31.51
CA ASP A 13 1.99 -1.95 32.36
C ASP A 13 2.06 -2.89 33.56
N GLU A 14 1.15 -3.85 33.61
CA GLU A 14 1.10 -4.83 34.70
C GLU A 14 2.17 -5.92 34.54
N ASP A 15 2.29 -6.79 35.54
CA ASP A 15 3.28 -7.87 35.50
C ASP A 15 2.97 -8.88 34.39
N ASN A 16 1.70 -9.02 34.07
CA ASN A 16 1.27 -9.93 33.02
C ASN A 16 -0.03 -9.42 32.42
N VAL A 17 -0.46 -10.04 31.33
CA VAL A 17 -1.69 -9.66 30.66
C VAL A 17 -2.58 -10.88 30.53
N ASP A 18 -2.55 -11.73 31.56
CA ASP A 18 -3.35 -12.95 31.58
C ASP A 18 -4.81 -12.68 31.29
N ASN A 19 -5.33 -11.54 31.75
CA ASN A 19 -6.72 -11.22 31.51
C ASN A 19 -7.05 -11.17 30.02
N LEU A 20 -6.03 -11.24 29.17
CA LEU A 20 -6.29 -11.27 27.74
C LEU A 20 -6.85 -12.66 27.41
N ILE A 21 -6.55 -13.63 28.27
CA ILE A 21 -7.04 -14.99 28.05
C ILE A 21 -8.54 -15.03 28.28
N VAL A 22 -8.99 -14.33 29.31
CA VAL A 22 -10.41 -14.28 29.60
C VAL A 22 -11.10 -13.38 28.59
N LEU A 23 -10.45 -12.26 28.26
CA LEU A 23 -10.99 -11.32 27.29
C LEU A 23 -11.41 -12.06 26.03
N ARG A 24 -10.58 -13.00 25.61
CA ARG A 24 -10.86 -13.81 24.43
C ARG A 24 -12.16 -14.59 24.62
N GLN A 25 -12.36 -15.10 25.83
CA GLN A 25 -13.55 -15.87 26.18
C GLN A 25 -14.77 -14.97 26.17
N SER A 26 -14.61 -13.77 26.73
CA SER A 26 -15.72 -12.83 26.79
C SER A 26 -16.13 -12.42 25.37
N ILE A 27 -15.15 -12.30 24.48
CA ILE A 27 -15.42 -11.92 23.10
C ILE A 27 -16.18 -13.02 22.39
N LYS A 28 -15.77 -14.27 22.61
CA LYS A 28 -16.43 -15.40 21.99
C LYS A 28 -17.86 -15.50 22.49
N GLU A 29 -18.02 -15.25 23.79
CA GLU A 29 -19.34 -15.30 24.41
C GLU A 29 -20.22 -14.18 23.85
N LEU A 30 -19.67 -12.97 23.79
CA LEU A 30 -20.41 -11.84 23.23
C LEU A 30 -20.78 -12.15 21.78
N ALA A 31 -19.82 -12.69 21.03
CA ALA A 31 -20.03 -13.04 19.65
C ALA A 31 -21.24 -13.98 19.58
N ASP A 32 -21.19 -15.03 20.39
CA ASP A 32 -22.26 -16.02 20.44
C ASP A 32 -23.60 -15.41 20.87
N ASN A 33 -23.58 -14.14 21.26
CA ASN A 33 -24.81 -13.47 21.68
C ASN A 33 -25.18 -12.39 20.69
N GLY A 34 -24.66 -12.49 19.47
CA GLY A 34 -24.97 -11.51 18.45
C GLY A 34 -24.24 -10.19 18.58
N PHE A 35 -23.10 -10.19 19.25
CA PHE A 35 -22.32 -8.97 19.41
C PHE A 35 -21.00 -9.04 18.68
N ARG A 36 -20.69 -7.96 17.98
CA ARG A 36 -19.44 -7.83 17.26
C ARG A 36 -18.61 -6.89 18.11
N VAL A 37 -17.32 -7.16 18.23
CA VAL A 37 -16.46 -6.32 19.04
C VAL A 37 -15.25 -5.73 18.32
N GLY A 38 -14.99 -4.47 18.61
CA GLY A 38 -13.84 -3.78 18.07
C GLY A 38 -13.03 -3.37 19.28
N ILE A 39 -11.70 -3.39 19.17
CA ILE A 39 -10.86 -3.02 20.30
C ILE A 39 -9.85 -1.92 19.97
N VAL A 40 -9.62 -1.04 20.94
CA VAL A 40 -8.67 0.06 20.81
C VAL A 40 -7.77 0.01 22.05
N THR A 41 -6.46 0.02 21.84
CA THR A 41 -5.50 -0.04 22.95
C THR A 41 -4.75 1.27 23.14
N GLY A 42 -4.45 1.61 24.39
CA GLY A 42 -3.72 2.82 24.72
C GLY A 42 -2.21 2.60 24.66
N GLY A 43 -1.44 3.65 24.94
CA GLY A 43 0.01 3.54 24.88
C GLY A 43 0.74 3.15 26.15
N GLY A 44 0.21 3.54 27.30
CA GLY A 44 0.83 3.19 28.57
C GLY A 44 2.23 3.71 28.80
N SER A 45 2.91 3.09 29.77
CA SER A 45 4.26 3.50 30.15
C SER A 45 5.26 3.39 29.02
N THR A 46 5.01 2.48 28.08
CA THR A 46 5.90 2.35 26.93
C THR A 46 5.86 3.65 26.13
N ALA A 47 4.65 4.18 25.94
CA ALA A 47 4.50 5.43 25.21
C ALA A 47 5.16 6.56 25.99
N ARG A 48 4.92 6.62 27.29
CA ARG A 48 5.49 7.69 28.09
C ARG A 48 7.02 7.66 28.08
N ARG A 49 7.60 6.47 28.15
CA ARG A 49 9.06 6.33 28.15
C ARG A 49 9.71 6.79 26.84
N TYR A 50 9.16 6.36 25.70
CA TYR A 50 9.74 6.77 24.42
C TYR A 50 9.53 8.26 24.20
N ILE A 51 8.37 8.78 24.58
CA ILE A 51 8.10 10.21 24.42
C ILE A 51 9.08 11.03 25.26
N LYS A 52 9.28 10.65 26.52
CA LYS A 52 10.20 11.35 27.39
C LYS A 52 11.60 11.36 26.80
N LEU A 53 12.02 10.20 26.30
CA LEU A 53 13.35 10.07 25.71
C LEU A 53 13.50 10.95 24.47
N ALA A 54 12.53 10.87 23.56
CA ALA A 54 12.54 11.64 22.33
C ALA A 54 12.49 13.12 22.64
N ARG A 55 11.67 13.50 23.61
CA ARG A 55 11.52 14.90 23.99
C ARG A 55 12.85 15.45 24.50
N GLU A 56 13.59 14.64 25.25
CA GLU A 56 14.87 15.07 25.78
C GLU A 56 15.89 15.41 24.70
N ILE A 57 15.77 14.80 23.53
CA ILE A 57 16.71 15.09 22.45
C ILE A 57 16.16 16.11 21.46
N GLY A 58 15.07 16.77 21.83
CA GLY A 58 14.50 17.79 20.98
C GLY A 58 13.49 17.40 19.92
N ILE A 59 13.06 16.15 19.88
CA ILE A 59 12.07 15.69 18.89
C ILE A 59 10.82 16.56 18.98
N GLY A 60 10.26 16.94 17.83
CA GLY A 60 9.07 17.76 17.81
C GLY A 60 7.79 17.07 18.27
N GLU A 61 6.83 17.88 18.68
CA GLU A 61 5.54 17.41 19.19
C GLU A 61 4.79 16.41 18.31
N ALA A 62 4.74 16.65 17.00
CA ALA A 62 4.02 15.73 16.12
C ALA A 62 4.63 14.32 16.21
N TYR A 63 5.95 14.26 16.16
CA TYR A 63 6.68 13.01 16.24
C TYR A 63 6.57 12.37 17.60
N LEU A 64 6.52 13.19 18.65
CA LEU A 64 6.37 12.64 20.00
C LEU A 64 5.03 11.90 20.02
N ASP A 65 4.01 12.49 19.40
CA ASP A 65 2.70 11.84 19.35
C ASP A 65 2.76 10.55 18.54
N LEU A 66 3.58 10.56 17.48
CA LEU A 66 3.72 9.39 16.65
C LEU A 66 4.35 8.22 17.40
N LEU A 67 5.23 8.52 18.34
CA LEU A 67 5.90 7.47 19.12
C LEU A 67 4.89 6.88 20.11
N GLY A 68 3.97 7.74 20.57
CA GLY A 68 2.96 7.28 21.49
C GLY A 68 2.03 6.36 20.72
N ILE A 69 1.79 6.70 19.46
CA ILE A 69 0.92 5.93 18.58
C ILE A 69 1.51 4.57 18.28
N TRP A 70 2.80 4.54 17.90
CA TRP A 70 3.40 3.24 17.64
C TRP A 70 3.41 2.38 18.91
N ALA A 71 3.52 3.00 20.07
CA ALA A 71 3.50 2.24 21.32
C ALA A 71 2.12 1.62 21.47
N SER A 72 1.08 2.40 21.18
CA SER A 72 -0.27 1.88 21.29
C SER A 72 -0.49 0.74 20.31
N ARG A 73 0.17 0.82 19.16
CA ARG A 73 0.04 -0.23 18.15
C ARG A 73 0.73 -1.53 18.58
N LEU A 74 1.82 -1.41 19.32
CA LEU A 74 2.51 -2.60 19.80
C LEU A 74 1.54 -3.32 20.75
N ASN A 75 0.85 -2.57 21.60
CA ASN A 75 -0.13 -3.16 22.50
C ASN A 75 -1.27 -3.75 21.67
N ALA A 76 -1.58 -3.12 20.54
CA ALA A 76 -2.65 -3.61 19.67
C ALA A 76 -2.25 -4.94 19.04
N TYR A 77 -0.99 -5.06 18.66
CA TYR A 77 -0.55 -6.32 18.08
C TYR A 77 -0.57 -7.44 19.14
N LEU A 78 -0.22 -7.11 20.38
CA LEU A 78 -0.24 -8.10 21.45
C LEU A 78 -1.66 -8.63 21.63
N VAL A 79 -2.63 -7.71 21.75
CA VAL A 79 -4.02 -8.13 21.92
C VAL A 79 -4.53 -8.92 20.72
N MET A 80 -4.22 -8.43 19.52
CA MET A 80 -4.64 -9.08 18.29
C MET A 80 -4.08 -10.49 18.21
N PHE A 81 -2.80 -10.65 18.55
CA PHE A 81 -2.18 -11.96 18.51
C PHE A 81 -2.82 -12.92 19.53
N SER A 82 -3.31 -12.39 20.64
CA SER A 82 -3.92 -13.26 21.64
C SER A 82 -5.31 -13.72 21.19
N LEU A 83 -5.91 -12.98 20.27
CA LEU A 83 -7.26 -13.28 19.78
C LEU A 83 -7.33 -14.06 18.49
N GLN A 84 -6.18 -14.50 17.96
CA GLN A 84 -6.13 -15.25 16.71
C GLN A 84 -7.41 -16.04 16.41
N ASP A 85 -7.82 -16.01 15.15
CA ASP A 85 -9.02 -16.68 14.68
C ASP A 85 -10.27 -15.84 14.93
N LEU A 86 -10.27 -15.07 16.01
CA LEU A 86 -11.40 -14.22 16.32
C LEU A 86 -11.21 -12.84 15.68
N ALA A 87 -9.97 -12.51 15.36
CA ALA A 87 -9.65 -11.21 14.79
C ALA A 87 -9.15 -11.19 13.37
N TYR A 88 -9.40 -10.07 12.70
CA TYR A 88 -8.89 -9.86 11.35
C TYR A 88 -7.44 -9.51 11.66
N MET A 89 -6.49 -10.28 11.13
CA MET A 89 -5.07 -10.04 11.41
C MET A 89 -4.43 -8.83 10.75
N HIS A 90 -4.90 -7.64 11.10
CA HIS A 90 -4.34 -6.42 10.57
C HIS A 90 -4.69 -5.29 11.49
N VAL A 91 -3.70 -4.46 11.83
CA VAL A 91 -3.95 -3.32 12.70
C VAL A 91 -4.04 -2.05 11.84
N PRO A 92 -5.26 -1.52 11.65
CA PRO A 92 -5.49 -0.30 10.84
C PRO A 92 -4.80 0.92 11.45
N GLN A 93 -4.31 1.80 10.59
CA GLN A 93 -3.59 2.97 11.05
C GLN A 93 -4.36 4.26 10.89
N SER A 94 -5.59 4.15 10.38
CA SER A 94 -6.43 5.32 10.21
C SER A 94 -7.89 4.88 10.29
N LEU A 95 -8.79 5.84 10.46
CA LEU A 95 -10.20 5.47 10.52
C LEU A 95 -10.61 4.80 9.21
N GLU A 96 -10.07 5.29 8.09
CA GLU A 96 -10.39 4.70 6.78
C GLU A 96 -9.99 3.24 6.65
N GLU A 97 -8.81 2.89 7.14
CA GLU A 97 -8.36 1.50 7.10
C GLU A 97 -9.19 0.69 8.07
N PHE A 98 -9.68 1.32 9.13
CA PHE A 98 -10.50 0.58 10.10
C PHE A 98 -11.81 0.17 9.45
N ILE A 99 -12.37 1.07 8.64
CA ILE A 99 -13.62 0.81 7.94
C ILE A 99 -13.44 -0.38 7.03
N GLN A 100 -12.31 -0.42 6.34
CA GLN A 100 -12.01 -1.52 5.44
C GLN A 100 -11.84 -2.82 6.22
N ASP A 101 -11.11 -2.78 7.33
CA ASP A 101 -10.89 -3.99 8.13
C ASP A 101 -12.18 -4.47 8.80
N TRP A 102 -12.95 -3.54 9.35
CA TRP A 102 -14.21 -3.87 10.03
C TRP A 102 -15.13 -4.58 9.06
N SER A 103 -14.83 -4.42 7.78
CA SER A 103 -15.62 -4.99 6.70
C SER A 103 -15.54 -6.51 6.61
N HIS A 104 -14.58 -7.11 7.32
CA HIS A 104 -14.43 -8.55 7.28
C HIS A 104 -15.27 -9.31 8.27
N GLY A 105 -16.08 -8.61 9.06
CA GLY A 105 -16.93 -9.29 10.03
C GLY A 105 -16.24 -9.95 11.21
N LYS A 106 -14.96 -9.64 11.42
CA LYS A 106 -14.21 -10.22 12.53
C LYS A 106 -13.84 -9.09 13.48
N VAL A 107 -13.28 -9.44 14.64
CA VAL A 107 -12.85 -8.46 15.62
C VAL A 107 -11.70 -7.64 15.04
N VAL A 108 -11.65 -6.35 15.33
CA VAL A 108 -10.57 -5.52 14.81
C VAL A 108 -9.91 -4.80 15.98
N VAL A 109 -8.59 -4.90 16.05
CA VAL A 109 -7.84 -4.26 17.13
C VAL A 109 -7.03 -3.12 16.54
N THR A 110 -7.01 -1.96 17.19
CA THR A 110 -6.27 -0.82 16.66
C THR A 110 -5.60 0.05 17.72
N GLY A 111 -4.62 0.83 17.30
CA GLY A 111 -3.94 1.73 18.20
C GLY A 111 -4.38 3.12 17.80
N GLY A 112 -3.47 4.10 17.87
CA GLY A 112 -3.83 5.45 17.48
C GLY A 112 -3.79 5.70 15.97
N PHE A 113 -4.28 6.86 15.55
CA PHE A 113 -4.33 7.24 14.14
C PHE A 113 -3.58 8.52 13.78
N GLN A 114 -3.87 9.57 14.52
CA GLN A 114 -3.34 10.88 14.20
C GLN A 114 -2.87 11.69 15.39
N PRO A 115 -1.76 12.40 15.23
CA PRO A 115 -1.23 13.23 16.31
C PRO A 115 -2.30 14.20 16.79
N GLY A 116 -2.19 14.63 18.05
CA GLY A 116 -3.12 15.59 18.60
C GLY A 116 -4.36 15.09 19.31
N GLN A 117 -4.49 13.77 19.46
CA GLN A 117 -5.66 13.20 20.13
C GLN A 117 -5.25 12.00 20.96
N SER A 118 -6.16 11.47 21.75
CA SER A 118 -5.85 10.30 22.58
C SER A 118 -6.55 9.09 21.96
N THR A 119 -6.28 7.90 22.49
CA THR A 119 -6.94 6.71 21.96
C THR A 119 -8.42 6.73 22.33
N ALA A 120 -8.82 7.68 23.19
CA ALA A 120 -10.22 7.82 23.57
C ALA A 120 -10.96 8.38 22.34
N ALA A 121 -10.32 9.33 21.65
CA ALA A 121 -10.92 9.92 20.45
C ALA A 121 -11.00 8.81 19.41
N VAL A 122 -9.93 8.03 19.29
CA VAL A 122 -9.90 6.93 18.34
C VAL A 122 -11.07 5.98 18.60
N ALA A 123 -11.20 5.53 19.85
CA ALA A 123 -12.28 4.60 20.18
C ALA A 123 -13.66 5.18 19.81
N ALA A 124 -13.81 6.50 19.93
CA ALA A 124 -15.06 7.14 19.57
C ALA A 124 -15.23 7.16 18.05
N LEU A 125 -14.21 7.60 17.33
CA LEU A 125 -14.25 7.64 15.86
C LEU A 125 -14.66 6.28 15.34
N VAL A 126 -14.05 5.25 15.90
CA VAL A 126 -14.29 3.87 15.50
C VAL A 126 -15.68 3.36 15.90
N ALA A 127 -16.21 3.84 17.02
CA ALA A 127 -17.54 3.40 17.42
C ALA A 127 -18.55 4.03 16.45
N GLU A 128 -18.31 5.27 16.07
CA GLU A 128 -19.19 5.96 15.15
C GLU A 128 -19.19 5.26 13.79
N ALA A 129 -17.99 4.98 13.27
CA ALA A 129 -17.84 4.34 11.98
C ALA A 129 -18.39 2.90 11.94
N SER A 130 -18.41 2.23 13.09
CA SER A 130 -18.90 0.85 13.15
C SER A 130 -20.37 0.75 13.59
N SER A 131 -21.04 1.88 13.69
CA SER A 131 -22.44 1.91 14.11
C SER A 131 -22.63 1.34 15.52
N SER A 132 -21.61 1.45 16.36
CA SER A 132 -21.67 0.96 17.72
C SER A 132 -22.35 2.02 18.57
N LYS A 133 -23.32 1.58 19.39
CA LYS A 133 -24.06 2.49 20.25
C LYS A 133 -23.51 2.49 21.67
N THR A 134 -22.51 1.66 21.92
CA THR A 134 -21.89 1.57 23.23
C THR A 134 -20.37 1.47 23.16
N LEU A 135 -19.70 2.42 23.83
CA LEU A 135 -18.25 2.44 23.90
C LEU A 135 -17.88 2.17 25.35
N VAL A 136 -17.16 1.08 25.58
CA VAL A 136 -16.74 0.73 26.94
C VAL A 136 -15.29 1.13 27.13
N VAL A 137 -15.03 1.90 28.18
CA VAL A 137 -13.68 2.35 28.51
C VAL A 137 -13.15 1.69 29.78
N ALA A 138 -12.18 0.79 29.58
CA ALA A 138 -11.53 0.07 30.67
C ALA A 138 -10.39 0.95 31.19
N THR A 139 -10.65 1.68 32.26
CA THR A 139 -9.66 2.60 32.82
C THR A 139 -9.00 2.11 34.10
N ASN A 140 -8.11 2.96 34.64
CA ASN A 140 -7.37 2.67 35.85
C ASN A 140 -8.25 2.78 37.10
N VAL A 141 -9.48 3.26 36.92
CA VAL A 141 -10.43 3.44 38.01
C VAL A 141 -11.74 2.69 37.77
N ASP A 142 -12.56 2.56 38.82
CA ASP A 142 -13.85 1.86 38.74
C ASP A 142 -14.97 2.63 38.03
N GLY A 143 -14.80 3.93 37.89
CA GLY A 143 -15.80 4.75 37.23
C GLY A 143 -15.51 6.20 37.53
N VAL A 144 -16.53 7.04 37.48
CA VAL A 144 -16.37 8.45 37.76
C VAL A 144 -16.80 8.70 39.20
N TYR A 145 -15.91 9.33 39.98
CA TYR A 145 -16.19 9.66 41.39
C TYR A 145 -16.41 11.15 41.55
N GLU A 146 -17.02 11.54 42.66
CA GLU A 146 -17.27 12.94 42.94
C GLU A 146 -16.00 13.55 43.55
N LYS A 147 -15.49 14.61 42.93
CA LYS A 147 -14.28 15.27 43.40
C LYS A 147 -14.47 16.08 44.67
N ASP A 148 -15.63 16.73 44.80
CA ASP A 148 -15.91 17.54 45.98
C ASP A 148 -17.16 17.07 46.72
N PRO A 149 -17.08 15.91 47.40
CA PRO A 149 -18.23 15.39 48.15
C PRO A 149 -18.55 16.30 49.32
N ARG A 150 -19.84 16.48 49.60
CA ARG A 150 -20.26 17.34 50.70
C ARG A 150 -19.54 17.00 52.00
N ILE A 151 -19.38 15.70 52.26
CA ILE A 151 -18.69 15.25 53.46
C ILE A 151 -17.23 15.01 53.16
N TYR A 152 -16.37 15.34 54.12
CA TYR A 152 -14.94 15.17 53.95
C TYR A 152 -14.53 13.70 53.82
N ALA A 153 -13.61 13.44 52.89
CA ALA A 153 -13.08 12.10 52.65
C ALA A 153 -14.07 11.08 52.06
N ASP A 154 -15.34 11.46 51.97
CA ASP A 154 -16.36 10.56 51.42
C ASP A 154 -16.21 10.40 49.92
N VAL A 155 -15.91 9.19 49.47
CA VAL A 155 -15.73 8.91 48.05
C VAL A 155 -16.89 8.10 47.48
N LYS A 156 -17.75 8.76 46.72
CA LYS A 156 -18.91 8.10 46.13
C LYS A 156 -18.86 8.09 44.61
N LEU A 157 -18.95 6.89 44.04
CA LEU A 157 -18.91 6.73 42.59
C LEU A 157 -20.23 7.22 41.97
N ILE A 158 -20.12 7.81 40.79
CA ILE A 158 -21.30 8.33 40.08
C ILE A 158 -21.70 7.33 39.02
N PRO A 159 -22.74 6.54 39.30
CA PRO A 159 -23.23 5.53 38.36
C PRO A 159 -23.77 6.07 37.04
N HIS A 160 -24.29 7.30 37.05
CA HIS A 160 -24.85 7.90 35.85
C HIS A 160 -24.57 9.39 35.72
N LEU A 161 -24.38 9.83 34.48
CA LEU A 161 -24.14 11.24 34.20
C LEU A 161 -24.21 11.48 32.69
N THR A 162 -24.05 12.73 32.28
CA THR A 162 -24.12 13.08 30.87
C THR A 162 -22.79 13.62 30.36
N THR A 163 -22.68 13.75 29.03
CA THR A 163 -21.46 14.27 28.42
C THR A 163 -21.22 15.71 28.86
N GLN A 164 -22.28 16.40 29.26
CA GLN A 164 -22.14 17.77 29.71
C GLN A 164 -21.60 17.76 31.14
N ASP A 165 -22.17 16.92 31.98
CA ASP A 165 -21.71 16.79 33.37
C ASP A 165 -20.20 16.56 33.31
N LEU A 166 -19.79 15.70 32.39
CA LEU A 166 -18.38 15.38 32.19
C LEU A 166 -17.66 16.67 31.83
N ARG A 167 -18.14 17.32 30.78
CA ARG A 167 -17.57 18.57 30.30
C ARG A 167 -17.40 19.57 31.43
N LYS A 168 -18.07 19.30 32.55
CA LYS A 168 -18.02 20.16 33.74
C LYS A 168 -17.02 19.64 34.79
N ILE A 169 -17.17 18.37 35.15
CA ILE A 169 -16.29 17.75 36.15
C ILE A 169 -14.87 17.58 35.59
N LEU A 170 -14.49 18.44 34.66
CA LEU A 170 -13.17 18.39 34.05
C LEU A 170 -12.64 19.81 33.80
N LEU A 183 -9.41 12.30 30.36
CA LEU A 183 -9.24 11.08 29.58
C LEU A 183 -10.03 11.18 28.29
N LEU A 184 -11.25 11.70 28.38
CA LEU A 184 -12.11 11.89 27.21
C LEU A 184 -11.89 13.27 26.63
N ASP A 185 -10.96 13.37 25.67
CA ASP A 185 -10.63 14.65 25.04
C ASP A 185 -11.76 15.22 24.18
N PRO A 186 -11.62 16.48 23.72
CA PRO A 186 -12.62 17.15 22.89
C PRO A 186 -13.20 16.38 21.72
N LEU A 187 -12.36 15.86 20.83
CA LEU A 187 -12.85 15.12 19.68
C LEU A 187 -13.74 13.96 20.13
N ALA A 188 -13.32 13.26 21.18
CA ALA A 188 -14.07 12.13 21.70
C ALA A 188 -15.47 12.55 22.13
N ILE A 189 -15.55 13.64 22.88
CA ILE A 189 -16.84 14.11 23.37
C ILE A 189 -17.72 14.54 22.19
N LYS A 190 -17.17 15.31 21.27
CA LYS A 190 -17.93 15.74 20.10
C LYS A 190 -18.42 14.53 19.31
N ILE A 191 -17.56 13.54 19.12
CA ILE A 191 -17.96 12.36 18.37
C ILE A 191 -19.09 11.61 19.07
N VAL A 192 -18.94 11.31 20.36
CA VAL A 192 -20.00 10.58 21.07
C VAL A 192 -21.29 11.38 21.11
N GLU A 193 -21.18 12.69 21.24
CA GLU A 193 -22.38 13.52 21.27
C GLU A 193 -23.09 13.53 19.92
N ARG A 194 -22.37 13.83 18.84
CA ARG A 194 -23.02 13.88 17.53
C ARG A 194 -23.59 12.54 17.10
N SER A 195 -23.00 11.44 17.56
CA SER A 195 -23.50 10.13 17.18
C SER A 195 -24.24 9.41 18.30
N LYS A 196 -24.54 10.15 19.36
CA LYS A 196 -25.26 9.58 20.51
C LYS A 196 -24.71 8.21 20.89
N ILE A 197 -23.42 8.19 21.24
CA ILE A 197 -22.79 6.95 21.66
C ILE A 197 -22.77 6.93 23.19
N ARG A 198 -23.22 5.84 23.78
CA ARG A 198 -23.23 5.71 25.23
C ARG A 198 -21.85 5.21 25.67
N VAL A 199 -21.31 5.81 26.73
CA VAL A 199 -19.98 5.42 27.21
C VAL A 199 -20.04 4.77 28.58
N ILE A 200 -19.49 3.56 28.68
CA ILE A 200 -19.47 2.84 29.95
C ILE A 200 -18.05 2.83 30.48
N VAL A 201 -17.83 3.48 31.61
CA VAL A 201 -16.51 3.54 32.21
C VAL A 201 -16.41 2.51 33.32
N MET A 202 -15.35 1.71 33.28
CA MET A 202 -15.10 0.70 34.29
C MET A 202 -13.58 0.56 34.43
N ASN A 203 -13.12 -0.27 35.37
CA ASN A 203 -11.69 -0.45 35.55
C ASN A 203 -11.16 -1.60 34.71
N TYR A 204 -9.94 -1.44 34.19
CA TYR A 204 -9.35 -2.48 33.35
C TYR A 204 -8.98 -3.73 34.13
N ARG A 205 -9.66 -3.95 35.25
CA ARG A 205 -9.38 -5.12 36.07
C ARG A 205 -10.62 -5.99 36.26
N LYS A 206 -11.66 -5.77 35.45
CA LYS A 206 -12.88 -6.56 35.61
C LYS A 206 -13.46 -7.21 34.35
N LEU A 207 -14.62 -7.86 34.48
CA LEU A 207 -15.27 -8.56 33.37
C LEU A 207 -16.49 -7.93 32.72
N ASN A 208 -16.37 -7.75 31.40
CA ASN A 208 -17.35 -7.12 30.52
C ASN A 208 -18.86 -7.37 30.62
N ARG A 209 -19.28 -8.54 31.09
CA ARG A 209 -20.72 -8.81 31.19
C ARG A 209 -21.50 -7.61 31.73
N ILE A 210 -22.26 -6.96 30.85
CA ILE A 210 -23.05 -5.76 31.17
C ILE A 210 -22.19 -4.65 31.77
N GLU A 218 -23.44 -4.72 37.15
CA GLU A 218 -22.11 -4.65 37.75
C GLU A 218 -21.61 -3.21 37.82
N VAL A 219 -20.81 -2.92 38.86
CA VAL A 219 -20.25 -1.59 39.11
C VAL A 219 -19.56 -0.88 37.94
N SER A 220 -19.96 0.36 37.70
CA SER A 220 -19.38 1.16 36.63
C SER A 220 -20.01 2.56 36.60
N SER A 221 -19.63 3.35 35.60
CA SER A 221 -20.17 4.69 35.41
C SER A 221 -20.60 4.82 33.96
N ILE A 222 -21.88 5.04 33.74
CA ILE A 222 -22.39 5.18 32.38
C ILE A 222 -22.64 6.64 32.08
N ILE A 223 -22.09 7.10 30.95
CA ILE A 223 -22.21 8.47 30.50
C ILE A 223 -23.12 8.52 29.27
N GLU A 224 -24.21 9.28 29.37
CA GLU A 224 -25.15 9.39 28.27
C GLU A 224 -24.86 10.66 27.46
N PRO A 225 -24.91 10.55 26.14
CA PRO A 225 -24.64 11.69 25.26
C PRO A 225 -25.86 12.61 25.25
N VAL A 226 -25.64 13.90 25.51
CA VAL A 226 -26.75 14.85 25.51
C VAL A 226 -26.44 16.03 24.61
N MET B 1 30.86 5.66 -0.38
CA MET B 1 30.79 4.27 0.12
C MET B 1 29.55 4.05 0.98
N ASN B 2 28.90 2.91 0.79
CA ASN B 2 27.72 2.56 1.55
C ASN B 2 28.15 1.75 2.77
N ILE B 3 27.54 2.04 3.91
CA ILE B 3 27.87 1.31 5.12
C ILE B 3 26.60 1.11 5.96
N ILE B 4 26.50 -0.05 6.58
CA ILE B 4 25.33 -0.34 7.41
C ILE B 4 25.75 -0.32 8.88
N LEU B 5 24.88 0.26 9.71
CA LEU B 5 25.12 0.35 11.13
C LEU B 5 24.03 -0.41 11.90
N LYS B 6 24.42 -1.49 12.56
CA LYS B 6 23.49 -2.28 13.36
C LYS B 6 23.65 -1.83 14.81
N ILE B 7 22.56 -1.35 15.41
CA ILE B 7 22.59 -0.85 16.77
C ILE B 7 21.98 -1.85 17.75
N SER B 8 22.81 -2.33 18.68
CA SER B 8 22.36 -3.28 19.70
C SER B 8 21.14 -2.82 20.47
N GLY B 9 20.28 -3.77 20.82
CA GLY B 9 19.08 -3.44 21.59
C GLY B 9 19.41 -2.79 22.93
N LYS B 10 20.59 -3.10 23.47
CA LYS B 10 20.99 -2.52 24.75
C LYS B 10 21.15 -1.00 24.65
N PHE B 11 21.53 -0.53 23.48
CA PHE B 11 21.73 0.89 23.23
C PHE B 11 20.52 1.72 23.65
N PHE B 12 19.33 1.14 23.54
CA PHE B 12 18.11 1.86 23.89
C PHE B 12 17.70 1.73 25.37
N ASP B 13 18.44 0.94 26.12
CA ASP B 13 18.11 0.76 27.53
C ASP B 13 18.84 1.71 28.47
N GLU B 14 20.16 1.74 28.44
CA GLU B 14 20.91 2.62 29.35
C GLU B 14 21.82 3.68 28.71
N ASP B 15 21.78 4.88 29.31
CA ASP B 15 22.52 6.06 28.87
C ASP B 15 21.80 6.61 27.62
N ASN B 16 20.49 6.41 27.65
CA ASN B 16 19.55 6.79 26.61
C ASN B 16 19.82 8.03 25.75
N VAL B 17 19.53 9.22 26.28
CA VAL B 17 19.70 10.45 25.50
C VAL B 17 21.09 10.66 24.91
N ASP B 18 22.13 10.43 25.69
CA ASP B 18 23.48 10.62 25.19
C ASP B 18 23.79 9.65 24.07
N ASN B 19 23.20 8.47 24.14
CA ASN B 19 23.41 7.47 23.10
C ASN B 19 22.80 7.97 21.80
N LEU B 20 21.56 8.46 21.86
CA LEU B 20 20.91 8.96 20.66
C LEU B 20 21.63 10.18 20.09
N ILE B 21 22.10 11.06 20.97
CA ILE B 21 22.80 12.25 20.51
C ILE B 21 24.10 11.90 19.79
N VAL B 22 24.86 10.94 20.32
CA VAL B 22 26.11 10.56 19.67
C VAL B 22 25.82 9.87 18.33
N LEU B 23 24.75 9.10 18.28
CA LEU B 23 24.39 8.40 17.04
C LEU B 23 24.02 9.41 15.95
N ARG B 24 23.18 10.38 16.28
CA ARG B 24 22.78 11.38 15.30
C ARG B 24 24.07 12.08 14.90
N GLN B 25 24.82 12.49 15.92
CA GLN B 25 26.10 13.16 15.75
C GLN B 25 27.00 12.38 14.77
N SER B 26 27.12 11.07 14.97
CA SER B 26 27.96 10.27 14.10
C SER B 26 27.38 10.03 12.70
N ILE B 27 26.06 9.99 12.57
CA ILE B 27 25.43 9.80 11.26
C ILE B 27 25.78 11.01 10.41
N LYS B 28 25.70 12.19 11.00
CA LYS B 28 26.02 13.42 10.30
C LYS B 28 27.50 13.40 9.96
N GLU B 29 28.28 12.74 10.80
CA GLU B 29 29.71 12.62 10.57
C GLU B 29 29.91 11.78 9.32
N LEU B 30 29.37 10.57 9.30
CA LEU B 30 29.49 9.70 8.13
C LEU B 30 29.05 10.41 6.86
N ALA B 31 27.94 11.14 6.95
CA ALA B 31 27.43 11.86 5.81
C ALA B 31 28.44 12.89 5.32
N ASP B 32 29.03 13.63 6.25
CA ASP B 32 30.02 14.64 5.90
C ASP B 32 31.20 14.03 5.15
N ASN B 33 31.55 12.80 5.49
CA ASN B 33 32.68 12.09 4.88
C ASN B 33 32.34 11.29 3.61
N GLY B 34 31.21 11.59 2.99
CA GLY B 34 30.84 10.89 1.76
C GLY B 34 30.30 9.47 1.86
N PHE B 35 29.76 9.08 3.01
CA PHE B 35 29.21 7.74 3.15
C PHE B 35 27.68 7.76 3.11
N ARG B 36 27.09 6.70 2.57
CA ARG B 36 25.63 6.58 2.59
C ARG B 36 25.42 5.57 3.72
N VAL B 37 24.59 5.92 4.69
CA VAL B 37 24.35 5.05 5.83
C VAL B 37 22.98 4.40 5.91
N GLY B 38 22.96 3.14 6.34
CA GLY B 38 21.75 2.40 6.54
C GLY B 38 21.76 2.01 8.00
N ILE B 39 20.62 2.08 8.68
CA ILE B 39 20.61 1.73 10.09
C ILE B 39 19.59 0.66 10.45
N VAL B 40 20.04 -0.31 11.24
CA VAL B 40 19.19 -1.40 11.72
C VAL B 40 19.21 -1.36 13.24
N THR B 41 18.03 -1.30 13.85
CA THR B 41 17.89 -1.23 15.31
C THR B 41 17.39 -2.53 15.91
N GLY B 42 17.96 -2.92 17.06
CA GLY B 42 17.54 -4.14 17.73
C GLY B 42 16.31 -3.92 18.60
N GLY B 43 15.69 -5.01 19.07
CA GLY B 43 14.50 -4.89 19.89
C GLY B 43 14.69 -4.48 21.34
N GLY B 44 15.83 -4.88 21.92
CA GLY B 44 16.11 -4.51 23.29
C GLY B 44 15.17 -5.06 24.35
N SER B 45 15.06 -4.33 25.46
CA SER B 45 14.22 -4.73 26.58
C SER B 45 12.73 -4.63 26.26
N THR B 46 12.36 -3.73 25.38
CA THR B 46 10.95 -3.63 25.02
C THR B 46 10.53 -4.94 24.36
N ALA B 47 11.38 -5.46 23.48
CA ALA B 47 11.09 -6.71 22.78
C ALA B 47 11.02 -7.89 23.76
N ARG B 48 12.02 -8.02 24.62
CA ARG B 48 12.00 -9.13 25.57
C ARG B 48 10.79 -9.04 26.48
N ARG B 49 10.39 -7.82 26.79
CA ARG B 49 9.25 -7.59 27.64
C ARG B 49 7.95 -8.08 27.01
N TYR B 50 7.69 -7.68 25.76
CA TYR B 50 6.48 -8.11 25.09
C TYR B 50 6.48 -9.61 24.76
N ILE B 51 7.65 -10.13 24.41
CA ILE B 51 7.78 -11.54 24.09
C ILE B 51 7.44 -12.36 25.33
N LYS B 52 7.94 -11.95 26.49
CA LYS B 52 7.67 -12.65 27.73
C LYS B 52 6.19 -12.53 28.07
N LEU B 53 5.69 -11.31 27.97
CA LEU B 53 4.29 -11.02 28.26
C LEU B 53 3.40 -11.94 27.40
N ALA B 54 3.78 -12.11 26.14
CA ALA B 54 3.04 -12.94 25.18
C ALA B 54 3.25 -14.45 25.36
N ARG B 55 4.48 -14.86 25.65
CA ARG B 55 4.76 -16.27 25.83
C ARG B 55 4.01 -16.83 27.04
N GLU B 56 3.83 -15.99 28.06
CA GLU B 56 3.12 -16.41 29.26
C GLU B 56 1.65 -16.73 29.05
N ILE B 57 1.07 -16.25 27.95
CA ILE B 57 -0.34 -16.53 27.68
C ILE B 57 -0.52 -17.48 26.50
N GLY B 58 0.55 -18.18 26.15
CA GLY B 58 0.48 -19.15 25.07
C GLY B 58 0.52 -18.68 23.64
N ILE B 59 1.10 -17.50 23.38
CA ILE B 59 1.18 -17.01 22.01
C ILE B 59 2.23 -17.82 21.25
N GLY B 60 1.88 -18.24 20.04
CA GLY B 60 2.81 -19.01 19.22
C GLY B 60 4.12 -18.33 18.91
N GLU B 61 5.13 -19.13 18.56
CA GLU B 61 6.46 -18.62 18.26
C GLU B 61 6.55 -17.58 17.13
N ALA B 62 5.85 -17.83 16.03
CA ALA B 62 5.86 -16.90 14.91
C ALA B 62 5.45 -15.51 15.41
N TYR B 63 4.38 -15.47 16.21
CA TYR B 63 3.87 -14.22 16.75
C TYR B 63 4.77 -13.57 17.79
N LEU B 64 5.48 -14.40 18.57
CA LEU B 64 6.38 -13.84 19.54
C LEU B 64 7.47 -13.08 18.75
N ASP B 65 7.95 -13.68 17.67
CA ASP B 65 8.98 -13.04 16.84
C ASP B 65 8.42 -11.76 16.24
N LEU B 66 7.14 -11.77 15.90
CA LEU B 66 6.50 -10.59 15.33
C LEU B 66 6.46 -9.47 16.36
N LEU B 67 6.23 -9.80 17.63
CA LEU B 67 6.22 -8.77 18.65
C LEU B 67 7.62 -8.23 18.84
N GLY B 68 8.61 -9.10 18.71
CA GLY B 68 9.99 -8.65 18.85
C GLY B 68 10.30 -7.70 17.69
N ILE B 69 9.80 -8.05 16.51
CA ILE B 69 10.02 -7.20 15.34
C ILE B 69 9.36 -5.83 15.50
N TRP B 70 8.15 -5.79 16.03
CA TRP B 70 7.49 -4.49 16.22
C TRP B 70 8.22 -3.65 17.24
N ALA B 71 8.79 -4.32 18.24
CA ALA B 71 9.55 -3.64 19.27
C ALA B 71 10.76 -2.95 18.61
N SER B 72 11.41 -3.65 17.70
CA SER B 72 12.57 -3.08 17.04
C SER B 72 12.18 -1.91 16.13
N ARG B 73 10.98 -1.95 15.55
CA ARG B 73 10.53 -0.88 14.68
C ARG B 73 10.26 0.38 15.50
N LEU B 74 9.81 0.19 16.72
CA LEU B 74 9.56 1.32 17.60
C LEU B 74 10.91 2.02 17.81
N ASN B 75 11.95 1.24 17.98
CA ASN B 75 13.28 1.82 18.16
C ASN B 75 13.73 2.47 16.86
N ALA B 76 13.36 1.87 15.74
CA ALA B 76 13.69 2.41 14.42
C ALA B 76 13.08 3.80 14.23
N TYR B 77 11.79 3.95 14.56
CA TYR B 77 11.14 5.25 14.43
C TYR B 77 11.80 6.28 15.33
N LEU B 78 12.16 5.85 16.54
CA LEU B 78 12.82 6.75 17.47
C LEU B 78 14.08 7.32 16.82
N VAL B 79 14.93 6.45 16.29
CA VAL B 79 16.15 6.91 15.65
C VAL B 79 15.84 7.74 14.42
N MET B 80 14.90 7.26 13.61
CA MET B 80 14.52 7.96 12.39
C MET B 80 14.05 9.36 12.68
N PHE B 81 13.26 9.52 13.73
CA PHE B 81 12.71 10.82 14.10
C PHE B 81 13.77 11.79 14.58
N SER B 82 14.89 11.26 15.07
CA SER B 82 15.98 12.11 15.54
C SER B 82 16.88 12.48 14.37
N LEU B 83 16.69 11.82 13.23
CA LEU B 83 17.52 12.10 12.05
C LEU B 83 16.75 12.83 10.95
N GLN B 84 15.66 13.48 11.31
CA GLN B 84 14.85 14.19 10.32
C GLN B 84 15.67 15.08 9.40
N ASP B 85 15.32 15.04 8.12
CA ASP B 85 15.99 15.80 7.07
C ASP B 85 17.17 15.02 6.51
N LEU B 86 17.69 14.07 7.28
CA LEU B 86 18.80 13.27 6.82
C LEU B 86 18.30 11.94 6.31
N ALA B 87 17.17 11.50 6.86
CA ALA B 87 16.60 10.22 6.50
C ALA B 87 15.32 10.21 5.68
N TYR B 88 15.13 9.11 4.97
CA TYR B 88 13.91 8.91 4.19
C TYR B 88 12.94 8.56 5.30
N MET B 89 11.88 9.35 5.45
CA MET B 89 10.92 9.13 6.53
C MET B 89 9.99 7.94 6.35
N HIS B 90 10.55 6.75 6.44
CA HIS B 90 9.79 5.53 6.28
C HIS B 90 10.61 4.35 6.76
N VAL B 91 9.98 3.45 7.50
CA VAL B 91 10.64 2.27 8.02
C VAL B 91 10.16 1.06 7.21
N PRO B 92 11.04 0.49 6.37
CA PRO B 92 10.71 -0.68 5.55
C PRO B 92 10.51 -1.92 6.44
N GLN B 93 9.60 -2.80 6.03
CA GLN B 93 9.29 -3.99 6.80
C GLN B 93 9.72 -5.28 6.14
N SER B 94 10.45 -5.16 5.04
CA SER B 94 10.94 -6.32 4.31
C SER B 94 12.17 -5.87 3.53
N LEU B 95 12.96 -6.83 3.07
CA LEU B 95 14.15 -6.51 2.30
C LEU B 95 13.76 -5.77 1.03
N GLU B 96 12.68 -6.23 0.39
CA GLU B 96 12.20 -5.61 -0.85
C GLU B 96 11.81 -4.16 -0.62
N GLU B 97 11.13 -3.88 0.49
CA GLU B 97 10.76 -2.51 0.81
C GLU B 97 12.04 -1.70 1.08
N PHE B 98 13.05 -2.33 1.66
CA PHE B 98 14.32 -1.66 1.95
C PHE B 98 15.01 -1.22 0.67
N ILE B 99 15.01 -2.10 -0.32
CA ILE B 99 15.63 -1.80 -1.59
C ILE B 99 14.96 -0.57 -2.20
N GLN B 100 13.64 -0.49 -2.03
CA GLN B 100 12.88 0.64 -2.55
C GLN B 100 13.26 1.89 -1.80
N ASP B 101 13.22 1.82 -0.46
CA ASP B 101 13.56 2.97 0.37
C ASP B 101 14.99 3.45 0.13
N TRP B 102 15.91 2.51 -0.01
CA TRP B 102 17.30 2.82 -0.24
C TRP B 102 17.47 3.64 -1.52
N SER B 103 16.54 3.46 -2.46
CA SER B 103 16.55 4.17 -3.75
C SER B 103 16.44 5.68 -3.67
N HIS B 104 15.92 6.20 -2.55
CA HIS B 104 15.75 7.65 -2.39
C HIS B 104 17.03 8.42 -2.13
N GLY B 105 18.14 7.70 -1.95
CA GLY B 105 19.43 8.33 -1.72
C GLY B 105 19.66 8.94 -0.36
N LYS B 106 18.78 8.62 0.59
CA LYS B 106 18.88 9.14 1.95
C LYS B 106 19.18 8.03 2.95
N VAL B 107 19.32 8.39 4.22
CA VAL B 107 19.59 7.42 5.27
C VAL B 107 18.33 6.62 5.51
N VAL B 108 18.46 5.31 5.64
CA VAL B 108 17.31 4.47 5.89
C VAL B 108 17.50 3.82 7.25
N VAL B 109 16.42 3.76 8.02
CA VAL B 109 16.42 3.17 9.33
C VAL B 109 15.38 2.07 9.31
N THR B 110 15.78 0.87 9.76
CA THR B 110 14.88 -0.27 9.75
C THR B 110 14.97 -1.11 11.02
N GLY B 111 13.96 -1.95 11.22
CA GLY B 111 13.93 -2.86 12.36
C GLY B 111 13.96 -4.23 11.71
N GLY B 112 13.40 -5.24 12.38
CA GLY B 112 13.40 -6.56 11.79
C GLY B 112 12.48 -6.70 10.59
N PHE B 113 12.51 -7.87 9.95
CA PHE B 113 11.70 -8.16 8.77
C PHE B 113 10.75 -9.36 8.91
N GLN B 114 11.33 -10.54 9.10
CA GLN B 114 10.56 -11.78 9.16
C GLN B 114 10.94 -12.68 10.33
N PRO B 115 9.97 -13.41 10.87
CA PRO B 115 10.17 -14.33 11.99
C PRO B 115 11.21 -15.43 11.74
N GLY B 116 11.88 -15.84 12.81
CA GLY B 116 12.88 -16.90 12.72
C GLY B 116 14.31 -16.44 12.55
N GLN B 117 14.56 -15.15 12.71
CA GLN B 117 15.90 -14.61 12.53
C GLN B 117 16.06 -13.41 13.45
N SER B 118 17.26 -12.85 13.51
CA SER B 118 17.50 -11.69 14.36
C SER B 118 17.74 -10.47 13.49
N THR B 119 17.90 -9.31 14.12
CA THR B 119 18.15 -8.11 13.36
C THR B 119 19.54 -8.20 12.75
N ALA B 120 20.37 -9.07 13.31
CA ALA B 120 21.73 -9.28 12.81
C ALA B 120 21.65 -9.74 11.36
N ALA B 121 20.74 -10.67 11.10
CA ALA B 121 20.54 -11.18 9.75
C ALA B 121 20.00 -10.06 8.86
N VAL B 122 19.10 -9.25 9.40
CA VAL B 122 18.55 -8.13 8.63
C VAL B 122 19.68 -7.20 8.21
N ALA B 123 20.54 -6.85 9.17
CA ALA B 123 21.67 -5.97 8.92
C ALA B 123 22.55 -6.57 7.81
N ALA B 124 22.70 -7.89 7.81
CA ALA B 124 23.48 -8.55 6.77
C ALA B 124 22.79 -8.45 5.40
N LEU B 125 21.49 -8.77 5.38
CA LEU B 125 20.68 -8.71 4.16
C LEU B 125 20.68 -7.30 3.58
N VAL B 126 20.60 -6.32 4.46
CA VAL B 126 20.60 -4.93 4.04
C VAL B 126 21.96 -4.45 3.53
N ALA B 127 23.04 -4.97 4.12
CA ALA B 127 24.38 -4.58 3.71
C ALA B 127 24.60 -5.11 2.31
N GLU B 128 24.14 -6.34 2.11
CA GLU B 128 24.28 -7.00 0.82
C GLU B 128 23.45 -6.31 -0.27
N ALA B 129 22.19 -5.99 0.06
CA ALA B 129 21.30 -5.32 -0.89
C ALA B 129 21.73 -3.89 -1.22
N SER B 130 22.39 -3.21 -0.28
CA SER B 130 22.83 -1.84 -0.51
C SER B 130 24.26 -1.77 -1.04
N SER B 131 24.85 -2.92 -1.30
CA SER B 131 26.22 -2.98 -1.80
C SER B 131 27.21 -2.41 -0.78
N SER B 132 26.94 -2.64 0.50
CA SER B 132 27.82 -2.17 1.57
C SER B 132 28.90 -3.24 1.77
N LYS B 133 30.15 -2.80 1.78
CA LYS B 133 31.28 -3.72 1.97
C LYS B 133 31.57 -3.87 3.46
N THR B 134 30.98 -2.97 4.25
CA THR B 134 31.21 -2.95 5.69
C THR B 134 29.92 -2.85 6.51
N LEU B 135 29.81 -3.74 7.50
CA LEU B 135 28.69 -3.74 8.41
C LEU B 135 29.25 -3.47 9.79
N VAL B 136 28.81 -2.39 10.41
CA VAL B 136 29.28 -2.05 11.74
C VAL B 136 28.25 -2.53 12.76
N VAL B 137 28.71 -3.28 13.75
CA VAL B 137 27.85 -3.77 14.82
C VAL B 137 28.27 -3.02 16.10
N ALA B 138 27.44 -2.07 16.52
CA ALA B 138 27.72 -1.27 17.70
C ALA B 138 27.04 -1.86 18.91
N THR B 139 27.83 -2.56 19.72
CA THR B 139 27.34 -3.20 20.93
C THR B 139 27.90 -2.46 22.13
N ASN B 140 27.62 -2.96 23.33
CA ASN B 140 28.10 -2.30 24.53
C ASN B 140 29.55 -2.62 24.91
N VAL B 141 30.14 -3.61 24.26
CA VAL B 141 31.54 -3.94 24.56
C VAL B 141 32.46 -3.37 23.48
N ASP B 142 33.76 -3.38 23.74
CA ASP B 142 34.73 -2.83 22.79
C ASP B 142 34.98 -3.68 21.54
N GLY B 143 34.81 -4.99 21.66
CA GLY B 143 35.01 -5.84 20.51
C GLY B 143 34.76 -7.29 20.84
N VAL B 144 35.45 -8.18 20.15
CA VAL B 144 35.33 -9.61 20.36
C VAL B 144 36.51 -10.12 21.19
N TYR B 145 36.19 -10.86 22.26
CA TYR B 145 37.19 -11.43 23.16
C TYR B 145 37.13 -12.96 23.07
N GLU B 146 38.24 -13.63 23.32
CA GLU B 146 38.26 -15.10 23.26
C GLU B 146 37.23 -15.67 24.21
N LYS B 147 37.17 -15.12 25.42
CA LYS B 147 36.23 -15.55 26.43
C LYS B 147 35.57 -14.31 26.99
N ASP B 148 34.35 -14.44 27.50
CA ASP B 148 33.66 -13.30 28.08
C ASP B 148 34.54 -12.64 29.15
N PRO B 149 34.87 -11.35 28.97
CA PRO B 149 35.70 -10.61 29.93
C PRO B 149 35.03 -10.42 31.28
N ARG B 150 33.74 -10.70 31.34
CA ARG B 150 32.99 -10.55 32.59
C ARG B 150 33.03 -11.80 33.47
N ILE B 151 33.81 -12.79 33.06
CA ILE B 151 33.95 -14.03 33.81
C ILE B 151 35.40 -14.44 33.88
N TYR B 152 36.10 -14.25 32.76
CA TYR B 152 37.49 -14.62 32.66
C TYR B 152 38.46 -13.45 32.69
N ALA B 153 39.55 -13.65 33.42
CA ALA B 153 40.58 -12.63 33.54
C ALA B 153 41.60 -12.86 32.43
N ASP B 154 42.55 -11.94 32.33
CA ASP B 154 43.60 -12.04 31.32
C ASP B 154 43.07 -12.30 29.92
N VAL B 155 41.88 -11.80 29.60
CA VAL B 155 41.31 -11.99 28.27
C VAL B 155 41.42 -10.67 27.52
N LYS B 156 41.97 -10.72 26.31
CA LYS B 156 42.15 -9.52 25.50
C LYS B 156 41.33 -9.48 24.21
N LEU B 157 40.98 -8.26 23.79
CA LEU B 157 40.21 -8.03 22.59
C LEU B 157 40.93 -8.55 21.36
N ILE B 158 40.18 -9.20 20.47
CA ILE B 158 40.77 -9.76 19.25
C ILE B 158 40.58 -8.74 18.12
N PRO B 159 41.67 -8.08 17.70
CA PRO B 159 41.60 -7.08 16.63
C PRO B 159 41.07 -7.65 15.31
N HIS B 160 41.52 -8.85 14.97
CA HIS B 160 41.11 -9.49 13.72
C HIS B 160 40.77 -10.96 13.89
N LEU B 161 39.78 -11.41 13.13
CA LEU B 161 39.35 -12.80 13.16
C LEU B 161 38.55 -13.08 11.91
N THR B 162 38.15 -14.33 11.71
CA THR B 162 37.38 -14.72 10.54
C THR B 162 35.99 -15.19 10.92
N THR B 163 35.13 -15.37 9.93
CA THR B 163 33.78 -15.83 10.18
C THR B 163 33.83 -17.26 10.73
N GLN B 164 34.80 -18.03 10.26
CA GLN B 164 34.99 -19.39 10.72
C GLN B 164 35.34 -19.32 12.20
N ASP B 165 36.29 -18.46 12.51
CA ASP B 165 36.75 -18.24 13.87
C ASP B 165 35.62 -17.75 14.78
N LEU B 166 34.79 -16.85 14.26
CA LEU B 166 33.66 -16.33 15.02
C LEU B 166 32.62 -17.41 15.26
N ARG B 167 32.40 -18.24 14.23
CA ARG B 167 31.41 -19.30 14.28
C ARG B 167 31.50 -20.17 15.53
N LYS B 168 32.72 -20.42 16.00
CA LYS B 168 32.91 -21.24 17.19
C LYS B 168 32.69 -20.43 18.46
N ILE B 169 33.49 -19.39 18.67
CA ILE B 169 33.35 -18.54 19.85
C ILE B 169 33.82 -17.13 19.55
N GLU B 182 22.87 -11.78 19.02
CA GLU B 182 23.81 -11.18 19.97
C GLU B 182 24.97 -10.51 19.23
N LEU B 183 25.49 -11.18 18.22
CA LEU B 183 26.58 -10.66 17.39
C LEU B 183 26.19 -10.92 15.93
N LEU B 184 26.21 -12.18 15.54
CA LEU B 184 25.84 -12.58 14.19
C LEU B 184 25.23 -13.98 14.26
N ASP B 185 24.08 -14.17 13.62
CA ASP B 185 23.40 -15.46 13.63
C ASP B 185 23.74 -16.29 12.39
N PRO B 186 23.12 -17.48 12.23
CA PRO B 186 23.40 -18.33 11.05
C PRO B 186 23.21 -17.71 9.67
N LEU B 187 22.11 -17.01 9.47
CA LEU B 187 21.86 -16.37 8.18
C LEU B 187 22.85 -15.22 7.95
N ALA B 188 23.15 -14.48 9.01
CA ALA B 188 24.07 -13.33 8.94
C ALA B 188 25.43 -13.75 8.43
N ILE B 189 25.99 -14.78 9.05
CA ILE B 189 27.30 -15.28 8.65
C ILE B 189 27.24 -15.78 7.21
N LYS B 190 26.17 -16.50 6.87
CA LYS B 190 25.99 -17.01 5.52
C LYS B 190 25.97 -15.85 4.54
N ILE B 191 25.20 -14.80 4.87
CA ILE B 191 25.09 -13.64 4.00
C ILE B 191 26.40 -12.88 3.84
N VAL B 192 27.03 -12.51 4.95
CA VAL B 192 28.29 -11.77 4.87
C VAL B 192 29.38 -12.59 4.19
N GLU B 193 29.22 -13.90 4.19
CA GLU B 193 30.19 -14.78 3.56
C GLU B 193 30.00 -14.89 2.05
N ARG B 194 28.76 -15.01 1.58
CA ARG B 194 28.59 -15.11 0.14
C ARG B 194 28.83 -13.75 -0.52
N SER B 195 28.58 -12.66 0.20
CA SER B 195 28.80 -11.32 -0.36
C SER B 195 30.10 -10.66 0.13
N LYS B 196 30.91 -11.42 0.84
CA LYS B 196 32.18 -10.92 1.34
C LYS B 196 32.04 -9.54 1.96
N ILE B 197 31.27 -9.46 3.03
CA ILE B 197 31.05 -8.20 3.73
C ILE B 197 31.91 -8.19 4.98
N ARG B 198 32.66 -7.11 5.18
CA ARG B 198 33.51 -6.98 6.35
C ARG B 198 32.67 -6.51 7.54
N VAL B 199 32.81 -7.18 8.68
CA VAL B 199 32.03 -6.82 9.87
C VAL B 199 32.90 -6.24 10.99
N ILE B 200 32.57 -5.03 11.41
CA ILE B 200 33.33 -4.38 12.47
C ILE B 200 32.53 -4.34 13.77
N VAL B 201 33.02 -5.02 14.79
CA VAL B 201 32.32 -5.01 16.09
C VAL B 201 33.00 -3.95 16.94
N MET B 202 32.20 -3.04 17.48
CA MET B 202 32.74 -1.98 18.29
C MET B 202 31.73 -1.52 19.30
N ASN B 203 32.18 -0.65 20.21
CA ASN B 203 31.35 -0.13 21.29
C ASN B 203 30.55 1.08 20.78
N TYR B 204 29.24 1.07 20.97
CA TYR B 204 28.44 2.18 20.50
C TYR B 204 28.74 3.48 21.24
N ARG B 205 29.54 3.40 22.29
CA ARG B 205 29.91 4.60 23.02
C ARG B 205 30.99 5.34 22.24
N LYS B 206 31.64 4.62 21.33
CA LYS B 206 32.68 5.20 20.50
C LYS B 206 32.18 5.60 19.12
N LEU B 207 30.86 5.68 18.97
CA LEU B 207 30.26 6.07 17.70
C LEU B 207 30.76 7.45 17.30
N ASN B 208 31.03 8.29 18.30
CA ASN B 208 31.52 9.64 18.05
C ASN B 208 32.93 9.61 17.44
N ARG B 209 33.45 8.41 17.22
CA ARG B 209 34.78 8.22 16.65
C ARG B 209 34.74 7.15 15.56
N ILE B 210 33.59 7.07 14.87
CA ILE B 210 33.43 6.07 13.82
C ILE B 210 34.39 6.20 12.65
N ILE B 211 34.73 7.43 12.28
CA ILE B 211 35.66 7.65 11.19
C ILE B 211 37.04 7.10 11.55
N ASP B 212 37.46 7.30 12.79
CA ASP B 212 38.76 6.79 13.24
C ASP B 212 38.69 5.29 13.41
N ILE B 213 37.48 4.76 13.52
CA ILE B 213 37.30 3.32 13.66
C ILE B 213 37.55 2.71 12.29
N LEU B 214 36.92 3.29 11.27
CA LEU B 214 37.07 2.81 9.90
C LEU B 214 38.52 2.87 9.42
N LYS B 215 39.28 3.82 9.95
CA LYS B 215 40.68 3.96 9.58
C LYS B 215 41.57 3.14 10.49
N GLY B 216 40.97 2.19 11.20
CA GLY B 216 41.72 1.35 12.12
C GLY B 216 42.52 2.17 13.11
N GLU B 217 42.08 3.40 13.35
CA GLU B 217 42.78 4.29 14.29
C GLU B 217 42.23 4.16 15.71
N GLU B 218 41.15 3.39 15.88
CA GLU B 218 40.54 3.21 17.20
C GLU B 218 40.23 1.75 17.49
N VAL B 219 39.91 1.46 18.75
CA VAL B 219 39.59 0.11 19.23
C VAL B 219 38.34 -0.54 18.61
N SER B 220 38.50 -1.77 18.11
CA SER B 220 37.41 -2.53 17.53
C SER B 220 37.90 -3.92 17.10
N SER B 221 36.96 -4.80 16.77
CA SER B 221 37.28 -6.15 16.30
C SER B 221 36.73 -6.26 14.88
N ILE B 222 37.60 -6.61 13.93
CA ILE B 222 37.21 -6.75 12.54
C ILE B 222 37.13 -8.21 12.14
N ILE B 223 35.95 -8.64 11.69
CA ILE B 223 35.74 -10.00 11.27
C ILE B 223 35.74 -10.07 9.74
N GLU B 224 36.69 -10.85 9.19
CA GLU B 224 36.80 -11.01 7.75
C GLU B 224 36.06 -12.25 7.29
N PRO B 225 35.32 -12.15 6.18
CA PRO B 225 34.55 -13.27 5.64
C PRO B 225 35.46 -14.28 4.95
N VAL B 226 35.18 -15.56 5.18
CA VAL B 226 35.98 -16.64 4.59
C VAL B 226 35.11 -17.77 4.04
N MET C 1 -8.32 -30.05 9.50
CA MET C 1 -7.91 -28.76 10.12
C MET C 1 -7.07 -27.94 9.15
N ASN C 2 -6.04 -27.28 9.69
CA ASN C 2 -5.17 -26.46 8.86
C ASN C 2 -3.96 -27.23 8.35
N ILE C 3 -3.73 -27.13 7.04
CA ILE C 3 -2.61 -27.84 6.44
C ILE C 3 -1.95 -27.01 5.36
N ILE C 4 -0.63 -27.14 5.25
CA ILE C 4 0.12 -26.42 4.24
C ILE C 4 0.61 -27.46 3.23
N LEU C 5 0.48 -27.12 1.95
CA LEU C 5 0.91 -28.00 0.88
C LEU C 5 2.04 -27.32 0.11
N LYS C 6 3.24 -27.87 0.26
CA LYS C 6 4.41 -27.35 -0.44
C LYS C 6 4.52 -28.08 -1.78
N ILE C 7 4.48 -27.32 -2.88
CA ILE C 7 4.54 -27.90 -4.22
C ILE C 7 5.89 -27.64 -4.89
N SER C 8 6.65 -28.71 -5.08
CA SER C 8 7.96 -28.65 -5.71
C SER C 8 7.97 -27.95 -7.07
N GLY C 9 9.11 -27.34 -7.39
CA GLY C 9 9.24 -26.64 -8.66
C GLY C 9 9.03 -27.52 -9.89
N LYS C 10 9.44 -28.78 -9.79
CA LYS C 10 9.30 -29.71 -10.91
C LYS C 10 7.85 -29.87 -11.38
N PHE C 11 6.93 -29.68 -10.45
CA PHE C 11 5.49 -29.80 -10.74
C PHE C 11 5.08 -28.97 -11.95
N PHE C 12 5.65 -27.77 -12.06
CA PHE C 12 5.31 -26.86 -13.14
C PHE C 12 6.07 -27.08 -14.46
N ASP C 13 6.89 -28.13 -14.50
CA ASP C 13 7.66 -28.43 -15.72
C ASP C 13 7.04 -29.57 -16.54
N GLU C 14 7.20 -30.81 -16.09
CA GLU C 14 6.66 -31.95 -16.83
C GLU C 14 5.27 -32.45 -16.40
N ASP C 15 4.47 -32.79 -17.41
CA ASP C 15 3.11 -33.27 -17.22
C ASP C 15 2.28 -32.12 -16.64
N ASN C 16 2.66 -30.91 -17.06
CA ASN C 16 2.04 -29.66 -16.65
C ASN C 16 0.54 -29.62 -16.36
N VAL C 17 -0.25 -29.54 -17.42
CA VAL C 17 -1.69 -29.43 -17.31
C VAL C 17 -2.35 -30.44 -16.38
N ASP C 18 -2.01 -31.72 -16.52
CA ASP C 18 -2.60 -32.74 -15.66
C ASP C 18 -2.25 -32.52 -14.20
N ASN C 19 -1.06 -31.98 -13.94
CA ASN C 19 -0.64 -31.71 -12.57
C ASN C 19 -1.51 -30.61 -11.97
N LEU C 20 -1.66 -29.52 -12.72
CA LEU C 20 -2.49 -28.41 -12.27
C LEU C 20 -3.93 -28.85 -12.02
N ILE C 21 -4.45 -29.68 -12.93
CA ILE C 21 -5.82 -30.17 -12.82
C ILE C 21 -6.03 -31.04 -11.58
N VAL C 22 -5.15 -32.02 -11.38
CA VAL C 22 -5.26 -32.89 -10.22
C VAL C 22 -5.17 -32.07 -8.95
N LEU C 23 -4.29 -31.08 -8.95
CA LEU C 23 -4.12 -30.22 -7.78
C LEU C 23 -5.40 -29.48 -7.42
N ARG C 24 -5.93 -28.68 -8.33
CA ARG C 24 -7.14 -27.94 -8.03
C ARG C 24 -8.25 -28.89 -7.58
N GLN C 25 -8.26 -30.09 -8.13
CA GLN C 25 -9.26 -31.08 -7.76
C GLN C 25 -9.02 -31.61 -6.35
N SER C 26 -7.75 -31.83 -5.99
CA SER C 26 -7.43 -32.32 -4.66
C SER C 26 -7.72 -31.21 -3.63
N ILE C 27 -7.49 -29.97 -4.03
CA ILE C 27 -7.76 -28.83 -3.14
C ILE C 27 -9.26 -28.77 -2.86
N LYS C 28 -10.06 -29.03 -3.89
CA LYS C 28 -11.50 -29.03 -3.76
C LYS C 28 -11.94 -30.20 -2.90
N GLU C 29 -11.19 -31.30 -2.99
CA GLU C 29 -11.52 -32.47 -2.18
C GLU C 29 -11.25 -32.11 -0.72
N LEU C 30 -10.06 -31.57 -0.45
CA LEU C 30 -9.68 -31.18 0.92
C LEU C 30 -10.64 -30.18 1.53
N ALA C 31 -11.15 -29.26 0.71
CA ALA C 31 -12.07 -28.25 1.19
C ALA C 31 -13.42 -28.87 1.57
N ASP C 32 -13.83 -29.89 0.82
CA ASP C 32 -15.10 -30.54 1.12
C ASP C 32 -15.02 -31.24 2.47
N ASN C 33 -13.84 -31.77 2.81
CA ASN C 33 -13.65 -32.47 4.07
C ASN C 33 -13.17 -31.62 5.24
N GLY C 34 -13.62 -30.37 5.31
CA GLY C 34 -13.25 -29.49 6.40
C GLY C 34 -11.79 -29.16 6.67
N PHE C 35 -10.97 -29.13 5.63
CA PHE C 35 -9.55 -28.79 5.76
C PHE C 35 -9.31 -27.39 5.21
N ARG C 36 -8.50 -26.59 5.90
CA ARG C 36 -8.16 -25.26 5.40
C ARG C 36 -6.78 -25.47 4.79
N VAL C 37 -6.65 -25.16 3.51
CA VAL C 37 -5.39 -25.37 2.83
C VAL C 37 -4.63 -24.14 2.42
N GLY C 38 -3.31 -24.19 2.66
CA GLY C 38 -2.41 -23.12 2.27
C GLY C 38 -1.45 -23.75 1.28
N ILE C 39 -1.15 -23.06 0.19
CA ILE C 39 -0.25 -23.60 -0.82
C ILE C 39 1.00 -22.75 -1.03
N VAL C 40 2.16 -23.40 -1.07
CA VAL C 40 3.43 -22.72 -1.29
C VAL C 40 4.04 -23.31 -2.57
N THR C 41 4.32 -22.45 -3.55
CA THR C 41 4.88 -22.87 -4.83
C THR C 41 6.35 -22.50 -4.98
N GLY C 42 7.15 -23.43 -5.51
CA GLY C 42 8.56 -23.17 -5.73
C GLY C 42 8.75 -22.46 -7.06
N GLY C 43 9.98 -22.02 -7.35
CA GLY C 43 10.23 -21.30 -8.59
C GLY C 43 10.47 -22.13 -9.84
N GLY C 44 10.96 -23.35 -9.66
CA GLY C 44 11.20 -24.23 -10.79
C GLY C 44 12.14 -23.72 -11.87
N SER C 45 11.94 -24.22 -13.10
CA SER C 45 12.79 -23.85 -14.22
C SER C 45 12.77 -22.36 -14.56
N THR C 46 11.65 -21.70 -14.33
CA THR C 46 11.57 -20.27 -14.61
C THR C 46 12.59 -19.58 -13.72
N ALA C 47 12.59 -19.95 -12.44
CA ALA C 47 13.52 -19.40 -11.48
C ALA C 47 14.97 -19.61 -11.92
N ARG C 48 15.34 -20.86 -12.17
CA ARG C 48 16.71 -21.18 -12.60
C ARG C 48 17.13 -20.42 -13.85
N ARG C 49 16.21 -20.26 -14.77
CA ARG C 49 16.51 -19.56 -16.01
C ARG C 49 16.84 -18.09 -15.76
N TYR C 50 16.05 -17.42 -14.94
CA TYR C 50 16.31 -16.02 -14.68
C TYR C 50 17.53 -15.79 -13.80
N ILE C 51 17.70 -16.61 -12.77
CA ILE C 51 18.86 -16.46 -11.90
C ILE C 51 20.14 -16.61 -12.74
N LYS C 52 20.16 -17.61 -13.62
CA LYS C 52 21.30 -17.87 -14.48
C LYS C 52 21.58 -16.66 -15.37
N LEU C 53 20.53 -16.18 -16.01
CA LEU C 53 20.60 -15.03 -16.90
C LEU C 53 21.14 -13.79 -16.17
N ALA C 54 20.64 -13.55 -14.96
CA ALA C 54 21.07 -12.40 -14.18
C ALA C 54 22.50 -12.57 -13.68
N ARG C 55 22.83 -13.77 -13.23
CA ARG C 55 24.16 -14.08 -12.74
C ARG C 55 25.19 -13.81 -13.83
N GLU C 56 24.86 -14.19 -15.06
CA GLU C 56 25.78 -13.99 -16.17
C GLU C 56 26.09 -12.55 -16.52
N ILE C 57 25.25 -11.60 -16.10
CA ILE C 57 25.56 -10.20 -16.38
C ILE C 57 26.04 -9.54 -15.11
N GLY C 58 26.30 -10.36 -14.09
CA GLY C 58 26.80 -9.85 -12.83
C GLY C 58 25.83 -9.28 -11.81
N ILE C 59 24.56 -9.64 -11.88
CA ILE C 59 23.59 -9.14 -10.90
C ILE C 59 23.96 -9.74 -9.55
N GLY C 60 23.92 -8.92 -8.49
CA GLY C 60 24.26 -9.40 -7.16
C GLY C 60 23.40 -10.53 -6.63
N GLU C 61 23.94 -11.27 -5.66
CA GLU C 61 23.27 -12.41 -5.04
C GLU C 61 21.89 -12.15 -4.44
N ALA C 62 21.69 -10.96 -3.86
CA ALA C 62 20.42 -10.61 -3.23
C ALA C 62 19.31 -10.48 -4.27
N TYR C 63 19.67 -9.90 -5.40
CA TYR C 63 18.75 -9.69 -6.50
C TYR C 63 18.50 -10.98 -7.25
N LEU C 64 19.47 -11.90 -7.23
CA LEU C 64 19.30 -13.19 -7.88
C LEU C 64 18.18 -13.93 -7.15
N ASP C 65 18.24 -13.92 -5.81
CA ASP C 65 17.23 -14.57 -4.98
C ASP C 65 15.84 -13.94 -5.17
N LEU C 66 15.81 -12.63 -5.37
CA LEU C 66 14.56 -11.91 -5.58
C LEU C 66 13.93 -12.36 -6.89
N LEU C 67 14.74 -12.56 -7.92
CA LEU C 67 14.24 -13.03 -9.20
C LEU C 67 13.68 -14.43 -9.00
N GLY C 68 14.37 -15.21 -8.16
CA GLY C 68 13.91 -16.56 -7.88
C GLY C 68 12.56 -16.47 -7.21
N ILE C 69 12.41 -15.46 -6.33
CA ILE C 69 11.16 -15.23 -5.59
C ILE C 69 10.01 -14.79 -6.52
N TRP C 70 10.28 -13.85 -7.42
CA TRP C 70 9.24 -13.41 -8.34
C TRP C 70 8.79 -14.54 -9.26
N ALA C 71 9.70 -15.45 -9.58
CA ALA C 71 9.36 -16.58 -10.45
C ALA C 71 8.45 -17.55 -9.71
N SER C 72 8.69 -17.72 -8.41
CA SER C 72 7.87 -18.62 -7.62
C SER C 72 6.49 -17.99 -7.47
N ARG C 73 6.44 -16.66 -7.50
CA ARG C 73 5.16 -15.97 -7.38
C ARG C 73 4.38 -16.15 -8.67
N LEU C 74 5.09 -16.26 -9.78
CA LEU C 74 4.43 -16.47 -11.06
C LEU C 74 3.72 -17.81 -10.98
N ASN C 75 4.37 -18.81 -10.43
CA ASN C 75 3.76 -20.12 -10.31
C ASN C 75 2.58 -20.05 -9.35
N ALA C 76 2.71 -19.19 -8.34
CA ALA C 76 1.67 -18.99 -7.35
C ALA C 76 0.41 -18.42 -8.02
N TYR C 77 0.59 -17.39 -8.85
CA TYR C 77 -0.55 -16.78 -9.52
C TYR C 77 -1.24 -17.79 -10.42
N LEU C 78 -0.45 -18.66 -11.03
CA LEU C 78 -1.00 -19.68 -11.91
C LEU C 78 -1.92 -20.63 -11.12
N VAL C 79 -1.42 -21.15 -10.01
CA VAL C 79 -2.22 -22.06 -9.18
C VAL C 79 -3.45 -21.33 -8.64
N MET C 80 -3.23 -20.11 -8.19
CA MET C 80 -4.31 -19.31 -7.65
C MET C 80 -5.43 -19.10 -8.65
N PHE C 81 -5.07 -18.70 -9.86
CA PHE C 81 -6.05 -18.47 -10.91
C PHE C 81 -6.81 -19.75 -11.27
N SER C 82 -6.23 -20.91 -10.99
CA SER C 82 -6.93 -22.15 -11.29
C SER C 82 -7.84 -22.56 -10.13
N LEU C 83 -7.76 -21.82 -9.02
CA LEU C 83 -8.56 -22.13 -7.86
C LEU C 83 -9.55 -21.02 -7.51
N GLN C 84 -9.94 -20.22 -8.50
CA GLN C 84 -10.87 -19.12 -8.25
C GLN C 84 -12.06 -19.53 -7.40
N ASP C 85 -12.55 -18.58 -6.62
CA ASP C 85 -13.69 -18.80 -5.73
C ASP C 85 -13.32 -19.62 -4.48
N LEU C 86 -12.28 -20.45 -4.60
CA LEU C 86 -11.83 -21.24 -3.46
C LEU C 86 -10.71 -20.49 -2.75
N ALA C 87 -9.90 -19.77 -3.53
CA ALA C 87 -8.79 -19.04 -2.97
C ALA C 87 -9.04 -17.55 -2.79
N TYR C 88 -8.30 -16.96 -1.86
CA TYR C 88 -8.38 -15.54 -1.63
C TYR C 88 -7.45 -15.03 -2.74
N MET C 89 -7.99 -14.19 -3.62
CA MET C 89 -7.25 -13.70 -4.78
C MET C 89 -6.14 -12.67 -4.54
N HIS C 90 -5.10 -13.10 -3.83
CA HIS C 90 -3.98 -12.24 -3.52
C HIS C 90 -2.80 -13.11 -3.14
N VAL C 91 -1.61 -12.81 -3.68
CA VAL C 91 -0.44 -13.59 -3.32
C VAL C 91 0.38 -12.75 -2.34
N PRO C 92 0.45 -13.19 -1.08
CA PRO C 92 1.21 -12.47 -0.06
C PRO C 92 2.69 -12.52 -0.38
N GLN C 93 3.38 -11.40 -0.16
CA GLN C 93 4.80 -11.30 -0.44
C GLN C 93 5.67 -11.38 0.81
N SER C 94 5.05 -11.62 1.98
CA SER C 94 5.79 -11.71 3.24
C SER C 94 4.97 -12.51 4.25
N LEU C 95 5.62 -12.98 5.31
CA LEU C 95 4.89 -13.77 6.31
C LEU C 95 3.78 -12.95 6.94
N GLU C 96 4.07 -11.68 7.23
CA GLU C 96 3.08 -10.79 7.82
C GLU C 96 1.88 -10.62 6.86
N GLU C 97 2.15 -10.50 5.57
CA GLU C 97 1.05 -10.38 4.61
C GLU C 97 0.28 -11.70 4.58
N PHE C 98 0.99 -12.81 4.73
CA PHE C 98 0.36 -14.13 4.70
C PHE C 98 -0.64 -14.26 5.84
N ILE C 99 -0.24 -13.80 7.02
CA ILE C 99 -1.07 -13.86 8.21
C ILE C 99 -2.34 -13.05 7.95
N GLN C 100 -2.18 -11.90 7.32
CA GLN C 100 -3.35 -11.08 7.01
C GLN C 100 -4.24 -11.80 5.99
N ASP C 101 -3.64 -12.39 4.95
CA ASP C 101 -4.42 -13.09 3.93
C ASP C 101 -5.10 -14.36 4.43
N TRP C 102 -4.49 -15.00 5.43
CA TRP C 102 -5.04 -16.23 6.00
C TRP C 102 -6.31 -15.91 6.80
N SER C 103 -6.37 -14.69 7.33
CA SER C 103 -7.52 -14.23 8.12
C SER C 103 -8.81 -14.29 7.34
N HIS C 104 -8.71 -14.33 6.01
CA HIS C 104 -9.90 -14.34 5.17
C HIS C 104 -10.66 -15.64 5.16
N GLY C 105 -10.07 -16.69 5.74
CA GLY C 105 -10.75 -17.98 5.79
C GLY C 105 -10.83 -18.72 4.47
N LYS C 106 -9.97 -18.36 3.53
CA LYS C 106 -9.95 -19.03 2.21
C LYS C 106 -8.60 -19.64 1.96
N VAL C 107 -8.48 -20.33 0.83
CA VAL C 107 -7.21 -20.93 0.45
C VAL C 107 -6.27 -19.80 0.07
N VAL C 108 -5.02 -19.90 0.51
CA VAL C 108 -4.02 -18.90 0.21
C VAL C 108 -2.88 -19.56 -0.56
N VAL C 109 -2.43 -18.90 -1.62
CA VAL C 109 -1.35 -19.42 -2.42
C VAL C 109 -0.24 -18.40 -2.34
N THR C 110 0.96 -18.86 -1.98
CA THR C 110 2.08 -17.95 -1.83
C THR C 110 3.37 -18.45 -2.47
N GLY C 111 4.28 -17.52 -2.78
CA GLY C 111 5.56 -17.88 -3.34
C GLY C 111 6.59 -17.59 -2.26
N GLY C 112 7.79 -17.16 -2.63
CA GLY C 112 8.80 -16.86 -1.64
C GLY C 112 8.64 -15.49 -0.99
N PHE C 113 9.38 -15.27 0.10
CA PHE C 113 9.33 -14.01 0.85
C PHE C 113 10.59 -13.16 0.90
N GLN C 114 11.67 -13.77 1.40
CA GLN C 114 12.93 -13.07 1.60
C GLN C 114 14.13 -13.83 1.07
N PRO C 115 15.13 -13.11 0.55
CA PRO C 115 16.36 -13.69 0.01
C PRO C 115 17.11 -14.51 1.05
N GLY C 116 18.03 -15.35 0.58
CA GLY C 116 18.83 -16.17 1.48
C GLY C 116 18.16 -17.42 2.02
N GLN C 117 16.95 -17.75 1.54
CA GLN C 117 16.26 -18.95 2.02
C GLN C 117 15.52 -19.65 0.86
N SER C 118 15.03 -20.86 1.12
CA SER C 118 14.28 -21.64 0.12
C SER C 118 12.80 -21.62 0.46
N THR C 119 11.94 -22.01 -0.48
CA THR C 119 10.52 -22.04 -0.21
C THR C 119 10.18 -23.08 0.85
N ALA C 120 11.11 -23.97 1.16
CA ALA C 120 10.87 -24.99 2.20
C ALA C 120 10.76 -24.23 3.52
N ALA C 121 11.59 -23.21 3.66
CA ALA C 121 11.58 -22.36 4.86
C ALA C 121 10.25 -21.61 4.89
N VAL C 122 9.84 -21.08 3.73
CA VAL C 122 8.57 -20.36 3.65
C VAL C 122 7.43 -21.29 4.07
N ALA C 123 7.42 -22.50 3.52
CA ALA C 123 6.37 -23.47 3.84
C ALA C 123 6.30 -23.70 5.35
N ALA C 124 7.46 -23.76 5.99
CA ALA C 124 7.55 -23.98 7.44
C ALA C 124 7.02 -22.78 8.22
N LEU C 125 7.44 -21.57 7.82
CA LEU C 125 6.99 -20.34 8.46
C LEU C 125 5.49 -20.22 8.37
N VAL C 126 4.96 -20.53 7.19
CA VAL C 126 3.53 -20.45 6.89
C VAL C 126 2.75 -21.50 7.67
N ALA C 127 3.35 -22.67 7.84
CA ALA C 127 2.67 -23.71 8.59
C ALA C 127 2.59 -23.25 10.04
N GLU C 128 3.67 -22.63 10.51
CA GLU C 128 3.76 -22.13 11.88
C GLU C 128 2.81 -20.94 12.10
N ALA C 129 2.79 -20.01 11.16
CA ALA C 129 1.93 -18.84 11.29
C ALA C 129 0.45 -19.19 11.26
N SER C 130 0.09 -20.22 10.49
CA SER C 130 -1.29 -20.65 10.32
C SER C 130 -1.76 -21.75 11.27
N SER C 131 -0.96 -22.06 12.28
CA SER C 131 -1.34 -23.10 13.23
C SER C 131 -1.52 -24.45 12.53
N SER C 132 -0.76 -24.68 11.47
CA SER C 132 -0.84 -25.94 10.74
C SER C 132 0.06 -26.97 11.40
N LYS C 133 -0.53 -28.07 11.84
CA LYS C 133 0.23 -29.12 12.51
C LYS C 133 0.89 -30.02 11.48
N THR C 134 0.42 -29.95 10.24
CA THR C 134 0.96 -30.78 9.18
C THR C 134 1.39 -30.01 7.94
N LEU C 135 2.58 -30.34 7.45
CA LEU C 135 3.12 -29.73 6.25
C LEU C 135 3.38 -30.83 5.24
N VAL C 136 2.67 -30.79 4.12
CA VAL C 136 2.81 -31.78 3.07
C VAL C 136 3.74 -31.24 1.98
N VAL C 137 4.82 -31.96 1.71
CA VAL C 137 5.76 -31.55 0.67
C VAL C 137 5.53 -32.46 -0.53
N ALA C 138 5.06 -31.88 -1.63
CA ALA C 138 4.78 -32.65 -2.83
C ALA C 138 5.94 -32.52 -3.81
N THR C 139 6.65 -33.62 -4.00
CA THR C 139 7.80 -33.68 -4.89
C THR C 139 7.62 -34.82 -5.88
N ASN C 140 8.56 -34.97 -6.81
CA ASN C 140 8.47 -36.04 -7.80
C ASN C 140 9.10 -37.35 -7.34
N VAL C 141 8.96 -37.65 -6.06
CA VAL C 141 9.49 -38.89 -5.48
C VAL C 141 8.50 -39.35 -4.43
N ASP C 142 8.29 -40.67 -4.34
CA ASP C 142 7.34 -41.22 -3.38
C ASP C 142 7.63 -40.92 -1.92
N GLY C 143 8.88 -40.60 -1.60
CA GLY C 143 9.20 -40.31 -0.22
C GLY C 143 10.67 -40.43 0.18
N VAL C 144 10.89 -40.99 1.36
CA VAL C 144 12.23 -41.18 1.92
C VAL C 144 12.59 -42.67 2.00
N TYR C 145 13.82 -43.00 1.63
CA TYR C 145 14.27 -44.39 1.66
C TYR C 145 15.46 -44.56 2.61
N GLU C 146 15.71 -45.80 3.03
CA GLU C 146 16.83 -46.07 3.93
C GLU C 146 18.10 -45.68 3.18
N LYS C 147 18.07 -45.90 1.87
CA LYS C 147 19.19 -45.58 0.98
C LYS C 147 18.51 -45.08 -0.30
N ASP C 148 19.01 -44.01 -0.90
CA ASP C 148 18.39 -43.50 -2.11
C ASP C 148 18.49 -44.57 -3.20
N PRO C 149 17.36 -44.93 -3.83
CA PRO C 149 17.26 -45.94 -4.89
C PRO C 149 18.11 -45.71 -6.15
N ARG C 150 18.95 -44.68 -6.14
CA ARG C 150 19.80 -44.40 -7.29
C ARG C 150 21.26 -44.79 -7.07
N ILE C 151 21.52 -45.44 -5.93
CA ILE C 151 22.88 -45.88 -5.59
C ILE C 151 22.77 -47.21 -4.85
N TYR C 152 21.55 -47.73 -4.76
CA TYR C 152 21.27 -48.99 -4.09
C TYR C 152 19.90 -49.54 -4.50
N ILE C 158 10.90 -46.07 3.92
CA ILE C 158 10.93 -45.45 5.25
C ILE C 158 9.63 -44.70 5.53
N PRO C 159 8.65 -45.40 6.11
CA PRO C 159 7.33 -44.83 6.44
C PRO C 159 7.34 -43.74 7.50
N HIS C 160 8.10 -43.93 8.58
CA HIS C 160 8.16 -42.95 9.65
C HIS C 160 9.60 -42.63 10.05
N LEU C 161 9.85 -41.37 10.43
CA LEU C 161 11.16 -40.93 10.86
C LEU C 161 11.05 -39.63 11.67
N THR C 162 12.17 -39.07 12.10
CA THR C 162 12.12 -37.84 12.89
C THR C 162 13.06 -36.75 12.37
N THR C 163 12.88 -35.54 12.89
CA THR C 163 13.70 -34.41 12.46
C THR C 163 15.17 -34.63 12.72
N GLN C 164 15.53 -34.97 13.96
CA GLN C 164 16.94 -35.23 14.27
C GLN C 164 17.39 -36.46 13.48
N ASP C 165 16.45 -37.35 13.21
CA ASP C 165 16.73 -38.57 12.46
C ASP C 165 17.02 -38.16 11.01
N LEU C 166 16.64 -36.94 10.67
CA LEU C 166 16.84 -36.41 9.32
C LEU C 166 18.18 -35.68 9.22
N ARG C 167 18.66 -35.16 10.35
CA ARG C 167 19.91 -34.43 10.39
C ARG C 167 21.10 -35.39 10.53
N LEU C 183 15.75 -30.77 0.25
CA LEU C 183 14.78 -31.22 1.23
C LEU C 183 14.44 -30.11 2.23
N LEU C 184 15.17 -30.08 3.35
CA LEU C 184 14.92 -29.07 4.37
C LEU C 184 16.16 -28.23 4.67
N ASP C 185 16.00 -26.91 4.58
CA ASP C 185 17.09 -25.98 4.85
C ASP C 185 17.13 -25.72 6.35
N PRO C 186 18.18 -25.01 6.82
CA PRO C 186 18.28 -24.71 8.25
C PRO C 186 17.03 -24.12 8.90
N LEU C 187 16.57 -22.97 8.41
CA LEU C 187 15.38 -22.32 8.97
C LEU C 187 14.17 -23.24 9.07
N ALA C 188 13.92 -24.00 8.01
CA ALA C 188 12.79 -24.94 7.95
C ALA C 188 12.85 -25.93 9.11
N ILE C 189 14.01 -26.55 9.29
CA ILE C 189 14.20 -27.52 10.35
C ILE C 189 13.97 -26.86 11.69
N LYS C 190 14.53 -25.67 11.87
CA LYS C 190 14.36 -24.93 13.11
C LYS C 190 12.88 -24.62 13.40
N ILE C 191 12.15 -24.12 12.40
CA ILE C 191 10.74 -23.79 12.62
C ILE C 191 9.87 -25.02 12.88
N VAL C 192 10.06 -26.06 12.07
CA VAL C 192 9.25 -27.26 12.24
C VAL C 192 9.51 -27.89 13.61
N GLU C 193 10.75 -27.79 14.07
CA GLU C 193 11.11 -28.35 15.36
C GLU C 193 10.53 -27.56 16.52
N ARG C 194 10.67 -26.24 16.47
CA ARG C 194 10.16 -25.40 17.56
C ARG C 194 8.63 -25.32 17.64
N SER C 195 7.95 -25.72 16.59
CA SER C 195 6.47 -25.66 16.59
C SER C 195 5.87 -27.04 16.46
N LYS C 196 6.72 -28.05 16.47
CA LYS C 196 6.29 -29.42 16.36
C LYS C 196 5.28 -29.64 15.24
N ILE C 197 5.74 -29.41 14.02
CA ILE C 197 4.91 -29.59 12.83
C ILE C 197 5.35 -30.87 12.14
N ARG C 198 4.39 -31.76 11.92
CA ARG C 198 4.67 -33.02 11.24
C ARG C 198 4.84 -32.71 9.75
N VAL C 199 5.84 -33.33 9.13
CA VAL C 199 6.10 -33.11 7.72
C VAL C 199 5.88 -34.42 6.99
N ILE C 200 5.03 -34.39 5.97
CA ILE C 200 4.75 -35.59 5.19
C ILE C 200 5.29 -35.44 3.78
N VAL C 201 6.26 -36.30 3.42
CA VAL C 201 6.86 -36.27 2.10
C VAL C 201 6.14 -37.25 1.18
N MET C 202 5.77 -36.80 -0.02
CA MET C 202 5.08 -37.67 -0.95
C MET C 202 5.21 -37.22 -2.41
N ASN C 203 4.66 -38.03 -3.31
CA ASN C 203 4.72 -37.79 -4.75
C ASN C 203 3.50 -36.97 -5.17
N TYR C 204 3.72 -35.80 -5.76
CA TYR C 204 2.60 -34.97 -6.17
C TYR C 204 1.67 -35.70 -7.14
N ARG C 205 2.20 -36.72 -7.81
CA ARG C 205 1.38 -37.49 -8.74
C ARG C 205 0.27 -38.16 -7.95
N LYS C 206 0.55 -38.43 -6.68
CA LYS C 206 -0.42 -39.07 -5.80
C LYS C 206 -1.30 -38.06 -5.07
N LEU C 207 -1.28 -36.81 -5.54
CA LEU C 207 -2.10 -35.78 -4.94
C LEU C 207 -3.57 -36.14 -5.00
N ASN C 208 -3.91 -37.09 -5.87
CA ASN C 208 -5.28 -37.54 -6.03
C ASN C 208 -5.77 -38.29 -4.78
N ARG C 209 -4.83 -38.66 -3.91
CA ARG C 209 -5.16 -39.37 -2.68
C ARG C 209 -4.61 -38.71 -1.44
N ILE C 210 -4.66 -37.37 -1.39
CA ILE C 210 -4.15 -36.63 -0.24
C ILE C 210 -4.93 -36.97 1.02
N ILE C 211 -6.23 -37.22 0.88
CA ILE C 211 -7.03 -37.54 2.04
C ILE C 211 -6.55 -38.84 2.68
N ASP C 212 -6.18 -39.81 1.85
CA ASP C 212 -5.68 -41.08 2.37
C ASP C 212 -4.27 -40.86 2.93
N ILE C 213 -3.45 -40.11 2.19
CA ILE C 213 -2.08 -39.81 2.63
C ILE C 213 -2.12 -39.23 4.03
N LEU C 214 -3.10 -38.37 4.29
CA LEU C 214 -3.26 -37.73 5.60
C LEU C 214 -3.71 -38.71 6.67
N LYS C 215 -4.40 -39.78 6.28
CA LYS C 215 -4.85 -40.78 7.24
C LYS C 215 -3.73 -41.80 7.40
N GLY C 216 -2.85 -41.84 6.42
CA GLY C 216 -1.73 -42.76 6.46
C GLY C 216 -1.93 -44.01 5.63
N GLU C 217 -2.92 -43.99 4.75
CA GLU C 217 -3.21 -45.14 3.91
C GLU C 217 -2.75 -44.99 2.47
N GLU C 218 -1.44 -44.84 2.28
CA GLU C 218 -0.86 -44.69 0.96
C GLU C 218 0.64 -44.43 1.11
N VAL C 219 1.41 -44.74 0.07
CA VAL C 219 2.86 -44.54 0.11
C VAL C 219 3.22 -43.11 0.49
N SER C 220 4.05 -42.95 1.52
CA SER C 220 4.49 -41.65 1.97
C SER C 220 5.43 -41.80 3.16
N SER C 221 6.29 -40.80 3.37
CA SER C 221 7.22 -40.81 4.49
C SER C 221 6.88 -39.65 5.41
N ILE C 222 6.60 -39.97 6.67
CA ILE C 222 6.24 -38.95 7.64
C ILE C 222 7.37 -38.63 8.62
N ILE C 223 7.82 -37.38 8.59
CA ILE C 223 8.89 -36.91 9.48
C ILE C 223 8.29 -36.37 10.77
N GLU C 224 8.82 -36.83 11.90
CA GLU C 224 8.33 -36.42 13.21
C GLU C 224 9.28 -35.45 13.91
N PRO C 225 8.74 -34.35 14.46
CA PRO C 225 9.49 -33.31 15.16
C PRO C 225 10.18 -33.72 16.47
N VAL C 226 11.48 -33.47 16.54
CA VAL C 226 12.30 -33.77 17.71
C VAL C 226 13.54 -32.87 17.71
N MET D 1 14.28 15.47 -24.07
CA MET D 1 14.46 15.43 -22.58
C MET D 1 13.94 14.09 -22.05
N ASN D 2 12.62 13.89 -22.07
CA ASN D 2 12.03 12.64 -21.59
C ASN D 2 11.77 11.66 -22.72
N ILE D 3 12.23 10.44 -22.54
CA ILE D 3 12.05 9.40 -23.55
C ILE D 3 11.59 8.08 -22.93
N ILE D 4 10.79 7.33 -23.67
CA ILE D 4 10.34 6.03 -23.20
C ILE D 4 10.91 4.98 -24.14
N LEU D 5 11.43 3.90 -23.57
CA LEU D 5 12.00 2.82 -24.35
C LEU D 5 11.16 1.57 -24.13
N LYS D 6 10.63 1.00 -25.21
CA LYS D 6 9.83 -0.22 -25.13
C LYS D 6 10.68 -1.38 -25.64
N ILE D 7 10.97 -2.33 -24.77
CA ILE D 7 11.77 -3.49 -25.12
C ILE D 7 10.90 -4.68 -25.46
N SER D 8 10.96 -5.11 -26.71
CA SER D 8 10.19 -6.25 -27.15
C SER D 8 10.43 -7.46 -26.25
N GLY D 9 9.44 -8.33 -26.13
CA GLY D 9 9.60 -9.51 -25.32
C GLY D 9 10.67 -10.43 -25.89
N LYS D 10 10.89 -10.37 -27.21
CA LYS D 10 11.88 -11.21 -27.86
C LYS D 10 13.26 -11.04 -27.21
N PHE D 11 13.58 -9.80 -26.85
CA PHE D 11 14.83 -9.46 -26.21
C PHE D 11 15.15 -10.42 -25.07
N PHE D 12 14.13 -10.82 -24.32
CA PHE D 12 14.31 -11.71 -23.19
C PHE D 12 14.27 -13.20 -23.51
N ASP D 13 14.12 -13.53 -24.79
CA ASP D 13 14.06 -14.92 -25.21
C ASP D 13 15.38 -15.44 -25.77
N GLU D 14 16.36 -14.57 -25.92
CA GLU D 14 17.66 -14.98 -26.47
C GLU D 14 18.60 -15.50 -25.40
N ASP D 15 19.61 -16.26 -25.84
CA ASP D 15 20.61 -16.85 -24.95
C ASP D 15 21.05 -15.99 -23.79
N ASN D 16 21.14 -14.68 -24.02
CA ASN D 16 21.59 -13.76 -22.98
C ASN D 16 20.94 -12.39 -23.06
N VAL D 17 21.24 -11.55 -22.07
CA VAL D 17 20.71 -10.20 -22.01
C VAL D 17 21.87 -9.23 -21.80
N ASP D 18 23.05 -9.66 -22.24
CA ASP D 18 24.27 -8.86 -22.14
C ASP D 18 23.98 -7.44 -22.64
N ASN D 19 22.98 -7.35 -23.51
CA ASN D 19 22.54 -6.09 -24.07
C ASN D 19 22.17 -5.12 -22.95
N LEU D 20 21.84 -5.68 -21.79
CA LEU D 20 21.46 -4.86 -20.64
C LEU D 20 22.66 -4.09 -20.09
N ILE D 21 23.84 -4.71 -20.16
CA ILE D 21 25.05 -4.04 -19.68
C ILE D 21 25.27 -2.87 -20.64
N VAL D 22 24.84 -3.06 -21.87
CA VAL D 22 24.95 -2.02 -22.90
C VAL D 22 23.92 -0.94 -22.58
N LEU D 23 22.65 -1.35 -22.52
CA LEU D 23 21.55 -0.45 -22.20
C LEU D 23 21.92 0.33 -20.94
N ARG D 24 22.57 -0.35 -20.02
CA ARG D 24 22.99 0.27 -18.77
C ARG D 24 23.86 1.48 -19.09
N GLN D 25 24.81 1.31 -20.01
CA GLN D 25 25.67 2.41 -20.36
C GLN D 25 24.89 3.36 -21.27
N SER D 26 24.04 2.79 -22.11
CA SER D 26 23.22 3.63 -22.99
C SER D 26 22.42 4.58 -22.10
N ILE D 27 21.85 4.05 -21.03
CA ILE D 27 21.07 4.86 -20.10
C ILE D 27 21.96 5.87 -19.42
N LYS D 28 23.16 5.46 -19.02
CA LYS D 28 24.10 6.39 -18.39
C LYS D 28 24.39 7.43 -19.45
N GLU D 29 24.59 6.96 -20.69
CA GLU D 29 24.84 7.84 -21.82
C GLU D 29 23.75 8.90 -21.81
N LEU D 30 22.56 8.48 -22.26
CA LEU D 30 21.39 9.34 -22.33
C LEU D 30 21.27 10.21 -21.09
N ALA D 31 21.55 9.62 -19.93
CA ALA D 31 21.48 10.35 -18.67
C ALA D 31 22.37 11.59 -18.69
N ASP D 32 23.67 11.38 -18.88
CA ASP D 32 24.64 12.47 -18.90
C ASP D 32 24.26 13.53 -19.94
N ASN D 33 23.52 13.11 -20.96
CA ASN D 33 23.09 14.01 -22.02
C ASN D 33 21.83 14.77 -21.66
N GLY D 34 21.42 14.67 -20.39
CA GLY D 34 20.23 15.36 -19.93
C GLY D 34 18.94 14.70 -20.36
N PHE D 35 18.96 13.39 -20.52
CA PHE D 35 17.77 12.65 -20.94
C PHE D 35 17.29 11.65 -19.91
N ARG D 36 16.03 11.78 -19.50
CA ARG D 36 15.45 10.84 -18.55
C ARG D 36 14.85 9.72 -19.36
N VAL D 37 14.97 8.51 -18.86
CA VAL D 37 14.44 7.34 -19.55
C VAL D 37 13.48 6.50 -18.72
N GLY D 38 12.41 6.07 -19.38
CA GLY D 38 11.42 5.21 -18.79
C GLY D 38 11.49 3.96 -19.63
N ILE D 39 11.30 2.79 -19.01
CA ILE D 39 11.39 1.53 -19.74
C ILE D 39 10.17 0.64 -19.55
N VAL D 40 9.73 0.00 -20.63
CA VAL D 40 8.61 -0.92 -20.59
C VAL D 40 9.09 -2.23 -21.21
N THR D 41 8.88 -3.33 -20.49
CA THR D 41 9.31 -4.63 -20.97
C THR D 41 8.11 -5.50 -21.36
N GLY D 42 8.28 -6.26 -22.42
CA GLY D 42 7.22 -7.13 -22.90
C GLY D 42 7.27 -8.45 -22.18
N GLY D 43 6.34 -9.35 -22.52
CA GLY D 43 6.28 -10.64 -21.87
C GLY D 43 7.12 -11.75 -22.46
N GLY D 44 7.29 -11.73 -23.77
CA GLY D 44 8.09 -12.75 -24.43
C GLY D 44 7.62 -14.18 -24.22
N SER D 45 8.53 -15.11 -24.48
CA SER D 45 8.25 -16.54 -24.35
C SER D 45 7.67 -16.96 -23.00
N THR D 46 8.14 -16.34 -21.92
CA THR D 46 7.63 -16.69 -20.58
C THR D 46 6.13 -16.45 -20.48
N ALA D 47 5.64 -15.38 -21.11
CA ALA D 47 4.22 -15.07 -21.06
C ALA D 47 3.44 -16.05 -21.93
N ARG D 48 3.94 -16.31 -23.13
CA ARG D 48 3.26 -17.24 -24.03
C ARG D 48 3.20 -18.64 -23.44
N ARG D 49 4.23 -19.00 -22.69
CA ARG D 49 4.32 -20.31 -22.06
C ARG D 49 3.31 -20.47 -20.91
N TYR D 50 3.17 -19.44 -20.07
CA TYR D 50 2.23 -19.52 -18.96
C TYR D 50 0.80 -19.32 -19.44
N ILE D 51 0.61 -18.46 -20.42
CA ILE D 51 -0.72 -18.22 -20.97
C ILE D 51 -1.26 -19.49 -21.61
N LYS D 52 -0.39 -20.22 -22.30
CA LYS D 52 -0.79 -21.45 -22.96
C LYS D 52 -1.13 -22.52 -21.94
N LEU D 53 -0.32 -22.63 -20.90
CA LEU D 53 -0.55 -23.61 -19.85
C LEU D 53 -1.88 -23.31 -19.16
N ALA D 54 -2.09 -22.04 -18.82
CA ALA D 54 -3.33 -21.64 -18.15
C ALA D 54 -4.55 -21.84 -19.04
N ARG D 55 -4.37 -21.70 -20.35
CA ARG D 55 -5.48 -21.87 -21.27
C ARG D 55 -5.87 -23.36 -21.37
N GLU D 56 -4.87 -24.23 -21.33
CA GLU D 56 -5.12 -25.66 -21.41
C GLU D 56 -5.86 -26.21 -20.19
N ILE D 57 -5.96 -25.40 -19.14
CA ILE D 57 -6.67 -25.84 -17.94
C ILE D 57 -7.95 -25.08 -17.70
N GLY D 58 -8.37 -24.28 -18.67
CA GLY D 58 -9.62 -23.55 -18.52
C GLY D 58 -9.62 -22.12 -18.00
N ILE D 59 -8.46 -21.62 -17.57
CA ILE D 59 -8.38 -20.26 -17.05
C ILE D 59 -9.03 -19.25 -18.02
N GLY D 60 -9.76 -18.28 -17.48
CA GLY D 60 -10.43 -17.27 -18.29
C GLY D 60 -9.48 -16.27 -18.91
N GLU D 61 -9.90 -15.63 -20.00
CA GLU D 61 -9.07 -14.65 -20.71
C GLU D 61 -8.48 -13.53 -19.87
N ALA D 62 -9.27 -12.98 -18.94
CA ALA D 62 -8.80 -11.91 -18.07
C ALA D 62 -7.56 -12.36 -17.31
N TYR D 63 -7.63 -13.58 -16.79
CA TYR D 63 -6.54 -14.15 -16.01
C TYR D 63 -5.37 -14.58 -16.87
N LEU D 64 -5.64 -14.91 -18.13
CA LEU D 64 -4.56 -15.26 -19.02
C LEU D 64 -3.73 -13.99 -19.20
N ASP D 65 -4.41 -12.86 -19.44
CA ASP D 65 -3.72 -11.57 -19.62
C ASP D 65 -2.90 -11.19 -18.38
N LEU D 66 -3.46 -11.45 -17.20
CA LEU D 66 -2.78 -11.15 -15.94
C LEU D 66 -1.48 -11.94 -15.84
N LEU D 67 -1.49 -13.18 -16.30
CA LEU D 67 -0.28 -14.00 -16.27
C LEU D 67 0.71 -13.44 -17.28
N GLY D 68 0.22 -12.84 -18.35
CA GLY D 68 1.11 -12.25 -19.34
C GLY D 68 1.75 -11.01 -18.74
N ILE D 69 0.96 -10.30 -17.93
CA ILE D 69 1.41 -9.09 -17.26
C ILE D 69 2.47 -9.44 -16.21
N TRP D 70 2.22 -10.48 -15.41
CA TRP D 70 3.19 -10.87 -14.40
C TRP D 70 4.48 -11.32 -15.08
N ALA D 71 4.38 -11.94 -16.26
CA ALA D 71 5.57 -12.36 -16.97
C ALA D 71 6.35 -11.14 -17.42
N SER D 72 5.63 -10.13 -17.94
CA SER D 72 6.28 -8.91 -18.40
C SER D 72 6.91 -8.19 -17.22
N ARG D 73 6.32 -8.37 -16.04
CA ARG D 73 6.86 -7.75 -14.83
C ARG D 73 8.12 -8.47 -14.39
N LEU D 74 8.20 -9.77 -14.61
CA LEU D 74 9.40 -10.51 -14.22
C LEU D 74 10.57 -9.98 -15.06
N ASN D 75 10.29 -9.62 -16.31
CA ASN D 75 11.31 -9.09 -17.21
C ASN D 75 11.72 -7.70 -16.78
N ALA D 76 10.77 -6.95 -16.22
CA ALA D 76 11.03 -5.61 -15.74
C ALA D 76 11.93 -5.65 -14.50
N TYR D 77 11.76 -6.66 -13.65
CA TYR D 77 12.57 -6.78 -12.46
C TYR D 77 14.00 -7.12 -12.86
N LEU D 78 14.15 -7.96 -13.87
CA LEU D 78 15.46 -8.34 -14.36
C LEU D 78 16.20 -7.07 -14.84
N VAL D 79 15.50 -6.23 -15.60
CA VAL D 79 16.09 -5.01 -16.11
C VAL D 79 16.37 -4.01 -14.99
N MET D 80 15.38 -3.82 -14.13
CA MET D 80 15.54 -2.91 -13.01
C MET D 80 16.77 -3.32 -12.18
N PHE D 81 16.88 -4.61 -11.89
CA PHE D 81 18.00 -5.12 -11.10
C PHE D 81 19.35 -4.87 -11.78
N SER D 82 19.39 -4.84 -13.11
CA SER D 82 20.63 -4.61 -13.82
C SER D 82 20.93 -3.11 -13.86
N LEU D 83 19.96 -2.31 -13.43
CA LEU D 83 20.14 -0.86 -13.44
C LEU D 83 20.27 -0.28 -12.03
N GLN D 84 20.83 -1.05 -11.12
CA GLN D 84 21.02 -0.57 -9.76
C GLN D 84 21.79 0.75 -9.77
N ASP D 85 21.30 1.70 -8.99
CA ASP D 85 21.89 3.05 -8.87
C ASP D 85 21.21 4.03 -9.82
N LEU D 86 20.89 3.57 -11.02
CA LEU D 86 20.24 4.42 -12.01
C LEU D 86 18.71 4.42 -11.92
N ALA D 87 18.14 3.32 -11.42
CA ALA D 87 16.69 3.20 -11.36
C ALA D 87 16.03 3.26 -9.99
N TYR D 88 14.80 3.75 -9.99
CA TYR D 88 14.02 3.80 -8.78
C TYR D 88 13.67 2.31 -8.66
N MET D 89 13.98 1.72 -7.51
CA MET D 89 13.78 0.29 -7.31
C MET D 89 12.36 -0.18 -7.00
N HIS D 90 11.45 0.04 -7.94
CA HIS D 90 10.07 -0.37 -7.77
C HIS D 90 9.40 -0.45 -9.13
N VAL D 91 8.69 -1.54 -9.36
CA VAL D 91 8.00 -1.76 -10.63
C VAL D 91 6.54 -1.38 -10.44
N PRO D 92 6.11 -0.24 -11.01
CA PRO D 92 4.72 0.22 -10.91
C PRO D 92 3.77 -0.72 -11.64
N GLN D 93 2.64 -1.02 -11.02
CA GLN D 93 1.69 -1.94 -11.63
C GLN D 93 0.53 -1.27 -12.34
N SER D 94 0.51 0.06 -12.35
CA SER D 94 -0.55 0.79 -13.02
C SER D 94 0.02 2.13 -13.46
N LEU D 95 -0.70 2.84 -14.32
CA LEU D 95 -0.19 4.12 -14.79
C LEU D 95 -0.09 5.12 -13.66
N GLU D 96 -1.04 5.09 -12.73
CA GLU D 96 -1.02 6.03 -11.60
C GLU D 96 0.22 5.81 -10.74
N GLU D 97 0.58 4.54 -10.51
CA GLU D 97 1.78 4.24 -9.72
C GLU D 97 2.99 4.74 -10.50
N PHE D 98 2.97 4.55 -11.81
CA PHE D 98 4.08 5.00 -12.65
C PHE D 98 4.30 6.49 -12.43
N ILE D 99 3.21 7.25 -12.40
CA ILE D 99 3.32 8.69 -12.22
C ILE D 99 3.99 9.02 -10.89
N GLN D 100 3.72 8.23 -9.85
CA GLN D 100 4.34 8.46 -8.56
C GLN D 100 5.83 8.10 -8.66
N ASP D 101 6.11 6.91 -9.18
CA ASP D 101 7.48 6.45 -9.30
C ASP D 101 8.35 7.38 -10.15
N TRP D 102 7.81 7.81 -11.28
CA TRP D 102 8.51 8.70 -12.20
C TRP D 102 8.88 9.98 -11.46
N SER D 103 8.09 10.27 -10.44
CA SER D 103 8.24 11.46 -9.61
C SER D 103 9.56 11.51 -8.85
N HIS D 104 10.31 10.43 -8.83
CA HIS D 104 11.58 10.39 -8.10
C HIS D 104 12.81 10.83 -8.89
N GLY D 105 12.62 11.25 -10.13
CA GLY D 105 13.77 11.70 -10.92
C GLY D 105 14.71 10.64 -11.46
N LYS D 106 14.46 9.37 -11.17
CA LYS D 106 15.32 8.30 -11.66
C LYS D 106 14.61 7.50 -12.76
N VAL D 107 15.31 6.51 -13.29
CA VAL D 107 14.76 5.64 -14.33
C VAL D 107 13.69 4.72 -13.73
N VAL D 108 12.59 4.54 -14.46
CA VAL D 108 11.50 3.66 -14.02
C VAL D 108 11.31 2.53 -15.03
N VAL D 109 11.21 1.30 -14.52
CA VAL D 109 11.01 0.12 -15.35
C VAL D 109 9.62 -0.46 -15.02
N THR D 110 8.84 -0.75 -16.04
CA THR D 110 7.50 -1.25 -15.82
C THR D 110 7.10 -2.37 -16.76
N GLY D 111 6.16 -3.20 -16.30
CA GLY D 111 5.65 -4.28 -17.11
C GLY D 111 4.23 -3.87 -17.49
N GLY D 112 3.35 -4.83 -17.71
CA GLY D 112 1.98 -4.50 -18.07
C GLY D 112 1.20 -3.86 -16.95
N PHE D 113 0.00 -3.36 -17.29
CA PHE D 113 -0.87 -2.71 -16.32
C PHE D 113 -2.26 -3.33 -16.23
N GLN D 114 -2.89 -3.53 -17.37
CA GLN D 114 -4.28 -3.98 -17.39
C GLN D 114 -4.60 -4.91 -18.56
N PRO D 115 -5.49 -5.90 -18.32
CA PRO D 115 -5.91 -6.87 -19.34
C PRO D 115 -6.54 -6.16 -20.53
N GLY D 116 -6.53 -6.82 -21.69
CA GLY D 116 -7.13 -6.25 -22.88
C GLY D 116 -6.22 -5.38 -23.73
N GLN D 117 -4.94 -5.31 -23.38
CA GLN D 117 -3.99 -4.50 -24.14
C GLN D 117 -2.61 -5.16 -24.07
N SER D 118 -1.65 -4.63 -24.84
CA SER D 118 -0.29 -5.17 -24.84
C SER D 118 0.61 -4.13 -24.16
N THR D 119 1.91 -4.41 -24.04
CA THR D 119 2.82 -3.45 -23.42
C THR D 119 3.06 -2.22 -24.31
N ALA D 120 2.66 -2.27 -25.58
CA ALA D 120 2.82 -1.11 -26.46
C ALA D 120 1.88 -0.01 -25.99
N ALA D 121 0.71 -0.42 -25.50
CA ALA D 121 -0.27 0.53 -24.97
C ALA D 121 0.36 1.12 -23.72
N VAL D 122 1.00 0.27 -22.94
CA VAL D 122 1.65 0.70 -21.71
C VAL D 122 2.70 1.76 -22.02
N ALA D 123 3.59 1.47 -22.95
CA ALA D 123 4.64 2.41 -23.33
C ALA D 123 4.03 3.72 -23.81
N ALA D 124 2.90 3.63 -24.52
CA ALA D 124 2.24 4.84 -25.00
C ALA D 124 1.67 5.65 -23.82
N LEU D 125 0.99 4.97 -22.90
CA LEU D 125 0.40 5.62 -21.73
C LEU D 125 1.49 6.28 -20.87
N VAL D 126 2.59 5.57 -20.69
CA VAL D 126 3.71 6.04 -19.90
C VAL D 126 4.44 7.21 -20.58
N ALA D 127 4.55 7.15 -21.90
CA ALA D 127 5.19 8.22 -22.64
C ALA D 127 4.34 9.48 -22.48
N GLU D 128 3.02 9.30 -22.48
CA GLU D 128 2.10 10.43 -22.35
C GLU D 128 2.16 11.05 -20.95
N ALA D 129 2.16 10.19 -19.92
CA ALA D 129 2.19 10.65 -18.55
C ALA D 129 3.51 11.35 -18.20
N SER D 130 4.59 10.93 -18.82
CA SER D 130 5.90 11.51 -18.55
C SER D 130 6.26 12.63 -19.52
N SER D 131 5.29 13.03 -20.33
CA SER D 131 5.51 14.09 -21.32
C SER D 131 6.66 13.75 -22.26
N SER D 132 6.80 12.47 -22.58
CA SER D 132 7.84 12.05 -23.50
C SER D 132 7.24 12.27 -24.89
N LYS D 133 7.96 13.01 -25.74
CA LYS D 133 7.48 13.27 -27.09
C LYS D 133 8.03 12.20 -28.04
N THR D 134 8.84 11.30 -27.50
CA THR D 134 9.43 10.26 -28.31
C THR D 134 9.39 8.90 -27.62
N LEU D 135 8.87 7.90 -28.34
CA LEU D 135 8.79 6.55 -27.83
C LEU D 135 9.66 5.69 -28.73
N VAL D 136 10.63 5.00 -28.14
CA VAL D 136 11.52 4.16 -28.91
C VAL D 136 11.14 2.70 -28.71
N VAL D 137 10.72 2.04 -29.79
CA VAL D 137 10.37 0.63 -29.72
C VAL D 137 11.55 -0.19 -30.23
N ALA D 138 12.13 -0.98 -29.34
CA ALA D 138 13.27 -1.81 -29.67
C ALA D 138 12.84 -3.25 -29.88
N THR D 139 12.97 -3.72 -31.12
CA THR D 139 12.61 -5.08 -31.45
C THR D 139 13.80 -5.76 -32.11
N ASN D 140 13.61 -6.98 -32.60
CA ASN D 140 14.71 -7.73 -33.18
C ASN D 140 14.97 -7.51 -34.69
N VAL D 141 14.51 -6.37 -35.22
CA VAL D 141 14.73 -6.04 -36.62
C VAL D 141 15.09 -4.57 -36.75
N ASP D 142 15.79 -4.21 -37.81
CA ASP D 142 16.24 -2.84 -38.02
C ASP D 142 15.14 -1.77 -38.13
N GLY D 143 13.92 -2.17 -38.44
CA GLY D 143 12.84 -1.21 -38.55
C GLY D 143 11.67 -1.74 -39.38
N VAL D 144 10.92 -0.84 -40.00
CA VAL D 144 9.78 -1.20 -40.84
C VAL D 144 10.20 -1.23 -42.32
N TYR D 145 9.99 -2.36 -42.99
CA TYR D 145 10.35 -2.50 -44.40
C TYR D 145 9.16 -2.28 -45.35
N GLU D 146 9.44 -1.78 -46.55
CA GLU D 146 8.38 -1.52 -47.53
C GLU D 146 7.54 -2.76 -47.83
N LYS D 147 8.14 -3.93 -47.67
CA LYS D 147 7.47 -5.21 -47.88
C LYS D 147 7.94 -6.20 -46.83
N ASP D 148 7.08 -7.15 -46.47
CA ASP D 148 7.42 -8.15 -45.46
C ASP D 148 8.72 -8.85 -45.83
N PRO D 149 9.76 -8.70 -44.98
CA PRO D 149 11.07 -9.31 -45.22
C PRO D 149 10.98 -10.80 -45.55
N ARG D 150 11.05 -11.62 -44.51
CA ARG D 150 10.99 -13.08 -44.62
C ARG D 150 10.15 -13.61 -45.79
N ILE D 151 9.12 -12.87 -46.20
CA ILE D 151 8.29 -13.30 -47.32
C ILE D 151 8.94 -12.91 -48.66
N TYR D 152 9.13 -11.61 -48.88
CA TYR D 152 9.72 -11.12 -50.12
C TYR D 152 11.22 -10.84 -50.04
N ALA D 153 11.96 -11.34 -51.02
CA ALA D 153 13.40 -11.17 -51.09
C ALA D 153 13.84 -9.71 -51.09
N ASP D 154 15.06 -9.47 -50.60
CA ASP D 154 15.66 -8.13 -50.53
C ASP D 154 14.67 -6.98 -50.54
N VAL D 155 14.35 -6.48 -49.36
CA VAL D 155 13.44 -5.37 -49.23
C VAL D 155 14.18 -4.21 -48.55
N LYS D 156 13.68 -3.00 -48.76
CA LYS D 156 14.30 -1.80 -48.19
C LYS D 156 13.52 -1.30 -46.98
N LEU D 157 14.18 -0.49 -46.16
CA LEU D 157 13.55 0.08 -44.97
C LEU D 157 12.77 1.34 -45.25
N ILE D 158 11.61 1.47 -44.63
CA ILE D 158 10.79 2.66 -44.79
C ILE D 158 11.30 3.69 -43.77
N PRO D 159 11.82 4.83 -44.25
CA PRO D 159 12.34 5.89 -43.36
C PRO D 159 11.29 6.42 -42.39
N HIS D 160 10.04 6.39 -42.82
CA HIS D 160 8.94 6.82 -41.97
C HIS D 160 7.57 6.50 -42.55
N LEU D 161 6.59 6.44 -41.66
CA LEU D 161 5.22 6.17 -42.03
C LEU D 161 4.35 6.87 -41.00
N THR D 162 3.04 6.72 -41.11
CA THR D 162 2.15 7.37 -40.17
C THR D 162 1.40 6.32 -39.37
N THR D 163 0.73 6.76 -38.32
CA THR D 163 -0.03 5.85 -37.48
C THR D 163 -1.18 5.27 -38.28
N GLN D 164 -1.68 6.02 -39.25
CA GLN D 164 -2.78 5.57 -40.08
C GLN D 164 -2.49 4.21 -40.73
N ASP D 165 -1.20 3.92 -40.93
CA ASP D 165 -0.79 2.66 -41.55
C ASP D 165 -0.89 1.51 -40.56
N LEU D 166 -0.52 1.78 -39.31
CA LEU D 166 -0.57 0.76 -38.27
C LEU D 166 -1.99 0.23 -38.12
N ARG D 167 -2.97 1.08 -38.42
CA ARG D 167 -4.36 0.67 -38.33
C ARG D 167 -4.83 0.09 -39.65
N LYS D 168 -4.12 0.40 -40.73
CA LYS D 168 -4.48 -0.14 -42.04
C LYS D 168 -4.09 -1.61 -42.00
N ILE D 169 -3.26 -1.95 -41.02
CA ILE D 169 -2.82 -3.33 -40.83
C ILE D 169 -3.89 -4.03 -39.98
N LEU D 170 -4.23 -3.41 -38.86
CA LEU D 170 -5.22 -3.97 -37.94
C LEU D 170 -6.53 -4.31 -38.67
N GLU D 171 -6.71 -3.74 -39.86
CA GLU D 171 -7.90 -4.01 -40.65
C GLU D 171 -7.68 -5.31 -41.40
N GLY D 172 -6.56 -5.38 -42.11
CA GLY D 172 -6.23 -6.56 -42.88
C GLY D 172 -5.83 -6.18 -44.30
N SER D 173 -5.75 -4.88 -44.55
CA SER D 173 -5.38 -4.37 -45.87
C SER D 173 -3.89 -4.08 -45.99
N GLN D 174 -3.13 -4.44 -44.96
CA GLN D 174 -1.68 -4.22 -44.95
C GLN D 174 -1.05 -5.29 -44.05
N SER D 175 -0.31 -6.20 -44.66
CA SER D 175 0.32 -7.30 -43.93
C SER D 175 1.20 -6.84 -42.77
N VAL D 176 1.04 -7.49 -41.62
CA VAL D 176 1.83 -7.16 -40.45
C VAL D 176 3.30 -7.39 -40.79
N GLN D 177 4.17 -7.09 -39.86
CA GLN D 177 5.60 -7.26 -40.09
C GLN D 177 6.32 -7.14 -38.75
N ALA D 178 7.41 -7.88 -38.60
CA ALA D 178 8.20 -7.82 -37.37
C ALA D 178 8.75 -6.41 -37.31
N GLY D 179 8.21 -5.60 -36.39
CA GLY D 179 8.64 -4.22 -36.28
C GLY D 179 7.41 -3.34 -36.29
N THR D 180 6.35 -3.85 -36.90
CA THR D 180 5.09 -3.13 -36.99
C THR D 180 4.13 -3.86 -36.04
N TYR D 181 4.41 -5.13 -35.82
CA TYR D 181 3.63 -5.99 -34.95
C TYR D 181 3.72 -5.48 -33.51
N GLU D 182 4.89 -4.98 -33.15
CA GLU D 182 5.16 -4.45 -31.81
C GLU D 182 4.29 -3.26 -31.45
N LEU D 183 3.51 -2.76 -32.40
CA LEU D 183 2.69 -1.58 -32.14
C LEU D 183 1.23 -1.70 -32.53
N LEU D 184 0.79 -2.91 -32.86
CA LEU D 184 -0.59 -3.12 -33.26
C LEU D 184 -1.54 -3.14 -32.05
N ASP D 185 -1.79 -1.97 -31.48
CA ASP D 185 -2.68 -1.85 -30.33
C ASP D 185 -3.43 -0.54 -30.47
N PRO D 186 -4.77 -0.61 -30.56
CA PRO D 186 -5.62 0.58 -30.69
C PRO D 186 -5.42 1.64 -29.62
N LEU D 187 -5.27 1.22 -28.37
CA LEU D 187 -5.05 2.20 -27.31
C LEU D 187 -3.71 2.90 -27.52
N ALA D 188 -2.70 2.13 -27.89
CA ALA D 188 -1.38 2.69 -28.15
C ALA D 188 -1.50 3.75 -29.24
N ILE D 189 -2.17 3.39 -30.33
CA ILE D 189 -2.35 4.30 -31.46
C ILE D 189 -3.15 5.52 -31.04
N LYS D 190 -4.24 5.30 -30.31
CA LYS D 190 -5.06 6.41 -29.85
C LYS D 190 -4.25 7.37 -28.99
N ILE D 191 -3.41 6.81 -28.10
CA ILE D 191 -2.61 7.64 -27.21
C ILE D 191 -1.51 8.42 -27.95
N VAL D 192 -0.77 7.76 -28.84
CA VAL D 192 0.30 8.47 -29.56
C VAL D 192 -0.30 9.54 -30.44
N GLU D 193 -1.50 9.29 -30.96
CA GLU D 193 -2.11 10.29 -31.80
C GLU D 193 -2.61 11.49 -31.01
N ARG D 194 -3.37 11.25 -29.95
CA ARG D 194 -3.91 12.36 -29.19
C ARG D 194 -2.84 13.19 -28.49
N SER D 195 -1.71 12.57 -28.20
CA SER D 195 -0.61 13.28 -27.55
C SER D 195 0.50 13.60 -28.52
N LYS D 196 0.32 13.15 -29.76
CA LYS D 196 1.30 13.39 -30.82
C LYS D 196 2.69 12.94 -30.39
N ILE D 197 2.80 11.65 -30.10
CA ILE D 197 4.06 11.07 -29.70
C ILE D 197 4.71 10.40 -30.90
N ARG D 198 5.92 10.83 -31.19
CA ARG D 198 6.67 10.28 -32.30
C ARG D 198 7.15 8.89 -31.89
N VAL D 199 7.08 7.93 -32.79
CA VAL D 199 7.52 6.58 -32.47
C VAL D 199 8.68 6.16 -33.36
N ILE D 200 9.74 5.61 -32.75
CA ILE D 200 10.89 5.16 -33.51
C ILE D 200 11.07 3.67 -33.33
N VAL D 201 10.96 2.93 -34.42
CA VAL D 201 11.12 1.48 -34.40
C VAL D 201 12.56 1.15 -34.78
N MET D 202 13.24 0.41 -33.92
CA MET D 202 14.62 0.04 -34.19
C MET D 202 14.99 -1.33 -33.62
N ASN D 203 16.23 -1.73 -33.91
CA ASN D 203 16.76 -3.03 -33.48
C ASN D 203 17.37 -2.89 -32.08
N TYR D 204 17.02 -3.81 -31.18
CA TYR D 204 17.56 -3.71 -29.83
C TYR D 204 19.03 -4.09 -29.75
N ARG D 205 19.62 -4.46 -30.88
CA ARG D 205 21.03 -4.79 -30.90
C ARG D 205 21.80 -3.50 -31.14
N LYS D 206 21.06 -2.42 -31.38
CA LYS D 206 21.65 -1.11 -31.63
C LYS D 206 21.46 -0.14 -30.47
N LEU D 207 21.08 -0.66 -29.31
CA LEU D 207 20.88 0.19 -28.14
C LEU D 207 22.11 1.04 -27.88
N ASN D 208 23.28 0.47 -28.14
CA ASN D 208 24.55 1.17 -27.93
C ASN D 208 24.61 2.43 -28.79
N ARG D 209 23.69 2.53 -29.75
CA ARG D 209 23.66 3.66 -30.65
C ARG D 209 22.32 4.38 -30.59
N ILE D 210 21.61 4.22 -29.49
CA ILE D 210 20.30 4.84 -29.37
C ILE D 210 20.37 6.36 -29.48
N ILE D 211 21.48 6.96 -29.08
CA ILE D 211 21.60 8.41 -29.20
C ILE D 211 21.67 8.79 -30.68
N ASP D 212 22.42 8.01 -31.45
CA ASP D 212 22.54 8.25 -32.88
C ASP D 212 21.13 8.17 -33.46
N ILE D 213 20.36 7.19 -32.97
CA ILE D 213 18.99 6.96 -33.40
C ILE D 213 18.18 8.25 -33.20
N LEU D 214 18.16 8.74 -31.96
CA LEU D 214 17.43 9.93 -31.62
C LEU D 214 17.85 11.13 -32.46
N LYS D 215 19.07 11.09 -33.00
CA LYS D 215 19.58 12.16 -33.82
C LYS D 215 19.21 11.89 -35.28
N GLY D 216 19.44 10.66 -35.71
CA GLY D 216 19.13 10.28 -37.08
C GLY D 216 20.35 9.69 -37.75
N GLU D 217 21.46 9.63 -37.01
CA GLU D 217 22.71 9.09 -37.52
C GLU D 217 22.71 7.56 -37.50
N GLU D 218 21.53 6.94 -37.51
CA GLU D 218 21.48 5.49 -37.48
C GLU D 218 20.18 4.93 -38.04
N VAL D 219 20.26 3.72 -38.59
CA VAL D 219 19.11 3.05 -39.18
C VAL D 219 17.93 2.80 -38.24
N SER D 220 16.72 3.05 -38.75
CA SER D 220 15.48 2.87 -38.02
C SER D 220 14.33 3.45 -38.84
N SER D 221 13.11 3.30 -38.35
CA SER D 221 11.93 3.83 -39.04
C SER D 221 11.15 4.70 -38.07
N ILE D 222 10.62 5.81 -38.56
CA ILE D 222 9.87 6.71 -37.73
C ILE D 222 8.38 6.64 -38.05
N ILE D 223 7.57 6.48 -37.00
CA ILE D 223 6.13 6.44 -37.18
C ILE D 223 5.62 7.76 -36.63
N GLU D 224 5.13 8.58 -37.55
CA GLU D 224 4.63 9.90 -37.23
C GLU D 224 3.12 9.86 -36.94
N PRO D 225 2.70 10.42 -35.80
CA PRO D 225 1.29 10.44 -35.42
C PRO D 225 0.47 11.41 -36.27
N VAL D 226 -0.71 10.96 -36.70
CA VAL D 226 -1.59 11.78 -37.53
C VAL D 226 -3.06 11.57 -37.14
N MET E 1 13.42 27.43 4.99
CA MET E 1 12.18 27.64 5.78
C MET E 1 11.00 26.91 5.11
N ASN E 2 10.24 26.19 5.93
CA ASN E 2 9.09 25.46 5.42
C ASN E 2 7.83 26.25 5.73
N ILE E 3 6.87 26.20 4.81
CA ILE E 3 5.63 26.91 4.99
C ILE E 3 4.49 26.09 4.39
N ILE E 4 3.31 26.19 4.98
CA ILE E 4 2.16 25.46 4.49
C ILE E 4 1.14 26.46 3.97
N LEU E 5 0.48 26.09 2.89
CA LEU E 5 -0.52 26.94 2.27
C LEU E 5 -1.84 26.20 2.25
N LYS E 6 -2.84 26.71 2.96
CA LYS E 6 -4.15 26.09 2.96
C LYS E 6 -5.01 26.85 1.96
N ILE E 7 -5.45 26.17 0.91
CA ILE E 7 -6.31 26.78 -0.10
C ILE E 7 -7.78 26.51 0.22
N SER E 8 -8.51 27.57 0.55
CA SER E 8 -9.93 27.43 0.86
C SER E 8 -10.71 26.72 -0.25
N GLY E 9 -11.79 26.05 0.14
CA GLY E 9 -12.63 25.37 -0.82
C GLY E 9 -13.27 26.31 -1.83
N LYS E 10 -13.56 27.54 -1.42
CA LYS E 10 -14.18 28.52 -2.31
C LYS E 10 -13.32 28.76 -3.56
N PHE E 11 -12.01 28.59 -3.41
CA PHE E 11 -11.05 28.76 -4.49
C PHE E 11 -11.42 27.87 -5.66
N PHE E 12 -12.00 26.70 -5.37
CA PHE E 12 -12.36 25.77 -6.43
C PHE E 12 -13.80 25.88 -6.91
N ASP E 13 -14.57 26.81 -6.35
CA ASP E 13 -15.95 26.97 -6.76
C ASP E 13 -16.12 28.02 -7.85
N GLU E 14 -15.06 28.76 -8.13
CA GLU E 14 -15.11 29.78 -9.18
C GLU E 14 -14.91 29.09 -10.52
N ASP E 15 -14.59 29.85 -11.56
CA ASP E 15 -14.39 29.23 -12.88
C ASP E 15 -12.95 29.17 -13.38
N ASN E 16 -11.98 29.17 -12.46
CA ASN E 16 -10.58 29.07 -12.86
C ASN E 16 -9.64 28.98 -11.67
N VAL E 22 -3.32 28.25 -10.71
CA VAL E 22 -3.47 29.68 -10.47
C VAL E 22 -2.57 30.08 -9.31
N LEU E 23 -1.94 29.08 -8.71
CA LEU E 23 -1.04 29.24 -7.57
C LEU E 23 0.36 28.81 -7.99
N ARG E 24 0.44 28.14 -9.14
CA ARG E 24 1.70 27.65 -9.68
C ARG E 24 2.74 28.77 -9.67
N GLN E 25 2.24 29.99 -9.83
CA GLN E 25 3.06 31.19 -9.86
C GLN E 25 3.90 31.40 -8.61
N SER E 26 3.23 31.61 -7.48
CA SER E 26 3.92 31.85 -6.22
C SER E 26 4.84 30.71 -5.75
N ILE E 27 4.41 29.47 -5.97
CA ILE E 27 5.25 28.34 -5.54
C ILE E 27 6.66 28.45 -6.10
N LYS E 28 6.76 28.81 -7.37
CA LYS E 28 8.07 28.97 -8.00
C LYS E 28 8.86 30.06 -7.27
N GLU E 29 8.17 31.15 -6.93
CA GLU E 29 8.79 32.26 -6.22
C GLU E 29 9.24 31.81 -4.83
N LEU E 30 8.30 31.34 -4.03
CA LEU E 30 8.60 30.87 -2.68
C LEU E 30 9.79 29.93 -2.75
N ALA E 31 9.75 29.01 -3.70
CA ALA E 31 10.82 28.05 -3.90
C ALA E 31 12.17 28.76 -4.05
N ASP E 32 12.22 29.72 -4.96
CA ASP E 32 13.44 30.46 -5.23
C ASP E 32 13.95 31.28 -4.04
N ASN E 33 13.07 31.56 -3.08
CA ASN E 33 13.47 32.31 -1.90
C ASN E 33 13.89 31.40 -0.77
N GLY E 34 14.13 30.13 -1.12
CA GLY E 34 14.56 29.15 -0.13
C GLY E 34 13.43 28.58 0.71
N PHE E 35 12.22 28.57 0.15
CA PHE E 35 11.07 28.02 0.86
C PHE E 35 10.56 26.72 0.29
N ARG E 36 10.26 25.77 1.17
CA ARG E 36 9.68 24.51 0.75
C ARG E 36 8.19 24.75 1.00
N VAL E 37 7.34 24.28 0.12
CA VAL E 37 5.92 24.50 0.29
C VAL E 37 5.09 23.23 0.36
N GLY E 38 4.13 23.23 1.27
CA GLY E 38 3.20 22.13 1.44
C GLY E 38 1.84 22.76 1.18
N ILE E 39 0.93 22.04 0.54
CA ILE E 39 -0.38 22.58 0.22
C ILE E 39 -1.55 21.70 0.66
N VAL E 40 -2.57 22.32 1.23
CA VAL E 40 -3.78 21.62 1.68
C VAL E 40 -4.97 22.27 0.99
N THR E 41 -5.86 21.46 0.43
CA THR E 41 -7.03 22.01 -0.27
C THR E 41 -8.34 21.67 0.44
N GLY E 42 -9.23 22.66 0.52
CA GLY E 42 -10.52 22.45 1.15
C GLY E 42 -11.45 21.67 0.23
N GLY E 43 -12.65 21.36 0.71
CA GLY E 43 -13.61 20.59 -0.09
C GLY E 43 -14.54 21.39 -1.00
N GLY E 44 -14.87 22.61 -0.60
CA GLY E 44 -15.73 23.46 -1.41
C GLY E 44 -17.13 22.97 -1.68
N SER E 45 -17.71 23.46 -2.78
CA SER E 45 -19.06 23.12 -3.16
C SER E 45 -19.23 21.64 -3.50
N THR E 46 -18.18 21.02 -4.03
CA THR E 46 -18.28 19.62 -4.37
C THR E 46 -18.54 18.82 -3.09
N ALA E 47 -17.87 19.20 -2.00
CA ALA E 47 -18.06 18.48 -0.74
C ALA E 47 -19.47 18.70 -0.19
N ARG E 48 -19.93 19.94 -0.17
CA ARG E 48 -21.26 20.24 0.34
C ARG E 48 -22.34 19.53 -0.46
N ARG E 49 -22.14 19.44 -1.77
CA ARG E 49 -23.10 18.77 -2.63
C ARG E 49 -23.17 17.27 -2.31
N TYR E 50 -22.02 16.62 -2.15
CA TYR E 50 -22.01 15.21 -1.85
C TYR E 50 -22.47 14.89 -0.43
N ILE E 51 -22.18 15.77 0.52
CA ILE E 51 -22.61 15.57 1.90
C ILE E 51 -24.14 15.70 1.98
N LYS E 52 -24.68 16.71 1.32
CA LYS E 52 -26.13 16.93 1.30
C LYS E 52 -26.83 15.72 0.69
N LEU E 53 -26.34 15.30 -0.48
CA LEU E 53 -26.89 14.15 -1.20
C LEU E 53 -26.94 12.93 -0.28
N ALA E 54 -25.80 12.64 0.36
CA ALA E 54 -25.67 11.50 1.26
C ALA E 54 -26.53 11.62 2.51
N ARG E 55 -26.59 12.82 3.07
CA ARG E 55 -27.38 13.05 4.27
C ARG E 55 -28.86 12.78 3.99
N GLU E 56 -29.33 13.27 2.85
CA GLU E 56 -30.73 13.09 2.47
C GLU E 56 -31.18 11.63 2.48
N ILE E 57 -30.28 10.71 2.15
CA ILE E 57 -30.66 9.30 2.14
C ILE E 57 -30.30 8.59 3.44
N GLY E 58 -29.91 9.38 4.45
CA GLY E 58 -29.58 8.83 5.75
C GLY E 58 -28.18 8.32 6.07
N ILE E 59 -27.18 8.70 5.27
CA ILE E 59 -25.81 8.24 5.51
C ILE E 59 -25.20 8.82 6.78
N GLY E 60 -24.62 7.94 7.59
CA GLY E 60 -24.00 8.34 8.84
C GLY E 60 -22.94 9.43 8.76
N GLU E 61 -22.80 10.17 9.86
CA GLU E 61 -21.87 11.28 9.98
C GLU E 61 -20.41 11.00 9.62
N ALA E 62 -19.92 9.82 9.99
CA ALA E 62 -18.55 9.47 9.70
C ALA E 62 -18.31 9.44 8.20
N TYR E 63 -19.29 8.87 7.48
CA TYR E 63 -19.22 8.73 6.06
C TYR E 63 -19.48 10.04 5.34
N LEU E 64 -20.22 10.94 5.98
CA LEU E 64 -20.47 12.23 5.35
C LEU E 64 -19.14 12.95 5.35
N ASP E 65 -18.38 12.82 6.44
CA ASP E 65 -17.06 13.45 6.55
C ASP E 65 -16.11 12.87 5.50
N LEU E 66 -16.16 11.55 5.32
CA LEU E 66 -15.32 10.87 4.35
C LEU E 66 -15.60 11.40 2.93
N LEU E 67 -16.86 11.68 2.62
CA LEU E 67 -17.22 12.21 1.32
C LEU E 67 -16.61 13.61 1.22
N GLY E 68 -16.67 14.36 2.31
CA GLY E 68 -16.09 15.69 2.32
C GLY E 68 -14.59 15.58 2.08
N ILE E 69 -13.98 14.57 2.67
CA ILE E 69 -12.54 14.35 2.51
C ILE E 69 -12.17 14.01 1.07
N TRP E 70 -12.89 13.08 0.46
CA TRP E 70 -12.62 12.72 -0.92
C TRP E 70 -12.79 13.91 -1.84
N ALA E 71 -13.80 14.74 -1.58
CA ALA E 71 -13.99 15.93 -2.41
C ALA E 71 -12.75 16.80 -2.26
N SER E 72 -12.21 16.91 -1.04
CA SER E 72 -11.01 17.73 -0.82
C SER E 72 -9.81 17.12 -1.55
N ARG E 73 -9.81 15.79 -1.70
CA ARG E 73 -8.73 15.11 -2.41
C ARG E 73 -8.82 15.33 -3.91
N LEU E 74 -10.05 15.45 -4.43
CA LEU E 74 -10.24 15.69 -5.86
C LEU E 74 -9.59 17.04 -6.18
N ASN E 75 -9.77 18.02 -5.29
CA ASN E 75 -9.18 19.34 -5.46
C ASN E 75 -7.67 19.29 -5.30
N ALA E 76 -7.18 18.38 -4.45
CA ALA E 76 -5.76 18.22 -4.24
C ALA E 76 -5.10 17.70 -5.51
N TYR E 77 -5.72 16.72 -6.14
CA TYR E 77 -5.18 16.17 -7.38
C TYR E 77 -5.17 17.23 -8.47
N LEU E 78 -6.21 18.04 -8.52
CA LEU E 78 -6.28 19.11 -9.51
C LEU E 78 -5.08 20.02 -9.33
N VAL E 79 -4.85 20.44 -8.09
CA VAL E 79 -3.72 21.31 -7.79
C VAL E 79 -2.39 20.61 -8.08
N MET E 80 -2.28 19.37 -7.64
CA MET E 80 -1.05 18.62 -7.86
C MET E 80 -0.74 18.47 -9.35
N PHE E 81 -1.76 18.16 -10.15
CA PHE E 81 -1.56 17.97 -11.58
C PHE E 81 -1.10 19.25 -12.26
N SER E 82 -1.52 20.39 -11.73
CA SER E 82 -1.12 21.66 -12.31
C SER E 82 0.27 22.05 -11.80
N LEU E 83 0.80 21.28 -10.84
CA LEU E 83 2.12 21.58 -10.29
C LEU E 83 3.18 20.56 -10.70
N GLN E 84 2.87 19.74 -11.70
CA GLN E 84 3.81 18.72 -12.16
C GLN E 84 5.27 19.16 -12.21
N ASP E 85 6.14 18.30 -11.72
CA ASP E 85 7.59 18.51 -11.67
C ASP E 85 8.03 19.23 -10.41
N LEU E 86 7.20 20.13 -9.92
CA LEU E 86 7.53 20.84 -8.70
C LEU E 86 7.02 20.00 -7.53
N ALA E 87 6.03 19.15 -7.81
CA ALA E 87 5.43 18.35 -6.76
C ALA E 87 5.66 16.86 -6.82
N TYR E 88 5.71 16.25 -5.64
CA TYR E 88 5.85 14.81 -5.54
C TYR E 88 4.47 14.37 -5.98
N MET E 89 4.38 13.41 -6.89
CA MET E 89 3.07 12.98 -7.40
C MET E 89 2.36 11.93 -6.56
N HIS E 90 1.86 12.33 -5.40
CA HIS E 90 1.10 11.44 -4.54
C HIS E 90 0.37 12.30 -3.54
N VAL E 91 -0.90 12.00 -3.29
CA VAL E 91 -1.67 12.76 -2.32
C VAL E 91 -1.73 11.91 -1.05
N PRO E 92 -1.07 12.36 0.03
CA PRO E 92 -1.07 11.59 1.29
C PRO E 92 -2.44 11.60 1.92
N GLN E 93 -2.86 10.47 2.47
CA GLN E 93 -4.18 10.38 3.06
C GLN E 93 -4.18 10.43 4.58
N SER E 94 -3.00 10.58 5.16
CA SER E 94 -2.86 10.66 6.62
C SER E 94 -1.64 11.51 6.94
N LEU E 95 -1.54 11.98 8.17
CA LEU E 95 -0.39 12.77 8.54
C LEU E 95 0.88 11.94 8.38
N GLU E 96 0.79 10.65 8.70
CA GLU E 96 1.93 9.73 8.58
C GLU E 96 2.38 9.61 7.14
N GLU E 97 1.43 9.51 6.21
CA GLU E 97 1.77 9.43 4.79
C GLU E 97 2.36 10.76 4.37
N PHE E 98 1.87 11.85 4.96
CA PHE E 98 2.39 13.15 4.60
C PHE E 98 3.87 13.25 4.97
N ILE E 99 4.21 12.75 6.15
CA ILE E 99 5.58 12.78 6.63
C ILE E 99 6.51 12.08 5.64
N GLN E 100 6.06 10.92 5.14
CA GLN E 100 6.86 10.17 4.19
C GLN E 100 6.98 10.97 2.88
N ASP E 101 5.84 11.46 2.38
CA ASP E 101 5.82 12.22 1.14
C ASP E 101 6.70 13.46 1.20
N TRP E 102 6.58 14.23 2.27
CA TRP E 102 7.35 15.45 2.49
C TRP E 102 8.85 15.17 2.45
N SER E 103 9.20 13.93 2.74
CA SER E 103 10.58 13.46 2.78
C SER E 103 11.30 13.49 1.42
N HIS E 104 10.55 13.56 0.32
CA HIS E 104 11.19 13.59 -1.00
C HIS E 104 11.73 14.95 -1.42
N GLY E 105 11.52 15.98 -0.59
CA GLY E 105 12.02 17.30 -0.90
C GLY E 105 11.26 18.15 -1.91
N LYS E 106 10.10 17.66 -2.34
CA LYS E 106 9.28 18.39 -3.32
C LYS E 106 8.01 18.91 -2.67
N VAL E 107 7.22 19.65 -3.44
CA VAL E 107 5.96 20.19 -2.93
C VAL E 107 5.00 19.04 -2.72
N VAL E 108 4.23 19.10 -1.64
CA VAL E 108 3.27 18.05 -1.36
C VAL E 108 1.87 18.65 -1.28
N VAL E 109 0.92 18.05 -1.98
CA VAL E 109 -0.45 18.53 -1.95
C VAL E 109 -1.30 17.50 -1.24
N THR E 110 -2.13 17.96 -0.32
CA THR E 110 -2.95 17.03 0.44
C THR E 110 -4.37 17.55 0.65
N GLY E 111 -5.27 16.62 0.99
CA GLY E 111 -6.65 16.94 1.28
C GLY E 111 -6.91 16.54 2.73
N GLY E 112 -8.12 16.08 3.04
CA GLY E 112 -8.41 15.69 4.41
C GLY E 112 -7.80 14.38 4.87
N PHE E 113 -7.78 14.17 6.19
CA PHE E 113 -7.23 12.95 6.78
C PHE E 113 -8.23 12.12 7.56
N GLN E 114 -8.92 12.77 8.49
CA GLN E 114 -9.80 12.04 9.38
C GLN E 114 -11.11 12.73 9.71
N PRO E 115 -12.19 11.95 9.87
CA PRO E 115 -13.52 12.49 10.20
C PRO E 115 -13.51 13.29 11.50
N GLY E 116 -14.41 14.26 11.59
CA GLY E 116 -14.52 15.08 12.78
C GLY E 116 -13.65 16.32 12.83
N GLN E 117 -13.02 16.67 11.71
CA GLN E 117 -12.15 17.85 11.68
C GLN E 117 -12.27 18.51 10.31
N SER E 118 -11.67 19.68 10.13
CA SER E 118 -11.70 20.38 8.85
C SER E 118 -10.29 20.34 8.24
N THR E 119 -10.14 20.82 7.02
CA THR E 119 -8.82 20.81 6.41
C THR E 119 -7.93 21.82 7.13
N ALA E 120 -8.55 22.70 7.91
CA ALA E 120 -7.79 23.67 8.69
C ALA E 120 -6.95 22.87 9.70
N ALA E 121 -7.56 21.82 10.24
CA ALA E 121 -6.88 20.95 11.20
C ALA E 121 -5.72 20.26 10.50
N VAL E 122 -6.00 19.76 9.30
CA VAL E 122 -4.99 19.08 8.48
C VAL E 122 -3.82 20.04 8.22
N ALA E 123 -4.14 21.27 7.85
CA ALA E 123 -3.11 22.27 7.57
C ALA E 123 -2.22 22.50 8.81
N ALA E 124 -2.84 22.50 9.98
CA ALA E 124 -2.11 22.70 11.23
C ALA E 124 -1.17 21.52 11.53
N LEU E 125 -1.68 20.31 11.37
CA LEU E 125 -0.90 19.08 11.59
C LEU E 125 0.29 18.98 10.64
N VAL E 126 0.05 19.31 9.39
CA VAL E 126 1.07 19.24 8.37
C VAL E 126 2.14 20.31 8.59
N ALA E 127 1.72 21.46 9.10
CA ALA E 127 2.63 22.55 9.39
C ALA E 127 3.54 22.12 10.55
N GLU E 128 2.93 21.50 11.55
CA GLU E 128 3.67 21.04 12.72
C GLU E 128 4.69 19.97 12.32
N ALA E 129 4.24 18.98 11.55
CA ALA E 129 5.09 17.88 11.10
C ALA E 129 6.21 18.30 10.15
N SER E 130 6.04 19.41 9.45
CA SER E 130 7.06 19.85 8.50
C SER E 130 7.91 20.95 9.11
N SER E 131 7.66 21.23 10.38
CA SER E 131 8.37 22.27 11.10
C SER E 131 8.12 23.65 10.52
N SER E 132 6.92 23.86 9.99
CA SER E 132 6.57 25.17 9.44
C SER E 132 6.12 26.06 10.58
N LYS E 133 6.71 27.24 10.66
CA LYS E 133 6.37 28.20 11.71
C LYS E 133 5.26 29.12 11.25
N THR E 134 4.87 28.97 9.98
CA THR E 134 3.83 29.81 9.40
C THR E 134 2.88 29.05 8.48
N LEU E 135 1.59 29.20 8.75
CA LEU E 135 0.54 28.57 7.97
C LEU E 135 -0.25 29.71 7.31
N VAL E 136 -0.31 29.71 5.99
CA VAL E 136 -1.03 30.73 5.26
C VAL E 136 -2.36 30.17 4.80
N VAL E 137 -3.44 30.85 5.17
CA VAL E 137 -4.78 30.45 4.78
C VAL E 137 -5.28 31.39 3.67
N ALA E 138 -5.40 30.85 2.46
CA ALA E 138 -5.86 31.60 1.29
C ALA E 138 -7.36 31.45 1.11
N THR E 139 -8.07 32.56 1.21
CA THR E 139 -9.52 32.55 1.09
C THR E 139 -10.03 33.64 0.14
N ASN E 140 -11.34 33.80 0.03
CA ASN E 140 -11.88 34.81 -0.88
C ASN E 140 -12.05 36.20 -0.27
N VAL E 141 -11.45 36.43 0.89
CA VAL E 141 -11.50 37.74 1.54
C VAL E 141 -10.05 38.11 1.91
N ASP E 142 -9.83 39.41 2.15
CA ASP E 142 -8.51 39.93 2.47
C ASP E 142 -7.97 39.60 3.86
N GLY E 143 -8.84 39.16 4.76
CA GLY E 143 -8.42 38.83 6.10
C GLY E 143 -9.61 38.78 7.04
N VAL E 144 -9.39 39.06 8.31
CA VAL E 144 -10.47 39.07 9.29
C VAL E 144 -10.83 40.53 9.49
N TYR E 145 -12.10 40.79 9.77
CA TYR E 145 -12.56 42.17 9.97
C TYR E 145 -13.13 42.41 11.34
N GLU E 146 -12.98 43.65 11.81
CA GLU E 146 -13.50 44.07 13.11
C GLU E 146 -14.87 43.45 13.32
N LYS E 147 -15.77 43.74 12.38
CA LYS E 147 -17.12 43.22 12.39
C LYS E 147 -17.26 42.38 11.12
N ASP E 148 -18.32 41.59 11.03
CA ASP E 148 -18.55 40.76 9.85
C ASP E 148 -18.84 41.71 8.69
N PRO E 149 -18.07 41.61 7.59
CA PRO E 149 -18.25 42.47 6.42
C PRO E 149 -19.61 42.29 5.74
N ARG E 150 -20.11 41.06 5.75
CA ARG E 150 -21.40 40.76 5.12
C ARG E 150 -22.57 41.42 5.84
N ILE E 151 -22.49 41.46 7.17
CA ILE E 151 -23.55 42.01 8.00
C ILE E 151 -23.38 43.49 8.34
N TYR E 152 -22.16 43.88 8.71
CA TYR E 152 -21.88 45.26 9.08
C TYR E 152 -21.20 46.04 7.96
N ALA E 153 -21.41 47.36 7.96
CA ALA E 153 -20.84 48.22 6.93
C ALA E 153 -19.66 49.05 7.44
N ASP E 154 -18.87 49.55 6.49
CA ASP E 154 -17.70 50.35 6.81
C ASP E 154 -16.92 49.73 7.97
N VAL E 155 -16.42 48.51 7.76
CA VAL E 155 -15.63 47.83 8.78
C VAL E 155 -14.19 47.72 8.31
N LYS E 156 -13.28 47.92 9.25
CA LYS E 156 -11.86 47.85 8.99
C LYS E 156 -11.33 46.44 9.25
N LEU E 157 -10.29 46.07 8.50
CA LEU E 157 -9.66 44.76 8.63
C LEU E 157 -8.73 44.71 9.87
N ILE E 158 -8.74 43.56 10.56
CA ILE E 158 -7.92 43.37 11.77
C ILE E 158 -6.57 42.77 11.39
N PRO E 159 -5.49 43.58 11.45
CA PRO E 159 -4.18 43.04 11.09
C PRO E 159 -3.60 41.97 12.03
N HIS E 160 -4.01 41.97 13.29
CA HIS E 160 -3.53 40.99 14.26
C HIS E 160 -4.58 40.57 15.28
N LEU E 161 -4.66 39.28 15.55
CA LEU E 161 -5.56 38.74 16.55
C LEU E 161 -4.89 37.50 17.12
N THR E 162 -5.57 36.80 18.01
CA THR E 162 -4.98 35.62 18.60
C THR E 162 -5.87 34.40 18.53
N THR E 163 -5.29 33.26 18.84
CA THR E 163 -6.01 32.00 18.85
C THR E 163 -7.12 32.02 19.89
N GLN E 164 -6.96 32.82 20.95
CA GLN E 164 -7.99 32.93 22.00
C GLN E 164 -9.23 33.60 21.42
N ASP E 165 -9.03 34.45 20.43
CA ASP E 165 -10.14 35.12 19.78
C ASP E 165 -10.96 34.06 19.06
N LEU E 166 -10.26 33.12 18.42
CA LEU E 166 -10.92 32.05 17.69
C LEU E 166 -11.74 31.15 18.61
N ARG E 167 -11.17 30.75 19.75
CA ARG E 167 -11.92 29.90 20.64
C ARG E 167 -13.01 30.66 21.37
N LYS E 168 -12.93 31.99 21.35
CA LYS E 168 -13.99 32.79 21.97
C LYS E 168 -15.18 32.63 21.04
N ILE E 169 -14.89 32.58 19.74
CA ILE E 169 -15.91 32.40 18.71
C ILE E 169 -16.52 31.00 18.82
N LEU E 170 -15.70 30.02 19.15
CA LEU E 170 -16.17 28.65 19.32
C LEU E 170 -17.07 28.57 20.54
N GLU E 171 -16.77 29.38 21.54
CA GLU E 171 -17.53 29.43 22.78
C GLU E 171 -18.80 30.26 22.61
N GLY E 172 -19.00 30.81 21.42
CA GLY E 172 -20.17 31.63 21.15
C GLY E 172 -20.05 33.02 21.76
N SER E 173 -18.83 33.36 22.17
CA SER E 173 -18.56 34.66 22.79
C SER E 173 -18.24 35.72 21.74
N GLN E 174 -17.79 35.28 20.57
CA GLN E 174 -17.43 36.18 19.49
C GLN E 174 -18.14 35.76 18.19
N SER E 175 -18.17 36.65 17.19
CA SER E 175 -18.84 36.34 15.93
C SER E 175 -17.93 35.87 14.80
N VAL E 176 -18.41 34.88 14.05
CA VAL E 176 -17.66 34.29 12.95
C VAL E 176 -17.50 35.29 11.79
N GLN E 177 -16.81 34.85 10.74
CA GLN E 177 -16.56 35.65 9.55
C GLN E 177 -15.99 34.73 8.48
N ALA E 178 -15.99 35.19 7.23
CA ALA E 178 -15.46 34.39 6.14
C ALA E 178 -14.01 34.03 6.43
N GLY E 179 -13.22 35.02 6.81
CA GLY E 179 -11.81 34.79 7.12
C GLY E 179 -11.61 33.88 8.32
N THR E 180 -12.31 34.20 9.41
CA THR E 180 -12.22 33.42 10.64
C THR E 180 -12.72 31.99 10.46
N TYR E 181 -13.79 31.84 9.68
CA TYR E 181 -14.38 30.53 9.42
C TYR E 181 -13.32 29.55 8.94
N GLU E 182 -12.34 30.05 8.20
CA GLU E 182 -11.27 29.24 7.64
C GLU E 182 -10.40 28.54 8.69
N LEU E 183 -10.55 28.92 9.96
CA LEU E 183 -9.74 28.33 11.04
C LEU E 183 -10.46 28.00 12.34
N LEU E 184 -11.79 27.92 12.28
CA LEU E 184 -12.58 27.61 13.46
C LEU E 184 -12.78 26.12 13.73
N ASP E 185 -11.83 25.54 14.45
CA ASP E 185 -11.91 24.14 14.84
C ASP E 185 -10.82 23.88 15.89
N PRO E 186 -11.20 23.29 17.02
CA PRO E 186 -10.36 22.95 18.17
C PRO E 186 -8.98 22.36 17.89
N LEU E 187 -8.92 21.31 17.09
CA LEU E 187 -7.64 20.66 16.77
C LEU E 187 -6.62 21.60 16.13
N ALA E 188 -7.02 22.31 15.09
CA ALA E 188 -6.11 23.24 14.42
C ALA E 188 -5.58 24.23 15.43
N ILE E 189 -6.49 24.74 16.27
CA ILE E 189 -6.12 25.71 17.30
C ILE E 189 -5.16 25.06 18.30
N LYS E 190 -5.49 23.86 18.76
CA LYS E 190 -4.64 23.16 19.71
C LYS E 190 -3.23 22.98 19.14
N ILE E 191 -3.17 22.57 17.88
CA ILE E 191 -1.88 22.34 17.24
C ILE E 191 -1.05 23.61 17.06
N VAL E 192 -1.62 24.66 16.48
CA VAL E 192 -0.85 25.88 16.28
C VAL E 192 -0.42 26.49 17.61
N GLU E 193 -1.22 26.29 18.65
CA GLU E 193 -0.86 26.82 19.96
C GLU E 193 0.31 26.08 20.61
N ARG E 194 0.29 24.75 20.55
CA ARG E 194 1.35 23.97 21.17
C ARG E 194 2.66 24.03 20.40
N SER E 195 2.59 24.32 19.10
CA SER E 195 3.79 24.41 18.29
C SER E 195 4.10 25.84 17.88
N LYS E 196 3.31 26.77 18.39
CA LYS E 196 3.50 28.19 18.12
C LYS E 196 3.66 28.53 16.63
N ILE E 197 2.68 28.13 15.83
CA ILE E 197 2.70 28.39 14.41
C ILE E 197 1.82 29.63 14.11
N ARG E 198 2.38 30.62 13.42
CA ARG E 198 1.59 31.80 13.07
C ARG E 198 0.68 31.43 11.91
N VAL E 199 -0.51 32.03 11.89
CA VAL E 199 -1.47 31.74 10.83
C VAL E 199 -1.84 33.02 10.11
N ILE E 200 -1.40 33.12 8.86
CA ILE E 200 -1.68 34.30 8.06
C ILE E 200 -2.93 34.07 7.21
N VAL E 201 -3.96 34.89 7.44
CA VAL E 201 -5.19 34.79 6.66
C VAL E 201 -5.16 35.85 5.56
N MET E 202 -5.21 35.43 4.29
CA MET E 202 -5.20 36.38 3.20
C MET E 202 -6.06 35.98 2.00
N ASN E 203 -6.09 36.85 1.00
CA ASN E 203 -6.88 36.62 -0.21
C ASN E 203 -6.09 35.79 -1.20
N TYR E 204 -6.69 34.76 -1.78
CA TYR E 204 -5.93 33.96 -2.73
C TYR E 204 -5.62 34.71 -4.02
N ARG E 205 -6.30 35.83 -4.21
CA ARG E 205 -6.06 36.65 -5.39
C ARG E 205 -4.67 37.27 -5.24
N LYS E 206 -4.17 37.29 -4.02
CA LYS E 206 -2.85 37.85 -3.74
C LYS E 206 -1.79 36.78 -3.53
N LEU E 207 -2.05 35.58 -4.01
CA LEU E 207 -1.07 34.51 -3.84
C LEU E 207 0.28 34.85 -4.46
N ASN E 208 0.26 35.66 -5.51
CA ASN E 208 1.50 36.05 -6.18
C ASN E 208 2.32 37.00 -5.31
N ARG E 209 1.73 37.47 -4.21
CA ARG E 209 2.44 38.39 -3.31
C ARG E 209 2.80 37.71 -1.99
N ILE E 210 2.80 36.39 -1.98
CA ILE E 210 3.12 35.66 -0.76
C ILE E 210 4.40 36.11 -0.05
N ILE E 211 5.43 36.46 -0.82
CA ILE E 211 6.68 36.88 -0.21
C ILE E 211 6.51 38.09 0.70
N ASP E 212 5.87 39.14 0.18
CA ASP E 212 5.66 40.35 0.97
C ASP E 212 4.65 40.11 2.09
N ILE E 213 3.72 39.20 1.85
CA ILE E 213 2.73 38.87 2.86
C ILE E 213 3.52 38.35 4.08
N LEU E 214 4.42 37.41 3.81
CA LEU E 214 5.25 36.81 4.84
C LEU E 214 6.10 37.86 5.56
N LYS E 215 6.65 38.80 4.80
CA LYS E 215 7.48 39.85 5.37
C LYS E 215 6.61 40.82 6.14
N GLY E 216 5.32 40.83 5.83
CA GLY E 216 4.40 41.72 6.51
C GLY E 216 4.26 43.05 5.77
N GLU E 217 4.51 43.05 4.47
CA GLU E 217 4.40 44.27 3.67
C GLU E 217 3.16 44.30 2.77
N GLU E 218 2.19 43.44 3.05
CA GLU E 218 0.97 43.39 2.25
C GLU E 218 -0.22 43.09 3.15
N VAL E 219 -1.41 43.50 2.72
CA VAL E 219 -2.62 43.29 3.50
C VAL E 219 -2.90 41.84 3.87
N SER E 220 -3.26 41.63 5.12
CA SER E 220 -3.62 40.31 5.65
C SER E 220 -3.92 40.42 7.13
N SER E 221 -4.40 39.33 7.69
CA SER E 221 -4.71 39.26 9.10
C SER E 221 -3.89 38.10 9.63
N ILE E 222 -3.13 38.34 10.69
CA ILE E 222 -2.31 37.31 11.27
C ILE E 222 -2.79 36.93 12.66
N ILE E 223 -2.99 35.63 12.86
CA ILE E 223 -3.46 35.10 14.12
C ILE E 223 -2.25 34.61 14.89
N GLU E 224 -2.01 35.21 16.05
CA GLU E 224 -0.87 34.87 16.89
C GLU E 224 -1.19 33.72 17.84
N PRO E 225 -0.28 32.75 17.94
CA PRO E 225 -0.49 31.61 18.83
C PRO E 225 -0.23 32.00 20.28
N VAL E 226 -1.23 31.85 21.14
CA VAL E 226 -1.08 32.18 22.55
C VAL E 226 -1.66 31.11 23.48
N MET F 1 -25.14 -16.78 -9.94
CA MET F 1 -24.38 -16.07 -11.01
C MET F 1 -24.07 -14.62 -10.67
N ASN F 2 -23.08 -14.06 -11.37
CA ASN F 2 -22.64 -12.70 -11.14
C ASN F 2 -23.05 -11.73 -12.24
N ILE F 3 -23.41 -10.52 -11.83
CA ILE F 3 -23.82 -9.47 -12.76
C ILE F 3 -23.09 -8.19 -12.37
N ILE F 4 -22.82 -7.32 -13.35
CA ILE F 4 -22.16 -6.05 -13.11
C ILE F 4 -23.13 -4.93 -13.47
N LEU F 5 -23.22 -3.94 -12.60
CA LEU F 5 -24.12 -2.82 -12.82
C LEU F 5 -23.31 -1.55 -13.05
N LYS F 6 -23.40 -0.99 -14.24
CA LYS F 6 -22.69 0.24 -14.55
C LYS F 6 -23.69 1.39 -14.42
N ILE F 7 -23.45 2.27 -13.44
CA ILE F 7 -24.33 3.40 -13.21
C ILE F 7 -23.81 4.66 -13.91
N SER F 8 -24.59 5.15 -14.86
CA SER F 8 -24.21 6.35 -15.61
C SER F 8 -23.94 7.53 -14.68
N GLY F 9 -22.99 8.37 -15.07
CA GLY F 9 -22.66 9.52 -14.26
C GLY F 9 -23.82 10.48 -14.13
N LYS F 10 -24.75 10.47 -15.08
CA LYS F 10 -25.91 11.35 -15.05
C LYS F 10 -26.68 11.10 -13.76
N PHE F 11 -26.71 9.84 -13.35
CA PHE F 11 -27.38 9.42 -12.14
C PHE F 11 -27.01 10.31 -10.94
N PHE F 12 -25.77 10.79 -10.93
CA PHE F 12 -25.30 11.62 -9.83
C PHE F 12 -25.45 13.11 -10.10
N ASP F 13 -25.93 13.46 -11.29
CA ASP F 13 -26.11 14.88 -11.64
C ASP F 13 -27.47 15.44 -11.21
N GLU F 14 -28.32 14.59 -10.65
CA GLU F 14 -29.63 15.04 -10.19
C GLU F 14 -29.51 15.59 -8.78
N ASP F 15 -30.60 16.19 -8.29
CA ASP F 15 -30.61 16.76 -6.94
C ASP F 15 -31.06 15.70 -5.94
N ASN F 16 -31.08 14.44 -6.37
CA ASN F 16 -31.55 13.37 -5.53
C ASN F 16 -31.02 12.01 -5.98
N VAL F 17 -30.60 11.20 -5.02
CA VAL F 17 -30.09 9.85 -5.31
C VAL F 17 -30.84 8.83 -4.46
N ASP F 18 -32.02 9.21 -3.98
CA ASP F 18 -32.87 8.35 -3.16
C ASP F 18 -32.97 6.99 -3.85
N ASN F 19 -32.70 7.00 -5.15
CA ASN F 19 -32.72 5.82 -5.99
C ASN F 19 -31.81 4.72 -5.42
N LEU F 20 -30.73 5.14 -4.76
CA LEU F 20 -29.79 4.19 -4.17
C LEU F 20 -30.48 3.36 -3.10
N ILE F 21 -31.53 3.90 -2.49
CA ILE F 21 -32.26 3.17 -1.47
C ILE F 21 -32.88 1.93 -2.10
N VAL F 22 -33.40 2.09 -3.33
CA VAL F 22 -34.01 0.96 -4.04
C VAL F 22 -32.93 -0.05 -4.44
N LEU F 23 -31.78 0.44 -4.90
CA LEU F 23 -30.67 -0.43 -5.30
C LEU F 23 -30.31 -1.33 -4.12
N ARG F 24 -30.29 -0.72 -2.94
CA ARG F 24 -29.99 -1.40 -1.69
C ARG F 24 -30.84 -2.68 -1.62
N GLN F 25 -32.16 -2.49 -1.62
CA GLN F 25 -33.11 -3.61 -1.56
C GLN F 25 -32.94 -4.56 -2.74
N SER F 26 -32.71 -4.00 -3.93
CA SER F 26 -32.52 -4.79 -5.14
C SER F 26 -31.43 -5.85 -4.92
N ILE F 27 -30.28 -5.39 -4.44
CA ILE F 27 -29.15 -6.25 -4.20
C ILE F 27 -29.42 -7.34 -3.15
N LYS F 28 -30.15 -6.99 -2.08
CA LYS F 28 -30.47 -7.96 -1.03
C LYS F 28 -31.20 -9.16 -1.62
N GLU F 29 -32.31 -8.88 -2.31
CA GLU F 29 -33.10 -9.94 -2.92
C GLU F 29 -32.25 -10.61 -3.99
N LEU F 30 -31.66 -9.79 -4.85
CA LEU F 30 -30.81 -10.27 -5.93
C LEU F 30 -29.82 -11.28 -5.36
N ALA F 31 -29.29 -10.98 -4.18
CA ALA F 31 -28.34 -11.89 -3.53
C ALA F 31 -29.08 -13.15 -3.14
N ASP F 32 -30.28 -12.98 -2.59
CA ASP F 32 -31.11 -14.10 -2.16
C ASP F 32 -31.49 -15.00 -3.32
N ASN F 33 -31.43 -14.47 -4.54
CA ASN F 33 -31.72 -15.24 -5.74
C ASN F 33 -30.42 -15.90 -6.20
N GLY F 34 -29.37 -15.71 -5.40
CA GLY F 34 -28.08 -16.29 -5.70
C GLY F 34 -27.19 -15.40 -6.55
N PHE F 35 -27.58 -14.14 -6.71
CA PHE F 35 -26.80 -13.20 -7.51
C PHE F 35 -25.78 -12.39 -6.74
N ARG F 36 -24.60 -12.24 -7.34
CA ARG F 36 -23.56 -11.41 -6.76
C ARG F 36 -23.56 -10.19 -7.65
N VAL F 37 -23.25 -9.03 -7.08
CA VAL F 37 -23.28 -7.80 -7.86
C VAL F 37 -22.06 -6.93 -7.72
N GLY F 38 -21.57 -6.44 -8.85
CA GLY F 38 -20.46 -5.54 -8.88
C GLY F 38 -21.03 -4.24 -9.44
N ILE F 39 -20.56 -3.11 -8.95
CA ILE F 39 -21.04 -1.81 -9.42
C ILE F 39 -19.89 -0.94 -9.89
N VAL F 40 -20.12 -0.23 -11.00
CA VAL F 40 -19.14 0.67 -11.58
C VAL F 40 -19.87 1.98 -11.75
N THR F 41 -19.30 3.07 -11.24
CA THR F 41 -19.94 4.36 -11.33
C THR F 41 -19.23 5.28 -12.32
N GLY F 42 -20.01 6.12 -13.00
CA GLY F 42 -19.45 7.04 -13.97
C GLY F 42 -19.03 8.35 -13.32
N GLY F 43 -18.41 9.22 -14.11
CA GLY F 43 -17.95 10.49 -13.59
C GLY F 43 -19.01 11.57 -13.53
N GLY F 44 -19.84 11.66 -14.57
CA GLY F 44 -20.89 12.67 -14.56
C GLY F 44 -20.38 14.09 -14.69
N SER F 45 -21.18 15.04 -14.20
CA SER F 45 -20.87 16.46 -14.28
C SER F 45 -19.66 16.91 -13.46
N THR F 46 -19.38 16.19 -12.38
CA THR F 46 -18.22 16.54 -11.56
C THR F 46 -16.98 16.28 -12.38
N ALA F 47 -16.96 15.16 -13.10
CA ALA F 47 -15.83 14.81 -13.94
C ALA F 47 -15.65 15.84 -15.05
N ARG F 48 -16.74 16.14 -15.76
CA ARG F 48 -16.69 17.11 -16.85
C ARG F 48 -16.22 18.47 -16.35
N ARG F 49 -16.72 18.87 -15.19
CA ARG F 49 -16.35 20.15 -14.61
C ARG F 49 -14.84 20.25 -14.32
N TYR F 50 -14.25 19.20 -13.76
CA TYR F 50 -12.82 19.23 -13.44
C TYR F 50 -11.94 19.13 -14.67
N ILE F 51 -12.35 18.30 -15.63
CA ILE F 51 -11.58 18.15 -16.85
C ILE F 51 -11.50 19.51 -17.56
N LYS F 52 -12.61 20.26 -17.56
CA LYS F 52 -12.66 21.59 -18.20
C LYS F 52 -11.79 22.64 -17.47
N LEU F 53 -11.89 22.64 -16.15
CA LEU F 53 -11.12 23.57 -15.33
C LEU F 53 -9.64 23.30 -15.58
N ALA F 54 -9.28 22.02 -15.60
CA ALA F 54 -7.90 21.60 -15.81
C ALA F 54 -7.45 21.89 -17.24
N ARG F 55 -8.33 21.61 -18.19
CA ARG F 55 -8.00 21.84 -19.59
C ARG F 55 -7.72 23.32 -19.87
N GLU F 56 -8.51 24.21 -19.28
CA GLU F 56 -8.32 25.65 -19.48
C GLU F 56 -6.94 26.17 -19.08
N ILE F 57 -6.25 25.44 -18.20
CA ILE F 57 -4.94 25.88 -17.77
C ILE F 57 -3.82 25.07 -18.41
N GLY F 58 -4.19 24.24 -19.37
CA GLY F 58 -3.19 23.46 -20.07
C GLY F 58 -2.77 22.10 -19.54
N ILE F 59 -3.55 21.52 -18.64
CA ILE F 59 -3.21 20.20 -18.09
C ILE F 59 -3.25 19.12 -19.17
N GLY F 60 -2.25 18.25 -19.17
CA GLY F 60 -2.18 17.18 -20.15
C GLY F 60 -3.36 16.21 -20.13
N GLU F 61 -3.55 15.53 -21.26
CA GLU F 61 -4.64 14.57 -21.45
C GLU F 61 -4.68 13.45 -20.41
N ALA F 62 -3.51 12.92 -20.08
CA ALA F 62 -3.40 11.83 -19.13
C ALA F 62 -3.95 12.28 -17.78
N TYR F 63 -3.57 13.48 -17.37
CA TYR F 63 -4.03 14.01 -16.09
C TYR F 63 -5.47 14.46 -16.14
N LEU F 64 -5.99 14.74 -17.34
CA LEU F 64 -7.37 15.13 -17.49
C LEU F 64 -8.19 13.87 -17.24
N ASP F 65 -7.74 12.76 -17.80
CA ASP F 65 -8.42 11.47 -17.60
C ASP F 65 -8.39 11.06 -16.12
N LEU F 66 -7.26 11.31 -15.46
CA LEU F 66 -7.11 10.96 -14.06
C LEU F 66 -8.10 11.76 -13.23
N LEU F 67 -8.35 13.01 -13.61
CA LEU F 67 -9.31 13.82 -12.88
C LEU F 67 -10.70 13.26 -13.06
N GLY F 68 -10.98 12.74 -14.25
CA GLY F 68 -12.28 12.14 -14.53
C GLY F 68 -12.40 10.84 -13.74
N ILE F 69 -11.28 10.16 -13.57
CA ILE F 69 -11.25 8.91 -12.83
C ILE F 69 -11.52 9.17 -11.35
N TRP F 70 -10.89 10.19 -10.79
CA TRP F 70 -11.12 10.51 -9.39
C TRP F 70 -12.57 10.94 -9.16
N ALA F 71 -13.11 11.74 -10.08
CA ALA F 71 -14.50 12.19 -9.96
C ALA F 71 -15.42 10.95 -9.88
N SER F 72 -15.17 9.96 -10.72
CA SER F 72 -15.98 8.75 -10.73
C SER F 72 -15.77 7.94 -9.45
N ARG F 73 -14.59 8.06 -8.83
CA ARG F 73 -14.33 7.33 -7.60
C ARG F 73 -15.13 7.95 -6.46
N LEU F 74 -15.32 9.27 -6.52
CA LEU F 74 -16.12 9.96 -5.52
C LEU F 74 -17.53 9.38 -5.57
N ASN F 75 -18.07 9.20 -6.78
CA ASN F 75 -19.41 8.63 -6.94
C ASN F 75 -19.42 7.19 -6.43
N ALA F 76 -18.30 6.51 -6.59
CA ALA F 76 -18.19 5.12 -6.14
C ALA F 76 -18.35 5.08 -4.62
N TYR F 77 -17.64 5.97 -3.94
CA TYR F 77 -17.72 6.03 -2.48
C TYR F 77 -19.14 6.36 -1.99
N LEU F 78 -19.81 7.28 -2.68
CA LEU F 78 -21.18 7.62 -2.29
C LEU F 78 -22.01 6.35 -2.32
N VAL F 79 -21.97 5.63 -3.44
CA VAL F 79 -22.74 4.39 -3.58
C VAL F 79 -22.32 3.32 -2.56
N MET F 80 -21.01 3.19 -2.34
CA MET F 80 -20.49 2.22 -1.38
C MET F 80 -20.96 2.54 0.03
N PHE F 81 -20.90 3.81 0.40
CA PHE F 81 -21.32 4.28 1.71
C PHE F 81 -22.82 4.04 1.92
N SER F 82 -23.60 4.07 0.84
CA SER F 82 -25.03 3.87 0.94
C SER F 82 -25.38 2.39 0.97
N LEU F 83 -24.41 1.53 0.68
CA LEU F 83 -24.65 0.09 0.70
C LEU F 83 -24.07 -0.60 1.92
N GLN F 84 -23.49 0.18 2.83
CA GLN F 84 -22.88 -0.35 4.05
C GLN F 84 -23.46 -1.66 4.53
N ASP F 85 -22.56 -2.61 4.79
CA ASP F 85 -22.90 -3.96 5.25
C ASP F 85 -23.09 -4.92 4.09
N LEU F 86 -23.54 -4.39 2.95
CA LEU F 86 -23.72 -5.24 1.77
C LEU F 86 -22.43 -5.21 0.96
N ALA F 87 -21.64 -4.17 1.13
CA ALA F 87 -20.42 -4.00 0.37
C ALA F 87 -19.11 -4.13 1.13
N TYR F 88 -18.08 -4.57 0.42
CA TYR F 88 -16.76 -4.65 1.00
C TYR F 88 -16.38 -3.19 1.01
N MET F 89 -15.92 -2.66 2.14
CA MET F 89 -15.57 -1.25 2.23
C MET F 89 -14.22 -0.86 1.65
N HIS F 90 -14.13 -0.83 0.33
CA HIS F 90 -12.90 -0.45 -0.35
C HIS F 90 -13.19 -0.28 -1.84
N VAL F 91 -12.71 0.82 -2.40
CA VAL F 91 -12.88 1.10 -3.82
C VAL F 91 -11.56 0.77 -4.53
N PRO F 92 -11.51 -0.34 -5.29
CA PRO F 92 -10.30 -0.74 -6.01
C PRO F 92 -9.96 0.23 -7.13
N GLN F 93 -8.67 0.42 -7.40
CA GLN F 93 -8.29 1.38 -8.42
C GLN F 93 -7.70 0.76 -9.66
N SER F 94 -7.85 -0.55 -9.81
CA SER F 94 -7.34 -1.26 -10.96
C SER F 94 -8.09 -2.57 -11.03
N LEU F 95 -8.01 -3.25 -12.17
CA LEU F 95 -8.71 -4.51 -12.30
C LEU F 95 -8.12 -5.55 -11.35
N GLU F 96 -6.81 -5.49 -11.14
CA GLU F 96 -6.16 -6.45 -10.23
C GLU F 96 -6.71 -6.25 -8.83
N GLU F 97 -6.78 -5.00 -8.39
CA GLU F 97 -7.31 -4.69 -7.07
C GLU F 97 -8.77 -5.14 -6.99
N PHE F 98 -9.51 -5.03 -8.09
CA PHE F 98 -10.91 -5.45 -8.11
C PHE F 98 -11.02 -6.95 -7.87
N ILE F 99 -10.13 -7.71 -8.50
CA ILE F 99 -10.12 -9.15 -8.34
C ILE F 99 -9.91 -9.54 -6.88
N GLN F 100 -9.03 -8.81 -6.19
CA GLN F 100 -8.76 -9.09 -4.78
C GLN F 100 -9.99 -8.72 -3.94
N ASP F 101 -10.60 -7.58 -4.25
CA ASP F 101 -11.78 -7.11 -3.53
C ASP F 101 -13.00 -8.01 -3.72
N TRP F 102 -13.20 -8.48 -4.95
CA TRP F 102 -14.32 -9.35 -5.28
C TRP F 102 -14.22 -10.68 -4.51
N SER F 103 -13.00 -11.01 -4.10
CA SER F 103 -12.74 -12.25 -3.39
C SER F 103 -13.37 -12.30 -1.99
N HIS F 104 -13.90 -11.19 -1.51
CA HIS F 104 -14.51 -11.17 -0.18
C HIS F 104 -15.97 -11.60 -0.16
N GLY F 105 -16.51 -12.00 -1.31
CA GLY F 105 -17.89 -12.44 -1.36
C GLY F 105 -18.95 -11.37 -1.22
N LYS F 106 -18.54 -10.11 -1.18
CA LYS F 106 -19.50 -9.02 -1.04
C LYS F 106 -19.57 -8.16 -2.29
N VAL F 107 -20.42 -7.13 -2.25
CA VAL F 107 -20.57 -6.22 -3.36
C VAL F 107 -19.32 -5.33 -3.39
N VAL F 108 -18.84 -5.06 -4.60
CA VAL F 108 -17.67 -4.24 -4.80
C VAL F 108 -18.09 -3.09 -5.70
N VAL F 109 -17.79 -1.87 -5.28
CA VAL F 109 -18.11 -0.67 -6.04
C VAL F 109 -16.79 -0.06 -6.54
N THR F 110 -16.72 0.21 -7.84
CA THR F 110 -15.51 0.78 -8.40
C THR F 110 -15.71 1.99 -9.30
N GLY F 111 -14.66 2.76 -9.45
CA GLY F 111 -14.68 3.93 -10.30
C GLY F 111 -13.79 3.55 -11.46
N GLY F 112 -13.19 4.54 -12.14
CA GLY F 112 -12.32 4.24 -13.26
C GLY F 112 -10.97 3.62 -12.90
N PHE F 113 -10.24 3.15 -13.92
CA PHE F 113 -8.95 2.49 -13.73
C PHE F 113 -7.73 3.13 -14.40
N GLN F 114 -7.80 3.32 -15.71
CA GLN F 114 -6.67 3.83 -16.47
C GLN F 114 -7.06 4.86 -17.54
N PRO F 115 -6.19 5.87 -17.78
CA PRO F 115 -6.47 6.90 -18.79
C PRO F 115 -6.69 6.30 -20.17
N GLY F 116 -7.40 7.02 -21.01
CA GLY F 116 -7.63 6.57 -22.38
C GLY F 116 -8.79 5.62 -22.59
N GLN F 117 -9.66 5.48 -21.60
CA GLN F 117 -10.81 4.62 -21.71
C GLN F 117 -11.93 5.22 -20.85
N SER F 118 -13.14 4.67 -20.91
CA SER F 118 -14.24 5.21 -20.09
C SER F 118 -14.58 4.17 -19.02
N THR F 119 -15.57 4.45 -18.17
CA THR F 119 -15.94 3.47 -17.15
C THR F 119 -16.64 2.28 -17.78
N ALA F 120 -17.13 2.44 -19.01
CA ALA F 120 -17.79 1.35 -19.71
C ALA F 120 -16.74 0.25 -19.90
N ALA F 121 -15.52 0.66 -20.17
CA ALA F 121 -14.41 -0.28 -20.34
C ALA F 121 -14.17 -0.96 -18.99
N VAL F 122 -14.25 -0.17 -17.92
CA VAL F 122 -14.05 -0.71 -16.57
C VAL F 122 -15.11 -1.77 -16.29
N ALA F 123 -16.37 -1.43 -16.57
CA ALA F 123 -17.48 -2.37 -16.35
C ALA F 123 -17.26 -3.67 -17.11
N ALA F 124 -16.83 -3.58 -18.36
CA ALA F 124 -16.58 -4.77 -19.15
C ALA F 124 -15.45 -5.60 -18.56
N LEU F 125 -14.36 -4.94 -18.15
CA LEU F 125 -13.19 -5.64 -17.57
C LEU F 125 -13.55 -6.40 -16.30
N VAL F 126 -14.38 -5.76 -15.50
CA VAL F 126 -14.83 -6.31 -14.25
C VAL F 126 -15.83 -7.44 -14.46
N ALA F 127 -16.71 -7.26 -15.44
CA ALA F 127 -17.69 -8.30 -15.75
C ALA F 127 -16.91 -9.55 -16.13
N GLU F 128 -15.91 -9.35 -16.99
CA GLU F 128 -15.06 -10.44 -17.45
C GLU F 128 -14.29 -11.10 -16.31
N ALA F 129 -13.73 -10.29 -15.43
CA ALA F 129 -12.96 -10.82 -14.29
C ALA F 129 -13.80 -11.55 -13.25
N SER F 130 -15.09 -11.21 -13.15
CA SER F 130 -15.97 -11.85 -12.18
C SER F 130 -16.84 -12.92 -12.80
N SER F 131 -16.58 -13.25 -14.06
CA SER F 131 -17.37 -14.27 -14.76
C SER F 131 -18.83 -13.88 -14.92
N SER F 132 -19.11 -12.59 -15.03
CA SER F 132 -20.46 -12.12 -15.23
C SER F 132 -20.78 -12.25 -16.72
N LYS F 133 -21.94 -12.84 -17.03
CA LYS F 133 -22.35 -13.00 -18.42
C LYS F 133 -23.22 -11.81 -18.82
N THR F 134 -23.61 -11.01 -17.83
CA THR F 134 -24.43 -9.85 -18.11
C THR F 134 -23.91 -8.58 -17.46
N LEU F 135 -23.86 -7.53 -18.26
CA LEU F 135 -23.44 -6.21 -17.79
C LEU F 135 -24.65 -5.31 -17.98
N VAL F 136 -25.15 -4.73 -16.89
CA VAL F 136 -26.30 -3.85 -16.96
C VAL F 136 -25.84 -2.39 -16.87
N VAL F 137 -26.28 -1.59 -17.83
CA VAL F 137 -25.95 -0.17 -17.90
C VAL F 137 -27.20 0.65 -17.62
N ALA F 138 -27.30 1.16 -16.40
CA ALA F 138 -28.43 1.96 -15.94
C ALA F 138 -28.18 3.41 -16.31
N THR F 139 -29.03 3.95 -17.16
CA THR F 139 -28.90 5.33 -17.59
C THR F 139 -30.22 6.10 -17.39
N ASN F 140 -30.27 7.34 -17.85
CA ASN F 140 -31.47 8.15 -17.68
C ASN F 140 -32.44 8.04 -18.85
N VAL F 141 -32.42 6.88 -19.50
CA VAL F 141 -33.29 6.59 -20.64
C VAL F 141 -33.62 5.11 -20.59
N ASP F 142 -34.73 4.73 -21.22
CA ASP F 142 -35.16 3.32 -21.21
C ASP F 142 -34.30 2.36 -22.02
N GLY F 143 -33.56 2.89 -22.98
CA GLY F 143 -32.72 2.03 -23.80
C GLY F 143 -32.02 2.81 -24.89
N VAL F 144 -31.63 2.11 -25.95
CA VAL F 144 -30.95 2.76 -27.07
C VAL F 144 -31.95 3.34 -28.06
N TYR F 145 -31.59 4.49 -28.62
CA TYR F 145 -32.43 5.17 -29.59
C TYR F 145 -31.52 5.66 -30.72
N LYS F 156 -38.32 5.56 -31.62
CA LYS F 156 -38.63 4.28 -30.99
C LYS F 156 -37.39 3.58 -30.40
N LEU F 157 -37.64 2.74 -29.39
CA LEU F 157 -36.59 2.00 -28.72
C LEU F 157 -36.24 0.69 -29.44
N ILE F 158 -34.94 0.46 -29.62
CA ILE F 158 -34.41 -0.73 -30.26
C ILE F 158 -34.24 -1.81 -29.21
N PRO F 159 -35.12 -2.82 -29.19
CA PRO F 159 -34.97 -3.87 -28.18
C PRO F 159 -33.67 -4.67 -28.27
N HIS F 160 -33.15 -4.86 -29.47
CA HIS F 160 -31.93 -5.60 -29.67
C HIS F 160 -31.03 -5.01 -30.74
N LEU F 161 -29.73 -5.08 -30.48
CA LEU F 161 -28.69 -4.62 -31.40
C LEU F 161 -27.40 -5.37 -31.06
N THR F 162 -26.36 -5.15 -31.86
CA THR F 162 -25.10 -5.85 -31.62
C THR F 162 -23.93 -4.91 -31.41
N THR F 163 -22.82 -5.49 -30.96
CA THR F 163 -21.60 -4.72 -30.74
C THR F 163 -21.13 -4.20 -32.09
N GLN F 164 -21.46 -4.93 -33.15
CA GLN F 164 -21.07 -4.53 -34.50
C GLN F 164 -21.74 -3.21 -34.87
N ASP F 165 -22.90 -2.94 -34.28
CA ASP F 165 -23.61 -1.70 -34.56
C ASP F 165 -22.86 -0.61 -33.81
N LEU F 166 -22.37 -0.96 -32.62
CA LEU F 166 -21.61 -0.02 -31.80
C LEU F 166 -20.29 0.28 -32.49
N ARG F 167 -19.64 -0.76 -33.03
CA ARG F 167 -18.37 -0.57 -33.71
C ARG F 167 -18.51 0.46 -34.82
N LYS F 168 -19.75 0.79 -35.18
CA LYS F 168 -20.00 1.82 -36.17
C LYS F 168 -19.86 3.09 -35.33
N ILE F 169 -18.63 3.31 -34.90
CA ILE F 169 -18.22 4.42 -34.06
C ILE F 169 -17.20 5.29 -34.78
N ALA F 178 -27.93 8.75 -29.11
CA ALA F 178 -28.09 8.91 -27.66
C ALA F 178 -28.43 7.58 -27.02
N GLY F 179 -28.07 7.43 -25.75
CA GLY F 179 -28.33 6.19 -25.05
C GLY F 179 -27.27 5.16 -25.41
N THR F 180 -26.76 5.29 -26.62
CA THR F 180 -25.72 4.38 -27.12
C THR F 180 -24.35 4.91 -26.70
N TYR F 181 -24.32 6.19 -26.35
CA TYR F 181 -23.09 6.89 -25.93
C TYR F 181 -22.36 6.16 -24.81
N GLU F 182 -23.12 5.42 -24.00
CA GLU F 182 -22.55 4.68 -22.88
C GLU F 182 -21.45 3.67 -23.27
N LEU F 183 -21.81 2.58 -23.93
CA LEU F 183 -20.80 1.58 -24.29
C LEU F 183 -19.97 1.91 -25.53
N LEU F 184 -19.97 3.18 -25.93
CA LEU F 184 -19.18 3.59 -27.09
C LEU F 184 -17.71 3.74 -26.70
N ASP F 185 -17.06 2.60 -26.45
CA ASP F 185 -15.66 2.53 -26.05
C ASP F 185 -15.06 1.24 -26.59
N PRO F 186 -14.05 1.35 -27.47
CA PRO F 186 -13.39 0.19 -28.08
C PRO F 186 -12.92 -0.93 -27.17
N LEU F 187 -12.32 -0.60 -26.04
CA LEU F 187 -11.87 -1.64 -25.13
C LEU F 187 -13.09 -2.37 -24.56
N ALA F 188 -14.13 -1.63 -24.20
CA ALA F 188 -15.33 -2.23 -23.66
C ALA F 188 -15.88 -3.25 -24.66
N ILE F 189 -15.96 -2.83 -25.91
CA ILE F 189 -16.46 -3.67 -27.00
C ILE F 189 -15.60 -4.91 -27.20
N LYS F 190 -14.29 -4.72 -27.24
CA LYS F 190 -13.37 -5.83 -27.41
C LYS F 190 -13.57 -6.86 -26.29
N ILE F 191 -13.70 -6.38 -25.06
CA ILE F 191 -13.89 -7.30 -23.94
C ILE F 191 -15.24 -8.05 -24.00
N VAL F 192 -16.35 -7.33 -24.17
CA VAL F 192 -17.64 -8.00 -24.21
C VAL F 192 -17.70 -9.00 -25.37
N GLU F 193 -17.03 -8.70 -26.47
CA GLU F 193 -17.02 -9.63 -27.59
C GLU F 193 -16.18 -10.88 -27.33
N ARG F 194 -14.95 -10.72 -26.83
CA ARG F 194 -14.10 -11.88 -26.59
C ARG F 194 -14.63 -12.78 -25.48
N SER F 195 -15.30 -12.21 -24.50
CA SER F 195 -15.84 -13.01 -23.40
C SER F 195 -17.35 -13.19 -23.55
N LYS F 196 -17.91 -12.66 -24.65
CA LYS F 196 -19.33 -12.76 -24.92
C LYS F 196 -20.22 -12.38 -23.74
N ILE F 197 -20.17 -11.11 -23.39
CA ILE F 197 -20.96 -10.57 -22.31
C ILE F 197 -22.11 -9.76 -22.90
N ARG F 198 -23.34 -10.11 -22.54
CA ARG F 198 -24.50 -9.38 -23.04
C ARG F 198 -24.61 -8.07 -22.26
N VAL F 199 -24.93 -6.99 -22.97
CA VAL F 199 -25.06 -5.69 -22.34
C VAL F 199 -26.51 -5.20 -22.37
N ILE F 200 -27.09 -5.03 -21.19
CA ILE F 200 -28.48 -4.58 -21.07
C ILE F 200 -28.54 -3.09 -20.75
N VAL F 201 -29.08 -2.29 -21.67
CA VAL F 201 -29.18 -0.86 -21.41
C VAL F 201 -30.59 -0.56 -20.92
N MET F 202 -30.70 0.05 -19.75
CA MET F 202 -31.99 0.39 -19.19
C MET F 202 -31.96 1.67 -18.35
N ASN F 203 -33.14 2.08 -17.89
CA ASN F 203 -33.30 3.30 -17.10
C ASN F 203 -33.01 2.99 -15.64
N TYR F 204 -32.23 3.84 -14.98
CA TYR F 204 -31.94 3.57 -13.59
C TYR F 204 -33.15 3.78 -12.69
N ARG F 205 -34.16 4.48 -13.18
CA ARG F 205 -35.36 4.70 -12.39
C ARG F 205 -36.11 3.37 -12.24
N LYS F 206 -35.68 2.37 -13.00
CA LYS F 206 -36.30 1.06 -12.98
C LYS F 206 -35.42 -0.04 -12.36
N LEU F 207 -34.57 0.36 -11.42
CA LEU F 207 -33.69 -0.60 -10.76
C LEU F 207 -34.49 -1.59 -9.93
N ASN F 208 -35.76 -1.27 -9.68
CA ASN F 208 -36.62 -2.16 -8.91
C ASN F 208 -36.97 -3.44 -9.66
N ARG F 209 -36.83 -3.40 -10.99
CA ARG F 209 -37.15 -4.59 -11.78
C ARG F 209 -36.00 -5.06 -12.67
N ILE F 210 -34.81 -5.12 -12.11
CA ILE F 210 -33.64 -5.58 -12.84
C ILE F 210 -33.85 -7.06 -13.12
N ILE F 211 -34.45 -7.76 -12.16
CA ILE F 211 -34.72 -9.19 -12.30
C ILE F 211 -35.67 -9.45 -13.45
N ASP F 212 -36.71 -8.63 -13.57
CA ASP F 212 -37.65 -8.79 -14.67
C ASP F 212 -36.87 -8.44 -15.93
N ILE F 213 -36.09 -7.36 -15.84
CA ILE F 213 -35.25 -6.91 -16.95
C ILE F 213 -34.32 -8.02 -17.39
N LEU F 214 -33.59 -8.59 -16.44
CA LEU F 214 -32.64 -9.66 -16.75
C LEU F 214 -33.34 -10.82 -17.45
N LYS F 215 -34.59 -11.08 -17.07
CA LYS F 215 -35.35 -12.17 -17.69
C LYS F 215 -35.70 -11.77 -19.11
N GLY F 216 -35.99 -10.48 -19.29
CA GLY F 216 -36.35 -9.97 -20.59
C GLY F 216 -37.84 -9.65 -20.63
N GLU F 217 -38.43 -9.47 -19.47
CA GLU F 217 -39.86 -9.18 -19.38
C GLU F 217 -40.20 -7.71 -19.19
N GLU F 218 -39.16 -6.88 -19.03
CA GLU F 218 -39.37 -5.44 -18.88
C GLU F 218 -38.64 -4.76 -20.03
N VAL F 219 -38.94 -3.48 -20.27
CA VAL F 219 -38.33 -2.73 -21.36
C VAL F 219 -36.85 -2.39 -21.17
N SER F 220 -36.09 -2.54 -22.25
CA SER F 220 -34.65 -2.24 -22.29
C SER F 220 -34.11 -2.58 -23.67
N SER F 221 -32.84 -2.25 -23.89
CA SER F 221 -32.17 -2.54 -25.16
C SER F 221 -31.01 -3.47 -24.82
N ILE F 222 -30.94 -4.61 -25.48
CA ILE F 222 -29.86 -5.54 -25.19
C ILE F 222 -28.90 -5.65 -26.36
N ILE F 223 -27.63 -5.42 -26.07
CA ILE F 223 -26.60 -5.51 -27.08
C ILE F 223 -26.03 -6.91 -27.01
N GLU F 224 -26.06 -7.59 -28.15
CA GLU F 224 -25.58 -8.95 -28.25
C GLU F 224 -24.12 -8.93 -28.68
N PRO F 225 -23.29 -9.76 -28.03
CA PRO F 225 -21.87 -9.80 -28.40
C PRO F 225 -21.76 -10.58 -29.70
N VAL F 226 -21.06 -10.03 -30.68
CA VAL F 226 -20.91 -10.71 -31.95
C VAL F 226 -19.45 -10.74 -32.43
N1 U5P G . -1.45 9.36 20.44
C2 U5P G . -1.76 10.48 19.46
N3 U5P G . -2.87 10.25 18.62
C4 U5P G . -3.73 9.11 18.63
C5 U5P G . -3.45 7.98 19.63
C6 U5P G . -2.35 8.15 20.46
O2 U5P G . -1.14 11.51 19.32
O4 U5P G . -4.90 8.95 17.68
C1' U5P G . -0.22 9.53 21.39
C2' U5P G . -0.41 10.70 22.47
O2' U5P G . 0.85 11.43 22.53
C3' U5P G . -1.12 9.86 23.57
C4' U5P G . -0.24 8.59 23.56
O3' U5P G . -1.06 10.47 24.85
O4' U5P G . -0.13 8.31 22.24
C5' U5P G . -0.70 7.31 24.16
O5' U5P G . -2.09 7.25 23.93
P U5P G . -3.14 7.10 25.06
O1P U5P G . -4.48 7.09 24.44
O2P U5P G . -2.77 5.88 25.86
O3P U5P G . -2.91 8.41 25.92
CD CD H . -9.35 -8.22 2.91
CD CD I . -1.25 -2.17 6.85
CD CD J . -28.13 1.99 36.73
MG MG K . -1.95 7.32 28.16
N1 U5P L . 13.03 -10.54 15.43
C2 U5P L . 12.58 -11.62 14.43
N3 U5P L . 12.95 -11.36 13.09
C4 U5P L . 13.69 -10.23 12.60
C5 U5P L . 14.15 -9.16 13.60
C6 U5P L . 13.80 -9.35 14.93
O2 U5P L . 11.96 -12.61 14.69
O4 U5P L . 14.04 -10.03 11.12
C1' U5P L . 12.64 -10.75 16.94
C2' U5P L . 13.34 -12.00 17.64
O2' U5P L . 12.32 -12.68 18.43
C3' U5P L . 14.62 -11.26 18.13
C4' U5P L . 14.00 -9.97 18.72
O3' U5P L . 15.32 -11.96 19.15
O4' U5P L . 13.16 -9.57 17.72
C5' U5P L . 14.80 -8.76 19.00
O5' U5P L . 15.78 -8.69 17.99
P U5P L . 17.29 -8.71 18.26
O1P U5P L . 17.99 -8.63 16.97
O2P U5P L . 17.59 -7.64 19.25
O3P U5P L . 17.51 -10.15 18.92
CD CD M . 9.09 7.48 -2.59
CD CD N . 5.04 1.33 4.89
CD CD O . 44.28 -3.98 11.78
CD CD P . 44.81 -16.55 26.66
CD CD Q . 41.40 -9.30 4.86
CD CD R . -4.18 -34.97 -19.96
CD CD S . -1.78 -39.26 -19.84
N1 U5P T . 14.07 -17.75 -3.26
C2 U5P T . 14.71 -16.92 -2.15
N3 U5P T . 13.92 -16.77 -0.97
C4 U5P T . 12.61 -17.32 -0.74
C5 U5P T . 11.95 -18.17 -1.85
C6 U5P T . 12.69 -18.33 -3.02
O2 U5P T . 15.80 -16.40 -2.20
O4 U5P T . 11.83 -17.11 0.55
C1' U5P T . 14.86 -17.95 -4.59
C2' U5P T . 16.22 -18.82 -4.43
O2' U5P T . 17.27 -18.13 -5.18
C3' U5P T . 15.59 -20.22 -4.66
C4' U5P T . 14.67 -19.95 -5.88
O3' U5P T . 16.57 -21.20 -5.03
O4' U5P T . 14.02 -18.78 -5.52
C5' U5P T . 13.56 -20.85 -6.24
O5' U5P T . 12.99 -21.28 -5.04
P U5P T . 12.83 -22.77 -4.64
O1P U5P T . 12.20 -22.82 -3.32
O2P U5P T . 12.11 -23.46 -5.76
O3P U5P T . 14.34 -23.28 -4.58
CD CD U . -0.26 -7.04 -2.47
CD CD V . 1.87 -45.75 9.04
CD CD W . -0.45 -37.10 -17.75
N1 U5P X . -0.64 -7.95 -21.16
C2 U5P X . -2.02 -7.41 -20.84
N3 U5P X . -2.04 -6.05 -20.50
C4 U5P X . -0.93 -5.15 -20.46
C5 U5P X . 0.48 -5.68 -20.80
C6 U5P X . 0.55 -7.02 -21.12
O2 U5P X . -3.05 -8.03 -20.84
O4 U5P X . -1.05 -3.70 -20.08
C1' U5P X . -0.55 -9.47 -21.52
C2' U5P X . -1.21 -9.80 -22.95
O2' U5P X . -1.91 -11.08 -22.83
C3' U5P X . 0.01 -9.43 -23.83
C4' U5P X . 1.11 -10.19 -23.03
O3' U5P X . -0.08 -9.94 -25.14
O4' U5P X . 0.89 -9.76 -21.76
C5' U5P X . 2.54 -9.93 -23.21
O5' U5P X . 2.65 -8.60 -23.58
P U5P X . 3.44 -8.14 -24.80
O1P U5P X . 3.32 -6.68 -24.90
O2P U5P X . 4.82 -8.70 -24.66
O3P U5P X . 2.68 -8.89 -25.97
CD CD Y . 4.30 -1.95 -5.22
N1 U5P Z . -13.35 16.63 6.34
C2 U5P Z . -13.20 15.71 7.55
N3 U5P Z . -11.86 15.54 7.98
C4 U5P Z . -10.68 16.15 7.42
C5 U5P Z . -10.84 17.08 6.22
C6 U5P Z . -12.12 17.27 5.76
O2 U5P Z . -14.08 15.12 8.12
O4 U5P Z . -9.28 15.91 7.95
C1' U5P Z . -14.78 16.87 5.74
C2' U5P Z . -15.76 17.73 6.70
O2' U5P Z . -17.07 17.12 6.60
C3' U5P Z . -15.30 19.14 6.24
C4' U5P Z . -15.31 18.94 4.70
O3' U5P Z . -16.23 20.16 6.58
O4' U5P Z . -14.62 17.76 4.56
C5' U5P Z . -14.61 19.83 3.78
O5' U5P Z . -13.52 20.35 4.48
P U5P Z . -13.22 21.85 4.59
O1P U5P Z . -12.01 22.03 5.40
O2P U5P Z . -13.17 22.40 3.20
O3P U5P Z . -14.52 22.38 5.34
CD CD AA . -1.39 6.28 -1.80
CD CD BA . 1.60 44.28 11.88
N1 U5P CA . -11.81 7.94 -17.17
C2 U5P CA . -10.52 7.37 -17.74
N3 U5P CA . -10.34 5.99 -17.52
C4 U5P CA . -11.24 5.10 -16.83
C5 U5P CA . -12.54 5.67 -16.26
C6 U5P CA . -12.74 7.02 -16.46
O2 U5P CA . -9.68 8.00 -18.33
O4 U5P CA . -10.98 3.63 -16.62
C1' U5P CA . -12.06 9.47 -17.36
C2' U5P CA . -12.34 9.89 -18.90
O2' U5P CA . -11.66 11.15 -19.13
C3' U5P CA . -13.87 9.59 -18.90
C4' U5P CA . -14.28 10.30 -17.58
O3' U5P CA . -14.56 10.21 -19.99
O4' U5P CA . -13.35 9.80 -16.69
C5' U5P CA . -15.56 10.03 -16.93
O5' U5P CA . -15.88 8.69 -17.19
P U5P CA . -17.24 8.25 -17.75
O1P U5P CA . -17.22 6.80 -17.92
O2P U5P CA . -18.28 8.81 -16.83
O3P U5P CA . -17.30 9.01 -19.14
CD CD DA . -6.77 1.12 -1.52
CD CD EA . -36.94 -9.26 -27.71
#